data_5GVM
#
_entry.id   5GVM
#
_cell.length_a   101.858
_cell.length_b   58.790
_cell.length_c   234.062
_cell.angle_alpha   90.000
_cell.angle_beta   90.030
_cell.angle_gamma   90.000
#
_symmetry.space_group_name_H-M   'C 1 2 1'
#
loop_
_entity.id
_entity.type
_entity.pdbx_description
1 polymer 'Serine hydroxymethyltransferase, putative'
2 non-polymer N-GLYCINE-[3-HYDROXY-2-METHYL-5-PHOSPHONOOXYMETHYL-PYRIDIN-4-YL-METHANE]
3 non-polymer '2-[3-[3-[(4~{S})-6-azanyl-5-cyano-3-methyl-4-propan-2-yl-2~{H}-pyrano[2,3-c]pyrazol-4-yl]-5-(trifluoromethyl)phenyl]phenyl]ethanoic acid'
4 non-polymer 'CHLORIDE ION'
5 water water
#
_entity_poly.entity_id   1
_entity_poly.type   'polypeptide(L)'
_entity_poly.pdbx_seq_one_letter_code
;MFNNEPLEQIDKELHDILADEEKRQRETINLIASENLTNGAVRECLGNRVSNKYSEGYPKKRYYGGNDFIDKIEELCQKR
ALEAFNVSDEEWGVNVQPLSGSAANVQALYALVGVKGKIMGMHLCSGGHLTHGFFDEKKKVSITSDMFESKLYKCNSQGY
VDLDAVREMALSFKPKVIICGYTSYPRDIDYQQFRQICDEVNAYLFADISHISSFVACNILNNPFLHADVVTTTTHKILR
GPRSALIFFNKKRNPGIEQKINSAVFPSFQGGPHNNKIAAVACQLKEVHSPAFKEYTQQVLLNSKALAKALISKQIDLVT
NGTDNHLIVVDLRKFSITGSKLQETCNAINVSLNKNTIPSDVDCVSPSGVRIGTPAMTTRGAKEKDMEFIADVLARAIKI
TVDLQEQYGKKLVDFKKGLPGNAQLQQLKQEVVTWAGALPFP
;
_entity_poly.pdbx_strand_id   A,B,C
#
# COMPACT_ATOMS: atom_id res chain seq x y z
N MET A 1 -3.74 -5.56 25.88
CA MET A 1 -5.00 -5.48 25.10
C MET A 1 -5.16 -6.70 24.18
N PHE A 2 -5.03 -7.86 24.80
CA PHE A 2 -5.14 -9.16 24.15
C PHE A 2 -5.92 -10.10 25.06
N ASN A 3 -6.39 -11.21 24.49
CA ASN A 3 -7.02 -12.28 25.25
C ASN A 3 -6.02 -13.40 25.58
N ASN A 4 -5.76 -13.62 26.87
CA ASN A 4 -4.80 -14.65 27.30
C ASN A 4 -5.42 -15.93 27.88
N GLU A 5 -6.74 -16.12 27.68
CA GLU A 5 -7.40 -17.39 28.01
C GLU A 5 -6.71 -18.54 27.26
N PRO A 6 -6.61 -19.75 27.88
CA PRO A 6 -6.10 -20.92 27.12
C PRO A 6 -6.96 -21.31 25.91
N LEU A 7 -6.37 -22.09 25.01
CA LEU A 7 -6.99 -22.51 23.74
C LEU A 7 -8.37 -23.12 23.95
N GLU A 8 -8.48 -24.00 24.96
CA GLU A 8 -9.75 -24.63 25.28
C GLU A 8 -10.89 -23.63 25.57
N GLN A 9 -10.57 -22.55 26.28
CA GLN A 9 -11.56 -21.51 26.59
C GLN A 9 -11.82 -20.56 25.42
N ILE A 10 -10.78 -19.93 24.86
CA ILE A 10 -10.91 -18.99 23.71
C ILE A 10 -11.56 -19.61 22.47
N ASP A 11 -11.21 -20.86 22.17
CA ASP A 11 -11.70 -21.51 20.95
C ASP A 11 -11.98 -22.98 21.21
N LYS A 12 -13.16 -23.24 21.78
CA LYS A 12 -13.59 -24.59 22.11
C LYS A 12 -13.84 -25.42 20.84
N GLU A 13 -14.43 -24.81 19.80
CA GLU A 13 -14.67 -25.50 18.50
C GLU A 13 -13.39 -26.14 17.92
N LEU A 14 -12.35 -25.32 17.78
CA LEU A 14 -11.06 -25.77 17.27
C LEU A 14 -10.37 -26.74 18.22
N HIS A 15 -10.52 -26.52 19.52
CA HIS A 15 -9.83 -27.36 20.51
C HIS A 15 -10.30 -28.80 20.49
N ASP A 16 -11.58 -28.99 20.13
CA ASP A 16 -12.17 -30.32 20.10
C ASP A 16 -11.60 -31.13 18.93
N ILE A 17 -11.54 -30.48 17.76
CA ILE A 17 -10.99 -31.10 16.54
C ILE A 17 -9.53 -31.53 16.77
N LEU A 18 -8.75 -30.67 17.41
CA LEU A 18 -7.36 -30.99 17.74
C LEU A 18 -7.27 -32.15 18.74
N ALA A 19 -8.15 -32.17 19.75
CA ALA A 19 -8.27 -33.35 20.65
C ALA A 19 -8.70 -34.62 19.90
N ASP A 20 -9.56 -34.45 18.91
CA ASP A 20 -9.95 -35.54 18.00
C ASP A 20 -8.74 -36.03 17.18
N GLU A 21 -7.98 -35.10 16.59
CA GLU A 21 -6.76 -35.43 15.78
C GLU A 21 -5.78 -36.20 16.62
N GLU A 22 -5.54 -35.73 17.84
CA GLU A 22 -4.61 -36.41 18.77
C GLU A 22 -5.06 -37.85 19.07
N LYS A 23 -6.36 -38.05 19.28
CA LYS A 23 -6.92 -39.38 19.50
C LYS A 23 -6.70 -40.28 18.27
N ARG A 24 -7.04 -39.80 17.08
CA ARG A 24 -6.80 -40.56 15.84
C ARG A 24 -5.30 -40.93 15.65
N GLN A 25 -4.37 -40.00 15.91
CA GLN A 25 -2.92 -40.29 15.77
C GLN A 25 -2.47 -41.40 16.72
N ARG A 26 -3.01 -41.33 17.93
CA ARG A 26 -2.72 -42.30 18.98
C ARG A 26 -3.18 -43.73 18.65
N GLU A 27 -4.26 -43.84 17.88
CA GLU A 27 -4.93 -45.11 17.63
C GLU A 27 -4.81 -45.55 16.17
N THR A 28 -3.82 -45.04 15.46
CA THR A 28 -3.60 -45.33 14.04
C THR A 28 -2.30 -46.13 13.90
N ILE A 29 -2.29 -47.09 12.98
CA ILE A 29 -1.06 -47.71 12.50
C ILE A 29 -0.61 -46.82 11.32
N ASN A 30 0.36 -45.95 11.61
CA ASN A 30 0.80 -44.94 10.67
C ASN A 30 1.94 -45.46 9.81
N LEU A 31 1.63 -45.73 8.55
CA LEU A 31 2.62 -46.25 7.62
C LEU A 31 2.98 -45.23 6.54
N ILE A 32 2.78 -43.94 6.76
CA ILE A 32 3.17 -42.94 5.74
C ILE A 32 4.68 -42.78 5.84
N ALA A 33 5.38 -43.05 4.74
CA ALA A 33 6.84 -43.13 4.73
C ALA A 33 7.48 -41.79 5.09
N SER A 34 6.80 -40.71 4.73
CA SER A 34 7.23 -39.32 5.02
C SER A 34 6.77 -38.74 6.37
N GLU A 35 6.14 -39.52 7.24
CA GLU A 35 5.63 -38.96 8.52
C GLU A 35 6.39 -39.49 9.68
N ASN A 36 6.31 -38.75 10.77
CA ASN A 36 6.95 -39.13 12.03
C ASN A 36 6.19 -38.46 13.18
N LEU A 37 6.71 -38.60 14.39
CA LEU A 37 6.13 -37.94 15.56
C LEU A 37 7.23 -37.19 16.28
N THR A 38 7.00 -35.88 16.49
CA THR A 38 7.92 -34.98 17.19
C THR A 38 7.79 -35.10 18.71
N ASN A 39 8.89 -34.97 19.41
CA ASN A 39 8.84 -34.94 20.87
C ASN A 39 8.29 -33.61 21.36
N GLY A 40 7.96 -33.57 22.65
CA GLY A 40 7.51 -32.36 23.31
C GLY A 40 8.52 -31.21 23.23
N ALA A 41 9.82 -31.51 23.17
CA ALA A 41 10.85 -30.46 23.05
C ALA A 41 10.78 -29.69 21.72
N VAL A 42 10.71 -30.42 20.62
CA VAL A 42 10.53 -29.81 19.30
C VAL A 42 9.24 -29.00 19.25
N ARG A 43 8.18 -29.51 19.85
CA ARG A 43 6.91 -28.79 19.90
C ARG A 43 6.89 -27.55 20.82
N GLU A 44 7.69 -27.58 21.89
CA GLU A 44 7.97 -26.36 22.71
C GLU A 44 8.72 -25.25 21.94
N CYS A 45 9.65 -25.63 21.06
CA CYS A 45 10.32 -24.66 20.15
C CYS A 45 9.35 -24.03 19.17
N LEU A 46 8.49 -24.86 18.59
CA LEU A 46 7.49 -24.40 17.61
C LEU A 46 6.48 -23.41 18.18
N GLY A 47 6.16 -23.54 19.47
CA GLY A 47 5.27 -22.61 20.17
C GLY A 47 5.96 -21.50 20.95
N ASN A 48 7.24 -21.28 20.70
CA ASN A 48 8.04 -20.33 21.47
C ASN A 48 7.79 -18.92 20.92
N ARG A 49 7.89 -17.90 21.75
CA ARG A 49 7.75 -16.48 21.29
C ARG A 49 8.80 -16.00 20.26
N VAL A 50 9.85 -16.78 20.03
CA VAL A 50 10.82 -16.46 18.98
C VAL A 50 10.18 -16.21 17.58
N SER A 51 9.01 -16.81 17.29
CA SER A 51 8.24 -16.51 16.05
C SER A 51 7.67 -15.09 15.93
N ASN A 52 7.76 -14.30 17.00
CA ASN A 52 7.44 -12.88 16.93
C ASN A 52 8.48 -12.01 16.21
N LYS A 53 9.69 -12.52 15.97
CA LYS A 53 10.75 -11.67 15.49
C LYS A 53 10.93 -11.68 13.98
N TYR A 54 10.86 -10.50 13.37
CA TYR A 54 11.27 -10.29 11.97
C TYR A 54 12.80 -10.19 11.89
N SER A 55 13.42 -11.08 11.13
CA SER A 55 14.87 -11.14 11.08
C SER A 55 15.35 -11.40 9.67
N GLU A 56 14.72 -10.71 8.72
CA GLU A 56 15.06 -10.82 7.31
C GLU A 56 16.54 -10.57 7.09
N GLY A 57 17.17 -11.39 6.28
CA GLY A 57 18.61 -11.30 6.04
C GLY A 57 19.33 -12.52 6.59
N TYR A 58 20.53 -12.29 7.13
CA TYR A 58 21.41 -13.39 7.62
C TYR A 58 22.09 -12.95 8.90
N PRO A 59 22.65 -13.89 9.68
CA PRO A 59 23.25 -13.48 10.96
C PRO A 59 24.22 -12.28 10.80
N LYS A 60 23.99 -11.24 11.60
CA LYS A 60 24.78 -9.97 11.65
C LYS A 60 24.33 -8.88 10.65
N LYS A 61 23.69 -9.29 9.55
CA LYS A 61 23.26 -8.38 8.49
C LYS A 61 21.74 -8.43 8.41
N ARG A 62 21.09 -7.87 9.42
CA ARG A 62 19.66 -7.94 9.59
C ARG A 62 19.01 -6.57 9.34
N TYR A 63 17.88 -6.57 8.65
CA TYR A 63 17.14 -5.35 8.37
C TYR A 63 16.23 -4.90 9.53
N TYR A 64 16.33 -5.53 10.70
CA TYR A 64 15.59 -5.08 11.89
C TYR A 64 16.47 -5.05 13.13
N GLY A 65 16.09 -4.18 14.07
CA GLY A 65 16.63 -4.16 15.42
C GLY A 65 16.19 -5.37 16.24
N GLY A 66 16.94 -5.64 17.31
CA GLY A 66 16.56 -6.63 18.32
C GLY A 66 16.79 -8.09 17.95
N ASN A 67 17.80 -8.33 17.12
CA ASN A 67 18.07 -9.66 16.59
C ASN A 67 19.29 -10.36 17.17
N ASP A 68 19.75 -9.90 18.33
CA ASP A 68 20.96 -10.46 18.96
C ASP A 68 20.81 -11.96 19.30
N PHE A 69 19.75 -12.34 20.01
CA PHE A 69 19.56 -13.74 20.40
C PHE A 69 19.07 -14.66 19.27
N ILE A 70 18.36 -14.08 18.29
CA ILE A 70 17.98 -14.80 17.05
C ILE A 70 19.21 -15.25 16.27
N ASP A 71 20.20 -14.36 16.14
CA ASP A 71 21.48 -14.66 15.46
C ASP A 71 22.19 -15.86 16.08
N LYS A 72 22.14 -15.98 17.40
CA LYS A 72 22.77 -17.14 18.09
C LYS A 72 22.06 -18.45 17.73
N ILE A 73 20.72 -18.43 17.79
CA ILE A 73 19.89 -19.58 17.41
C ILE A 73 20.17 -19.95 15.97
N GLU A 74 20.16 -18.99 15.04
CA GLU A 74 20.39 -19.32 13.63
C GLU A 74 21.80 -19.87 13.37
N GLU A 75 22.82 -19.34 14.07
CA GLU A 75 24.22 -19.88 13.90
C GLU A 75 24.41 -21.22 14.62
N LEU A 76 23.74 -21.40 15.76
CA LEU A 76 23.69 -22.72 16.40
C LEU A 76 23.04 -23.81 15.52
N CYS A 77 21.98 -23.47 14.78
CA CYS A 77 21.31 -24.46 13.94
C CYS A 77 22.18 -24.89 12.78
N GLN A 78 22.89 -23.92 12.19
CA GLN A 78 23.81 -24.19 11.08
C GLN A 78 24.97 -25.09 11.56
N LYS A 79 25.52 -24.75 12.72
CA LYS A 79 26.62 -25.54 13.32
C LYS A 79 26.16 -27.01 13.56
N ARG A 80 25.05 -27.16 14.28
CA ARG A 80 24.49 -28.49 14.58
C ARG A 80 24.14 -29.26 13.30
N ALA A 81 23.77 -28.56 12.25
CA ALA A 81 23.42 -29.21 10.98
C ALA A 81 24.63 -29.79 10.28
N LEU A 82 25.72 -29.03 10.27
CA LEU A 82 26.97 -29.47 9.63
C LEU A 82 27.59 -30.62 10.44
N GLU A 83 27.50 -30.55 11.77
CA GLU A 83 27.90 -31.66 12.64
C GLU A 83 27.10 -32.94 12.32
N ALA A 84 25.77 -32.84 12.24
CA ALA A 84 24.92 -34.01 12.04
C ALA A 84 25.29 -34.80 10.80
N PHE A 85 25.61 -34.11 9.72
CA PHE A 85 25.97 -34.79 8.47
C PHE A 85 27.49 -34.92 8.27
N ASN A 86 28.27 -34.74 9.34
CA ASN A 86 29.69 -35.12 9.35
C ASN A 86 30.46 -34.48 8.19
N VAL A 87 30.30 -33.17 8.10
CA VAL A 87 30.97 -32.33 7.11
C VAL A 87 31.60 -31.18 7.89
N SER A 88 32.68 -30.66 7.32
CA SER A 88 33.43 -29.58 7.94
C SER A 88 32.90 -28.24 7.50
N ASP A 89 32.76 -27.30 8.43
CA ASP A 89 32.37 -25.93 8.08
C ASP A 89 33.33 -25.19 7.12
N GLU A 90 34.51 -25.76 6.86
CA GLU A 90 35.49 -25.16 5.95
C GLU A 90 35.16 -25.52 4.51
N GLU A 91 34.60 -26.71 4.29
CA GLU A 91 34.22 -27.22 2.95
C GLU A 91 32.71 -27.14 2.61
N TRP A 92 31.85 -27.20 3.62
CA TRP A 92 30.40 -27.26 3.40
C TRP A 92 29.70 -26.11 4.08
N GLY A 93 28.74 -25.53 3.37
CA GLY A 93 27.82 -24.58 3.98
C GLY A 93 26.37 -25.04 3.96
N VAL A 94 25.56 -24.39 4.78
CA VAL A 94 24.16 -24.74 4.95
C VAL A 94 23.32 -23.48 5.15
N ASN A 95 22.24 -23.34 4.35
CA ASN A 95 21.15 -22.42 4.69
C ASN A 95 20.05 -23.13 5.51
N VAL A 96 19.63 -22.51 6.61
CA VAL A 96 18.58 -23.09 7.50
C VAL A 96 17.23 -22.33 7.47
N GLN A 97 17.06 -21.44 6.49
CA GLN A 97 15.85 -20.63 6.39
C GLN A 97 14.71 -21.20 5.51
N PRO A 98 14.98 -22.15 4.58
CA PRO A 98 13.87 -22.57 3.74
C PRO A 98 12.64 -23.11 4.52
N LEU A 99 11.46 -22.66 4.13
CA LEU A 99 10.24 -22.97 4.87
C LEU A 99 9.81 -24.43 4.79
N SER A 100 10.16 -25.12 3.73
CA SER A 100 9.82 -26.55 3.59
C SER A 100 10.62 -27.12 2.41
N GLY A 101 10.47 -28.44 2.18
CA GLY A 101 11.26 -29.12 1.17
C GLY A 101 11.11 -28.63 -0.26
N SER A 102 9.88 -28.33 -0.63
CA SER A 102 9.59 -27.88 -1.98
C SER A 102 10.26 -26.51 -2.20
N ALA A 103 10.14 -25.62 -1.20
CA ALA A 103 10.77 -24.31 -1.29
C ALA A 103 12.30 -24.39 -1.44
N ALA A 104 12.94 -25.13 -0.53
CA ALA A 104 14.37 -25.47 -0.58
C ALA A 104 14.83 -25.90 -1.96
N ASN A 105 14.10 -26.82 -2.58
CA ASN A 105 14.46 -27.34 -3.89
C ASN A 105 14.36 -26.29 -4.99
N VAL A 106 13.24 -25.56 -5.05
CA VAL A 106 13.07 -24.53 -6.08
C VAL A 106 14.11 -23.42 -5.93
N GLN A 107 14.38 -23.02 -4.70
CA GLN A 107 15.41 -22.05 -4.39
C GLN A 107 16.80 -22.56 -4.80
N ALA A 108 17.14 -23.78 -4.42
CA ALA A 108 18.47 -24.35 -4.75
C ALA A 108 18.67 -24.52 -6.25
N LEU A 109 17.65 -24.98 -6.96
CA LEU A 109 17.70 -25.10 -8.42
C LEU A 109 17.87 -23.75 -9.08
N TYR A 110 17.17 -22.74 -8.56
CA TYR A 110 17.27 -21.40 -9.11
C TYR A 110 18.69 -20.85 -8.96
N ALA A 111 19.24 -20.98 -7.75
CA ALA A 111 20.64 -20.63 -7.47
C ALA A 111 21.60 -21.18 -8.54
N LEU A 112 21.45 -22.46 -8.89
CA LEU A 112 22.35 -23.18 -9.78
C LEU A 112 22.19 -22.88 -11.28
N VAL A 113 20.95 -22.68 -11.73
CA VAL A 113 20.63 -22.62 -13.17
C VAL A 113 19.85 -21.42 -13.67
N GLY A 114 19.12 -20.73 -12.79
CA GLY A 114 18.32 -19.56 -13.16
C GLY A 114 17.06 -19.91 -13.92
N VAL A 115 16.28 -18.88 -14.27
CA VAL A 115 15.06 -19.06 -15.06
C VAL A 115 15.43 -19.53 -16.48
N LYS A 116 14.60 -20.41 -17.04
CA LYS A 116 14.86 -21.11 -18.32
C LYS A 116 15.98 -22.18 -18.27
N GLY A 117 16.70 -22.31 -17.15
CA GLY A 117 17.80 -23.26 -17.06
C GLY A 117 17.32 -24.71 -17.15
N LYS A 118 18.24 -25.59 -17.53
CA LYS A 118 17.95 -26.98 -17.83
C LYS A 118 18.23 -27.89 -16.63
N ILE A 119 17.28 -28.75 -16.27
CA ILE A 119 17.46 -29.70 -15.15
C ILE A 119 16.99 -31.09 -15.56
N MET A 120 17.53 -32.11 -14.91
CA MET A 120 17.08 -33.48 -15.11
C MET A 120 16.70 -34.03 -13.76
N GLY A 121 15.55 -34.68 -13.69
CA GLY A 121 15.12 -35.42 -12.50
C GLY A 121 14.41 -36.71 -12.84
N MET A 122 14.23 -37.56 -11.83
CA MET A 122 13.47 -38.78 -11.97
C MET A 122 11.99 -38.45 -12.10
N HIS A 123 11.32 -39.19 -12.97
CA HIS A 123 9.90 -39.00 -13.23
C HIS A 123 9.09 -39.38 -11.98
N LEU A 124 7.97 -38.67 -11.78
CA LEU A 124 7.06 -38.86 -10.63
C LEU A 124 6.62 -40.32 -10.44
N CYS A 125 6.06 -40.89 -11.49
CA CYS A 125 5.72 -42.34 -11.61
C CYS A 125 6.82 -43.32 -11.29
N SER A 126 8.08 -42.93 -11.48
CA SER A 126 9.23 -43.78 -11.17
C SER A 126 9.79 -43.58 -9.75
N GLY A 127 9.20 -42.67 -8.98
CA GLY A 127 9.63 -42.41 -7.60
C GLY A 127 10.21 -41.04 -7.36
N GLY A 128 10.27 -40.17 -8.38
CA GLY A 128 10.77 -38.81 -8.21
C GLY A 128 9.79 -37.84 -7.57
N HIS A 129 10.30 -36.77 -6.98
CA HIS A 129 9.44 -35.72 -6.44
C HIS A 129 8.87 -34.77 -7.49
N LEU A 130 7.75 -34.14 -7.15
CA LEU A 130 7.16 -33.06 -7.95
C LEU A 130 8.16 -31.97 -8.29
N THR A 131 8.96 -31.57 -7.30
CA THR A 131 10.00 -30.52 -7.46
C THR A 131 11.27 -30.96 -8.20
N HIS A 132 11.27 -32.14 -8.83
CA HIS A 132 12.39 -32.58 -9.66
C HIS A 132 12.11 -32.37 -11.15
N GLY A 133 11.20 -31.45 -11.47
CA GLY A 133 10.89 -31.12 -12.83
C GLY A 133 9.62 -31.73 -13.39
N PHE A 134 8.69 -32.16 -12.52
CA PHE A 134 7.56 -32.95 -12.99
C PHE A 134 6.59 -32.19 -13.88
N PHE A 135 6.26 -32.78 -15.02
CA PHE A 135 5.18 -32.33 -15.90
C PHE A 135 4.53 -33.52 -16.60
N ASP A 136 3.46 -33.24 -17.35
CA ASP A 136 2.78 -34.24 -18.19
C ASP A 136 2.46 -33.65 -19.57
N GLU A 137 1.92 -34.48 -20.47
CA GLU A 137 1.55 -34.03 -21.83
C GLU A 137 0.72 -32.73 -21.76
N LYS A 138 -0.31 -32.74 -20.93
CA LYS A 138 -1.26 -31.64 -20.80
C LYS A 138 -0.75 -30.36 -20.09
N LYS A 139 0.07 -30.49 -19.05
CA LYS A 139 0.50 -29.31 -18.28
C LYS A 139 1.81 -29.45 -17.52
N LYS A 140 2.46 -28.30 -17.37
CA LYS A 140 3.58 -28.13 -16.48
C LYS A 140 3.05 -28.07 -15.04
N VAL A 141 3.04 -29.23 -14.41
CA VAL A 141 2.39 -29.45 -13.10
C VAL A 141 3.19 -28.78 -11.97
N SER A 142 4.51 -28.92 -12.01
CA SER A 142 5.40 -28.28 -11.06
C SER A 142 6.02 -27.05 -11.67
N ILE A 143 6.30 -26.04 -10.84
CA ILE A 143 7.03 -24.84 -11.28
C ILE A 143 8.41 -25.23 -11.79
N THR A 144 8.96 -26.33 -11.30
CA THR A 144 10.25 -26.82 -11.75
C THR A 144 10.26 -27.32 -13.21
N SER A 145 9.08 -27.54 -13.81
CA SER A 145 9.01 -27.80 -15.25
C SER A 145 8.76 -26.55 -16.10
N ASP A 146 8.46 -25.42 -15.47
CA ASP A 146 8.02 -24.22 -16.18
C ASP A 146 9.03 -23.07 -16.11
N MET A 147 9.43 -22.74 -14.90
CA MET A 147 10.47 -21.75 -14.71
C MET A 147 11.83 -22.32 -15.14
N PHE A 148 11.95 -23.64 -15.20
CA PHE A 148 13.14 -24.35 -15.73
C PHE A 148 12.71 -25.19 -16.92
N GLU A 149 13.68 -25.50 -17.79
CA GLU A 149 13.48 -26.55 -18.81
C GLU A 149 13.88 -27.87 -18.16
N SER A 150 12.91 -28.76 -17.97
CA SER A 150 13.17 -30.06 -17.34
C SER A 150 12.98 -31.22 -18.31
N LYS A 151 13.75 -32.27 -18.11
CA LYS A 151 13.54 -33.55 -18.79
C LYS A 151 13.55 -34.61 -17.70
N LEU A 152 12.83 -35.71 -17.92
CA LEU A 152 12.61 -36.68 -16.85
C LEU A 152 13.09 -38.08 -17.23
N TYR A 153 13.97 -38.65 -16.40
CA TYR A 153 14.40 -40.05 -16.62
C TYR A 153 13.50 -41.01 -15.86
N LYS A 154 13.20 -42.14 -16.50
CA LYS A 154 12.40 -43.21 -15.93
C LYS A 154 13.29 -44.32 -15.40
N CYS A 155 12.75 -45.08 -14.45
CA CYS A 155 13.37 -46.31 -13.93
C CYS A 155 12.98 -47.38 -14.90
N ASN A 156 13.64 -48.54 -14.80
CA ASN A 156 13.27 -49.69 -15.66
C ASN A 156 11.99 -50.39 -15.17
N SER A 157 11.52 -51.37 -15.94
CA SER A 157 10.31 -52.14 -15.60
C SER A 157 10.39 -52.87 -14.24
N GLN A 158 11.60 -53.12 -13.71
CA GLN A 158 11.78 -53.67 -12.36
C GLN A 158 11.78 -52.62 -11.25
N GLY A 159 11.85 -51.33 -11.60
CA GLY A 159 11.75 -50.24 -10.63
C GLY A 159 13.08 -49.58 -10.23
N TYR A 160 14.20 -50.11 -10.75
CA TYR A 160 15.55 -49.61 -10.42
C TYR A 160 15.94 -48.46 -11.35
N VAL A 161 16.75 -47.53 -10.83
CA VAL A 161 17.33 -46.47 -11.66
C VAL A 161 18.17 -47.10 -12.77
N ASP A 162 17.95 -46.65 -13.99
CA ASP A 162 18.70 -47.09 -15.17
C ASP A 162 19.75 -46.03 -15.51
N LEU A 163 20.96 -46.19 -14.97
CA LEU A 163 22.07 -45.24 -15.18
C LEU A 163 22.46 -45.06 -16.63
N ASP A 164 22.29 -46.11 -17.43
CA ASP A 164 22.52 -46.03 -18.88
C ASP A 164 21.59 -44.98 -19.50
N ALA A 165 20.32 -45.05 -19.12
CA ALA A 165 19.31 -44.12 -19.62
C ALA A 165 19.58 -42.68 -19.16
N VAL A 166 20.07 -42.53 -17.92
CA VAL A 166 20.46 -41.21 -17.37
C VAL A 166 21.65 -40.59 -18.13
N ARG A 167 22.65 -41.42 -18.46
CA ARG A 167 23.80 -41.02 -19.28
C ARG A 167 23.35 -40.60 -20.68
N GLU A 168 22.65 -41.49 -21.39
CA GLU A 168 22.07 -41.17 -22.71
C GLU A 168 21.34 -39.83 -22.69
N MET A 169 20.46 -39.65 -21.71
CA MET A 169 19.63 -38.42 -21.63
C MET A 169 20.50 -37.21 -21.37
N ALA A 170 21.42 -37.31 -20.43
CA ALA A 170 22.34 -36.22 -20.13
C ALA A 170 23.20 -35.76 -21.35
N LEU A 171 23.65 -36.69 -22.19
CA LEU A 171 24.50 -36.35 -23.36
C LEU A 171 23.79 -35.60 -24.48
N SER A 172 22.54 -35.97 -24.74
CA SER A 172 21.71 -35.26 -25.73
C SER A 172 21.12 -33.96 -25.15
N PHE A 173 20.57 -34.02 -23.93
CA PHE A 173 19.88 -32.87 -23.30
C PHE A 173 20.79 -31.82 -22.66
N LYS A 174 21.93 -32.25 -22.10
CA LYS A 174 22.96 -31.35 -21.56
C LYS A 174 22.41 -30.43 -20.45
N PRO A 175 21.81 -31.02 -19.39
CA PRO A 175 21.29 -30.19 -18.31
C PRO A 175 22.40 -29.55 -17.52
N LYS A 176 22.08 -28.46 -16.84
CA LYS A 176 23.03 -27.85 -15.92
C LYS A 176 22.96 -28.50 -14.52
N VAL A 177 21.88 -29.22 -14.21
CA VAL A 177 21.76 -29.93 -12.92
C VAL A 177 21.12 -31.32 -13.13
N ILE A 178 21.59 -32.31 -12.39
CA ILE A 178 20.95 -33.62 -12.33
C ILE A 178 20.55 -33.89 -10.89
N ILE A 179 19.24 -34.12 -10.70
CA ILE A 179 18.69 -34.39 -9.38
C ILE A 179 18.61 -35.91 -9.19
N CYS A 180 19.16 -36.39 -8.08
CA CYS A 180 18.90 -37.75 -7.63
C CYS A 180 18.49 -37.69 -6.16
N GLY A 181 18.01 -38.81 -5.63
CA GLY A 181 17.35 -38.84 -4.28
C GLY A 181 15.87 -38.50 -4.45
N TYR A 182 14.99 -39.31 -3.85
CA TYR A 182 13.64 -39.49 -4.39
C TYR A 182 12.58 -39.59 -3.30
N THR A 183 11.32 -39.73 -3.69
CA THR A 183 10.21 -39.78 -2.69
C THR A 183 9.68 -41.19 -2.45
N SER A 184 9.56 -41.98 -3.51
CA SER A 184 9.02 -43.34 -3.45
C SER A 184 9.97 -44.36 -4.06
N TYR A 185 11.27 -44.16 -3.83
CA TYR A 185 12.29 -45.06 -4.31
C TYR A 185 12.81 -45.92 -3.15
N PRO A 186 12.61 -47.26 -3.24
CA PRO A 186 12.92 -48.17 -2.14
C PRO A 186 14.38 -48.65 -2.03
N ARG A 187 15.26 -48.23 -2.94
CA ARG A 187 16.66 -48.64 -2.92
C ARG A 187 17.65 -47.47 -2.72
N ASP A 188 18.89 -47.84 -2.45
CA ASP A 188 19.97 -46.86 -2.30
C ASP A 188 20.43 -46.38 -3.68
N ILE A 189 21.23 -45.32 -3.69
CA ILE A 189 21.59 -44.60 -4.90
C ILE A 189 23.11 -44.68 -5.05
N ASP A 190 23.56 -44.87 -6.29
CA ASP A 190 24.99 -44.85 -6.61
C ASP A 190 25.35 -43.40 -7.03
N TYR A 191 25.66 -42.59 -6.03
CA TYR A 191 25.95 -41.18 -6.25
C TYR A 191 27.22 -41.02 -7.06
N GLN A 192 28.25 -41.83 -6.75
CA GLN A 192 29.51 -41.79 -7.51
C GLN A 192 29.18 -41.88 -8.99
N GLN A 193 28.35 -42.86 -9.35
CA GLN A 193 27.94 -43.01 -10.73
C GLN A 193 27.28 -41.73 -11.25
N PHE A 194 26.43 -41.10 -10.42
CA PHE A 194 25.85 -39.81 -10.77
C PHE A 194 26.93 -38.74 -10.95
N ARG A 195 27.85 -38.66 -9.99
CA ARG A 195 29.02 -37.74 -10.03
C ARG A 195 29.84 -37.89 -11.32
N GLN A 196 30.05 -39.14 -11.74
CA GLN A 196 30.68 -39.49 -13.02
C GLN A 196 29.90 -38.95 -14.24
N ILE A 197 28.57 -39.05 -14.20
CA ILE A 197 27.71 -38.55 -15.32
C ILE A 197 27.69 -37.03 -15.36
N CYS A 198 27.69 -36.42 -14.19
CA CYS A 198 27.70 -34.97 -14.10
C CYS A 198 29.04 -34.37 -14.59
N ASP A 199 30.18 -34.94 -14.18
CA ASP A 199 31.50 -34.51 -14.65
C ASP A 199 31.68 -34.62 -16.17
N GLU A 200 31.02 -35.60 -16.78
CA GLU A 200 31.04 -35.81 -18.23
C GLU A 200 30.43 -34.64 -18.99
N VAL A 201 29.34 -34.10 -18.47
CA VAL A 201 28.59 -33.03 -19.15
C VAL A 201 28.56 -31.72 -18.32
N ASN A 202 29.51 -31.56 -17.40
CA ASN A 202 29.70 -30.32 -16.62
C ASN A 202 28.42 -29.81 -15.93
N ALA A 203 27.60 -30.74 -15.45
CA ALA A 203 26.38 -30.43 -14.69
C ALA A 203 26.67 -30.47 -13.20
N TYR A 204 25.82 -29.82 -12.40
CA TYR A 204 25.88 -29.94 -10.95
C TYR A 204 25.22 -31.24 -10.52
N LEU A 205 25.71 -31.85 -9.44
CA LEU A 205 25.02 -32.97 -8.79
C LEU A 205 24.17 -32.50 -7.60
N PHE A 206 22.86 -32.69 -7.73
CA PHE A 206 21.86 -32.31 -6.71
C PHE A 206 21.35 -33.62 -6.08
N ALA A 207 21.55 -33.79 -4.78
CA ALA A 207 21.01 -34.92 -4.03
C ALA A 207 19.94 -34.43 -3.06
N ASP A 208 18.71 -34.90 -3.21
CA ASP A 208 17.61 -34.52 -2.30
C ASP A 208 17.44 -35.74 -1.47
N ILE A 209 17.82 -35.68 -0.20
CA ILE A 209 17.88 -36.84 0.67
C ILE A 209 16.79 -36.79 1.76
N SER A 210 15.75 -35.98 1.54
CA SER A 210 14.62 -35.79 2.47
C SER A 210 14.12 -37.11 3.09
N HIS A 211 13.88 -38.11 2.25
CA HIS A 211 13.42 -39.44 2.70
C HIS A 211 14.42 -40.36 3.37
N ILE A 212 15.72 -40.12 3.18
CA ILE A 212 16.77 -41.03 3.67
C ILE A 212 17.81 -40.33 4.55
N SER A 213 17.47 -39.15 5.06
CA SER A 213 18.45 -38.26 5.71
C SER A 213 19.10 -38.87 6.94
N SER A 214 18.29 -39.50 7.77
CA SER A 214 18.79 -40.12 8.99
C SER A 214 19.79 -41.22 8.70
N PHE A 215 19.56 -41.96 7.62
CA PHE A 215 20.49 -42.99 7.15
C PHE A 215 21.82 -42.37 6.73
N VAL A 216 21.79 -41.19 6.11
CA VAL A 216 22.98 -40.55 5.59
C VAL A 216 23.81 -40.01 6.73
N ALA A 217 23.17 -39.34 7.68
CA ALA A 217 23.84 -38.86 8.89
C ALA A 217 24.47 -39.99 9.70
N CYS A 218 23.68 -41.02 9.99
CA CYS A 218 24.11 -42.13 10.82
C CYS A 218 25.06 -43.11 10.13
N ASN A 219 25.30 -42.90 8.84
CA ASN A 219 26.26 -43.66 8.07
C ASN A 219 25.86 -45.09 7.72
N ILE A 220 24.54 -45.33 7.73
CA ILE A 220 23.98 -46.62 7.38
C ILE A 220 23.87 -46.80 5.86
N LEU A 221 23.57 -45.73 5.13
CA LEU A 221 23.47 -45.79 3.67
C LEU A 221 24.53 -44.92 3.02
N ASN A 222 24.66 -45.02 1.70
CA ASN A 222 25.60 -44.21 0.93
C ASN A 222 25.49 -42.72 1.23
N ASN A 223 26.63 -42.03 1.14
CA ASN A 223 26.77 -40.63 1.54
C ASN A 223 26.92 -39.76 0.31
N PRO A 224 25.89 -38.96 -0.02
CA PRO A 224 26.00 -38.13 -1.22
C PRO A 224 26.96 -36.95 -1.08
N PHE A 225 27.28 -36.56 0.16
CA PHE A 225 28.20 -35.46 0.46
C PHE A 225 29.64 -35.67 -0.10
N LEU A 226 30.04 -36.91 -0.29
CA LEU A 226 31.33 -37.21 -0.92
C LEU A 226 31.34 -36.77 -2.39
N HIS A 227 30.18 -36.74 -3.02
CA HIS A 227 30.06 -36.54 -4.47
C HIS A 227 29.27 -35.30 -4.91
N ALA A 228 28.21 -34.94 -4.17
CA ALA A 228 27.25 -33.96 -4.64
C ALA A 228 27.72 -32.52 -4.46
N ASP A 229 27.24 -31.65 -5.33
CA ASP A 229 27.44 -30.22 -5.20
C ASP A 229 26.47 -29.56 -4.22
N VAL A 230 25.22 -30.04 -4.25
CA VAL A 230 24.16 -29.54 -3.36
C VAL A 230 23.40 -30.72 -2.76
N VAL A 231 23.11 -30.62 -1.46
CA VAL A 231 22.25 -31.57 -0.77
C VAL A 231 21.11 -30.81 -0.07
N THR A 232 19.87 -31.14 -0.44
CA THR A 232 18.70 -30.62 0.29
C THR A 232 18.05 -31.72 1.11
N THR A 233 17.41 -31.32 2.19
CA THR A 233 16.62 -32.25 2.99
C THR A 233 15.59 -31.51 3.81
N THR A 234 14.43 -32.14 3.90
CA THR A 234 13.43 -31.71 4.86
C THR A 234 13.85 -32.23 6.20
N THR A 235 13.33 -31.64 7.25
CA THR A 235 13.66 -32.03 8.63
C THR A 235 12.52 -32.80 9.36
N HIS A 236 11.38 -33.04 8.70
CA HIS A 236 10.14 -33.59 9.33
C HIS A 236 9.82 -35.07 9.07
N LYS A 237 10.61 -35.72 8.21
CA LYS A 237 10.41 -37.11 7.91
C LYS A 237 11.24 -38.01 8.88
N ILE A 238 12.06 -38.89 8.33
CA ILE A 238 12.82 -39.85 9.13
C ILE A 238 13.69 -39.14 10.17
N LEU A 239 14.23 -37.97 9.82
CA LEU A 239 15.03 -37.12 10.73
C LEU A 239 14.31 -36.68 11.99
N ARG A 240 13.00 -36.53 11.90
CA ARG A 240 12.12 -36.39 13.05
C ARG A 240 12.12 -34.97 13.67
N GLY A 241 12.38 -33.97 12.84
CA GLY A 241 12.34 -32.58 13.28
C GLY A 241 11.02 -31.93 12.94
N PRO A 242 10.98 -30.60 12.96
CA PRO A 242 9.77 -29.89 12.60
C PRO A 242 9.65 -29.84 11.08
N ARG A 243 8.56 -29.25 10.61
CA ARG A 243 8.38 -29.07 9.16
C ARG A 243 9.29 -27.92 8.69
N SER A 244 10.42 -28.27 8.11
CA SER A 244 11.38 -27.29 7.60
C SER A 244 12.31 -27.97 6.61
N ALA A 245 13.25 -27.20 6.08
CA ALA A 245 14.25 -27.74 5.19
C ALA A 245 15.63 -27.05 5.29
N LEU A 246 16.62 -27.78 4.79
CA LEU A 246 18.03 -27.43 4.81
C LEU A 246 18.60 -27.54 3.42
N ILE A 247 19.34 -26.53 2.98
CA ILE A 247 20.13 -26.62 1.75
C ILE A 247 21.60 -26.61 2.17
N PHE A 248 22.30 -27.69 1.83
CA PHE A 248 23.76 -27.80 1.97
C PHE A 248 24.46 -27.55 0.62
N PHE A 249 25.59 -26.84 0.66
CA PHE A 249 26.34 -26.52 -0.57
C PHE A 249 27.85 -26.73 -0.42
N ASN A 250 28.47 -27.26 -1.46
CA ASN A 250 29.88 -27.61 -1.45
C ASN A 250 30.75 -26.42 -1.90
N LYS A 251 31.32 -25.71 -0.93
CA LYS A 251 32.22 -24.56 -1.20
C LYS A 251 33.53 -24.90 -1.97
N LYS A 252 34.14 -26.06 -1.70
CA LYS A 252 35.42 -26.45 -2.34
C LYS A 252 35.28 -26.72 -3.84
N ARG A 253 34.26 -27.50 -4.17
CA ARG A 253 33.94 -27.82 -5.54
C ARG A 253 33.42 -26.56 -6.28
N ASN A 254 32.76 -25.66 -5.56
CA ASN A 254 32.08 -24.49 -6.17
C ASN A 254 32.27 -23.20 -5.35
N PRO A 255 33.48 -22.59 -5.43
CA PRO A 255 33.66 -21.30 -4.75
C PRO A 255 32.63 -20.25 -5.19
N GLY A 256 32.07 -19.53 -4.22
CA GLY A 256 31.00 -18.57 -4.48
C GLY A 256 29.57 -19.12 -4.51
N ILE A 257 29.40 -20.44 -4.27
CA ILE A 257 28.08 -21.04 -4.29
C ILE A 257 27.29 -20.58 -3.08
N GLU A 258 28.00 -20.29 -1.98
CA GLU A 258 27.43 -19.77 -0.74
C GLU A 258 26.57 -18.54 -0.92
N GLN A 259 27.09 -17.56 -1.66
CA GLN A 259 26.35 -16.31 -1.91
C GLN A 259 25.13 -16.61 -2.79
N LYS A 260 25.31 -17.37 -3.87
CA LYS A 260 24.23 -17.73 -4.80
C LYS A 260 23.03 -18.37 -4.08
N ILE A 261 23.32 -19.36 -3.23
CA ILE A 261 22.29 -20.09 -2.50
C ILE A 261 21.67 -19.21 -1.44
N ASN A 262 22.47 -18.43 -0.73
CA ASN A 262 21.92 -17.55 0.28
C ASN A 262 21.05 -16.44 -0.31
N SER A 263 21.40 -15.94 -1.49
CA SER A 263 20.66 -14.87 -2.12
C SER A 263 19.40 -15.43 -2.79
N ALA A 264 19.45 -16.67 -3.24
CA ALA A 264 18.30 -17.40 -3.76
C ALA A 264 17.23 -17.60 -2.70
N VAL A 265 17.64 -17.91 -1.47
CA VAL A 265 16.69 -18.11 -0.37
C VAL A 265 16.13 -16.77 0.06
N PHE A 266 17.01 -15.79 0.26
CA PHE A 266 16.61 -14.41 0.52
C PHE A 266 17.61 -13.48 -0.09
N PRO A 267 17.16 -12.41 -0.77
CA PRO A 267 15.80 -11.94 -1.00
C PRO A 267 15.10 -12.45 -2.26
N SER A 268 15.65 -13.44 -2.96
CA SER A 268 15.01 -13.87 -4.20
C SER A 268 13.59 -14.46 -3.96
N PHE A 269 13.46 -15.42 -3.03
CA PHE A 269 12.20 -16.16 -2.82
C PHE A 269 11.47 -15.84 -1.51
N GLN A 270 12.16 -15.93 -0.38
CA GLN A 270 11.53 -15.76 0.92
C GLN A 270 11.71 -14.33 1.45
N GLY A 271 10.90 -13.99 2.45
CA GLY A 271 11.07 -12.81 3.28
C GLY A 271 11.63 -13.26 4.63
N GLY A 272 10.89 -12.99 5.69
CA GLY A 272 11.30 -13.31 7.04
C GLY A 272 11.44 -14.79 7.35
N PRO A 273 12.52 -15.19 8.06
CA PRO A 273 12.64 -16.59 8.48
C PRO A 273 11.63 -16.90 9.57
N HIS A 274 11.31 -18.17 9.71
CA HIS A 274 10.43 -18.58 10.76
C HIS A 274 11.30 -19.12 11.89
N ASN A 275 11.54 -18.28 12.86
CA ASN A 275 12.56 -18.57 13.88
C ASN A 275 12.19 -19.69 14.81
N ASN A 276 10.89 -19.86 15.08
CA ASN A 276 10.41 -21.02 15.85
C ASN A 276 10.80 -22.34 15.16
N LYS A 277 10.75 -22.38 13.83
CA LYS A 277 11.23 -23.53 13.06
C LYS A 277 12.71 -23.77 13.25
N ILE A 278 13.49 -22.70 13.15
CA ILE A 278 14.95 -22.79 13.24
C ILE A 278 15.35 -23.26 14.65
N ALA A 279 14.70 -22.75 15.68
CA ALA A 279 14.90 -23.25 17.02
C ALA A 279 14.59 -24.74 17.09
N ALA A 280 13.42 -25.11 16.60
CA ALA A 280 13.03 -26.52 16.52
C ALA A 280 14.03 -27.37 15.76
N VAL A 281 14.49 -26.90 14.62
CA VAL A 281 15.47 -27.63 13.82
C VAL A 281 16.75 -27.81 14.66
N ALA A 282 17.18 -26.76 15.35
CA ALA A 282 18.39 -26.81 16.20
C ALA A 282 18.31 -27.93 17.23
N CYS A 283 17.17 -27.97 17.92
CA CYS A 283 16.92 -28.95 18.96
C CYS A 283 17.05 -30.40 18.49
N GLN A 284 16.42 -30.72 17.36
CA GLN A 284 16.41 -32.09 16.86
C GLN A 284 17.73 -32.49 16.23
N LEU A 285 18.39 -31.54 15.58
CA LEU A 285 19.73 -31.80 15.06
C LEU A 285 20.74 -32.24 16.14
N LYS A 286 20.53 -31.81 17.39
CA LYS A 286 21.38 -32.25 18.51
C LYS A 286 21.13 -33.72 18.84
N GLU A 287 19.85 -34.09 18.93
CA GLU A 287 19.44 -35.49 19.05
C GLU A 287 19.92 -36.36 17.87
N VAL A 288 19.90 -35.84 16.66
CA VAL A 288 20.33 -36.60 15.49
C VAL A 288 21.78 -37.10 15.60
N HIS A 289 22.64 -36.29 16.23
CA HIS A 289 24.06 -36.63 16.37
C HIS A 289 24.41 -37.63 17.51
N SER A 290 23.45 -37.88 18.42
CA SER A 290 23.62 -38.84 19.52
C SER A 290 23.65 -40.31 19.06
N PRO A 291 24.22 -41.21 19.91
CA PRO A 291 24.13 -42.65 19.62
C PRO A 291 22.75 -43.26 19.81
N ALA A 292 21.91 -42.65 20.66
CA ALA A 292 20.50 -43.06 20.81
C ALA A 292 19.72 -42.99 19.50
N PHE A 293 19.98 -41.94 18.71
CA PHE A 293 19.24 -41.72 17.47
C PHE A 293 19.70 -42.69 16.38
N LYS A 294 21.01 -42.96 16.30
CA LYS A 294 21.50 -43.99 15.38
C LYS A 294 20.82 -45.34 15.66
N GLU A 295 20.62 -45.67 16.94
CA GLU A 295 19.89 -46.89 17.32
C GLU A 295 18.47 -46.88 16.72
N TYR A 296 17.74 -45.77 16.93
CA TYR A 296 16.44 -45.55 16.29
C TYR A 296 16.48 -45.82 14.79
N THR A 297 17.41 -45.18 14.10
CA THR A 297 17.52 -45.28 12.64
C THR A 297 17.88 -46.69 12.15
N GLN A 298 18.68 -47.41 12.94
CA GLN A 298 19.00 -48.82 12.65
C GLN A 298 17.73 -49.62 12.76
N GLN A 299 16.95 -49.34 13.80
CA GLN A 299 15.67 -50.03 14.00
C GLN A 299 14.68 -49.79 12.84
N VAL A 300 14.73 -48.61 12.23
CA VAL A 300 13.88 -48.26 11.08
C VAL A 300 14.15 -49.25 9.95
N LEU A 301 15.43 -49.45 9.63
CA LEU A 301 15.83 -50.39 8.58
C LEU A 301 15.57 -51.86 8.96
N LEU A 302 15.80 -52.22 10.22
CA LEU A 302 15.50 -53.58 10.70
C LEU A 302 13.99 -53.85 10.58
N ASN A 303 13.16 -52.84 10.89
CA ASN A 303 11.70 -52.96 10.73
C ASN A 303 11.28 -53.02 9.28
N SER A 304 11.84 -52.15 8.45
CA SER A 304 11.54 -52.16 7.03
C SER A 304 11.90 -53.49 6.32
N LYS A 305 13.01 -54.11 6.73
CA LYS A 305 13.47 -55.37 6.10
C LYS A 305 12.50 -56.49 6.45
N ALA A 306 12.19 -56.58 7.74
CA ALA A 306 11.23 -57.54 8.28
C ALA A 306 9.85 -57.38 7.69
N LEU A 307 9.42 -56.13 7.49
CA LEU A 307 8.08 -55.86 6.96
C LEU A 307 8.03 -56.30 5.50
N ALA A 308 9.11 -56.02 4.77
CA ALA A 308 9.25 -56.52 3.41
C ALA A 308 9.19 -58.03 3.37
N LYS A 309 9.95 -58.67 4.27
CA LYS A 309 10.03 -60.13 4.34
C LYS A 309 8.68 -60.79 4.67
N ALA A 310 7.96 -60.25 5.64
CA ALA A 310 6.68 -60.82 6.06
C ALA A 310 5.63 -60.63 4.97
N LEU A 311 5.64 -59.51 4.26
CA LEU A 311 4.71 -59.30 3.15
C LEU A 311 4.98 -60.28 1.98
N ILE A 312 6.25 -60.52 1.69
CA ILE A 312 6.64 -61.49 0.67
C ILE A 312 6.23 -62.91 1.06
N SER A 313 6.36 -63.25 2.34
CA SER A 313 5.91 -64.54 2.87
C SER A 313 4.38 -64.76 2.80
N LYS A 314 3.60 -63.68 2.62
CA LYS A 314 2.16 -63.73 2.32
C LYS A 314 1.86 -63.47 0.86
N GLN A 315 2.82 -63.73 -0.03
CA GLN A 315 2.63 -63.65 -1.47
C GLN A 315 2.24 -62.23 -1.98
N ILE A 316 2.71 -61.19 -1.29
CA ILE A 316 2.50 -59.81 -1.74
C ILE A 316 3.77 -59.36 -2.45
N ASP A 317 3.61 -58.85 -3.67
CA ASP A 317 4.68 -58.36 -4.51
C ASP A 317 5.10 -56.91 -4.18
N LEU A 318 6.42 -56.70 -4.14
CA LEU A 318 7.03 -55.43 -3.79
C LEU A 318 7.89 -54.97 -4.97
N VAL A 319 7.88 -53.67 -5.25
CA VAL A 319 8.68 -53.09 -6.34
C VAL A 319 10.14 -53.21 -5.94
N THR A 320 10.95 -53.66 -6.90
CA THR A 320 12.32 -54.12 -6.66
C THR A 320 12.44 -55.36 -5.75
N ASN A 321 11.31 -55.99 -5.42
CA ASN A 321 11.24 -57.17 -4.54
C ASN A 321 11.85 -57.01 -3.15
N GLY A 322 11.88 -55.78 -2.65
CA GLY A 322 12.52 -55.51 -1.38
C GLY A 322 12.87 -54.06 -1.22
N THR A 323 13.71 -53.81 -0.23
CA THR A 323 14.05 -52.48 0.20
C THR A 323 15.48 -52.41 0.81
N ASP A 324 16.17 -51.29 0.57
CA ASP A 324 17.40 -50.97 1.28
C ASP A 324 17.22 -49.89 2.30
N ASN A 325 16.00 -49.39 2.41
CA ASN A 325 15.72 -48.24 3.25
C ASN A 325 14.44 -48.48 4.05
N HIS A 326 13.89 -47.38 4.56
CA HIS A 326 12.67 -47.29 5.39
C HIS A 326 11.31 -47.50 4.69
N LEU A 327 11.31 -47.66 3.37
CA LEU A 327 10.09 -47.65 2.61
C LEU A 327 9.96 -48.81 1.63
N ILE A 328 8.71 -49.22 1.42
CA ILE A 328 8.36 -50.30 0.54
C ILE A 328 7.26 -49.78 -0.37
N VAL A 329 7.24 -50.25 -1.59
CA VAL A 329 6.13 -50.01 -2.49
C VAL A 329 5.50 -51.36 -2.86
N VAL A 330 4.24 -51.57 -2.47
CA VAL A 330 3.51 -52.80 -2.76
C VAL A 330 2.82 -52.67 -4.12
N ASP A 331 3.10 -53.61 -5.02
CA ASP A 331 2.42 -53.71 -6.29
C ASP A 331 1.13 -54.55 -6.11
N LEU A 332 -0.02 -53.94 -6.40
CA LEU A 332 -1.33 -54.59 -6.20
C LEU A 332 -1.98 -55.15 -7.48
N ARG A 333 -1.23 -55.24 -8.59
CA ARG A 333 -1.82 -55.73 -9.84
C ARG A 333 -2.35 -57.16 -9.76
N LYS A 334 -1.70 -58.03 -8.97
CA LYS A 334 -2.11 -59.43 -8.89
C LYS A 334 -3.47 -59.63 -8.23
N PHE A 335 -3.92 -58.64 -7.45
CA PHE A 335 -5.20 -58.68 -6.79
C PHE A 335 -6.29 -57.89 -7.52
N SER A 336 -5.94 -57.30 -8.67
CA SER A 336 -6.87 -56.50 -9.50
C SER A 336 -7.58 -55.33 -8.75
N ILE A 337 -6.90 -54.78 -7.74
CA ILE A 337 -7.38 -53.59 -7.01
C ILE A 337 -6.39 -52.45 -7.14
N THR A 338 -6.88 -51.24 -6.96
CA THR A 338 -6.07 -50.02 -7.02
C THR A 338 -5.58 -49.62 -5.65
N GLY A 339 -4.55 -48.78 -5.64
CA GLY A 339 -4.04 -48.19 -4.41
C GLY A 339 -5.01 -47.20 -3.81
N SER A 340 -5.78 -46.49 -4.64
CA SER A 340 -6.82 -45.58 -4.13
C SER A 340 -7.89 -46.32 -3.32
N LYS A 341 -8.24 -47.54 -3.72
CA LYS A 341 -9.19 -48.37 -2.95
C LYS A 341 -8.60 -48.88 -1.63
N LEU A 342 -7.32 -49.26 -1.65
CA LEU A 342 -6.65 -49.79 -0.48
C LEU A 342 -6.37 -48.68 0.54
N GLN A 343 -6.11 -47.48 0.04
CA GLN A 343 -5.99 -46.33 0.95
C GLN A 343 -7.30 -46.05 1.76
N GLU A 344 -8.45 -46.15 1.10
CA GLU A 344 -9.76 -45.94 1.76
C GLU A 344 -10.04 -47.06 2.75
N THR A 345 -9.91 -48.31 2.30
CA THR A 345 -10.04 -49.47 3.17
C THR A 345 -9.14 -49.30 4.40
N CYS A 346 -7.88 -48.97 4.19
CA CYS A 346 -6.94 -48.79 5.29
C CYS A 346 -7.30 -47.59 6.17
N ASN A 347 -7.77 -46.49 5.57
CA ASN A 347 -8.30 -45.36 6.36
C ASN A 347 -9.48 -45.79 7.25
N ALA A 348 -10.34 -46.70 6.77
CA ALA A 348 -11.45 -47.23 7.59
C ALA A 348 -11.01 -48.09 8.77
N ILE A 349 -9.80 -48.65 8.72
CA ILE A 349 -9.29 -49.45 9.83
C ILE A 349 -8.19 -48.76 10.62
N ASN A 350 -8.09 -47.43 10.49
CA ASN A 350 -7.03 -46.63 11.11
C ASN A 350 -5.61 -47.04 10.70
N VAL A 351 -5.46 -47.38 9.43
CA VAL A 351 -4.14 -47.64 8.86
C VAL A 351 -3.87 -46.53 7.85
N SER A 352 -2.88 -45.72 8.17
CA SER A 352 -2.53 -44.59 7.32
C SER A 352 -1.41 -44.97 6.32
N LEU A 353 -1.71 -44.90 5.04
CA LEU A 353 -0.72 -45.08 3.98
C LEU A 353 -1.11 -44.24 2.77
N ASN A 354 -0.29 -44.22 1.73
CA ASN A 354 -0.68 -43.53 0.52
C ASN A 354 -0.65 -44.40 -0.71
N LYS A 355 -1.56 -44.08 -1.62
CA LYS A 355 -1.54 -44.61 -2.97
C LYS A 355 -0.29 -44.15 -3.68
N ASN A 356 0.20 -44.98 -4.59
CA ASN A 356 1.51 -44.73 -5.20
C ASN A 356 1.56 -45.43 -6.52
N THR A 357 2.18 -44.79 -7.50
CA THR A 357 2.43 -45.43 -8.77
C THR A 357 3.44 -46.57 -8.68
N ILE A 358 3.47 -47.38 -9.76
CA ILE A 358 4.46 -48.40 -10.01
C ILE A 358 4.89 -48.23 -11.48
N PRO A 359 6.02 -48.85 -11.91
CA PRO A 359 6.56 -48.58 -13.27
C PRO A 359 5.63 -48.90 -14.44
N SER A 360 4.77 -49.90 -14.31
CA SER A 360 3.76 -50.20 -15.33
C SER A 360 2.61 -49.15 -15.45
N ASP A 361 2.44 -48.27 -14.46
CA ASP A 361 1.33 -47.29 -14.51
C ASP A 361 1.55 -46.24 -15.60
N VAL A 362 0.49 -45.97 -16.37
CA VAL A 362 0.46 -44.94 -17.42
C VAL A 362 -0.37 -43.72 -16.97
N ASP A 363 -1.23 -43.88 -15.95
CA ASP A 363 -2.04 -42.79 -15.40
C ASP A 363 -1.95 -42.74 -13.86
N CYS A 364 -1.80 -41.53 -13.33
CA CYS A 364 -1.93 -41.28 -11.88
C CYS A 364 -3.41 -41.24 -11.44
N VAL A 365 -4.33 -41.36 -12.41
CA VAL A 365 -5.76 -41.50 -12.12
C VAL A 365 -6.00 -42.86 -11.46
N SER A 366 -5.28 -43.90 -11.90
CA SER A 366 -5.39 -45.25 -11.33
C SER A 366 -4.01 -45.81 -10.92
N PRO A 367 -3.49 -45.38 -9.76
CA PRO A 367 -2.21 -45.95 -9.31
C PRO A 367 -2.36 -47.39 -8.83
N SER A 368 -1.36 -48.21 -9.14
CA SER A 368 -1.42 -49.65 -8.95
C SER A 368 -0.76 -50.14 -7.67
N GLY A 369 -0.29 -49.21 -6.82
CA GLY A 369 0.37 -49.61 -5.60
C GLY A 369 0.10 -48.70 -4.44
N VAL A 370 0.58 -49.13 -3.29
CA VAL A 370 0.67 -48.25 -2.15
C VAL A 370 2.11 -48.22 -1.64
N ARG A 371 2.52 -47.07 -1.13
CA ARG A 371 3.76 -46.94 -0.45
C ARG A 371 3.50 -47.00 1.05
N ILE A 372 4.40 -47.70 1.76
CA ILE A 372 4.41 -47.79 3.20
C ILE A 372 5.83 -47.55 3.78
N GLY A 373 5.90 -47.23 5.05
CA GLY A 373 7.18 -46.99 5.71
C GLY A 373 7.16 -47.12 7.20
N THR A 374 8.34 -47.33 7.77
CA THR A 374 8.54 -47.65 9.18
C THR A 374 8.96 -46.56 10.18
N PRO A 375 9.48 -45.38 9.73
CA PRO A 375 9.91 -44.35 10.70
C PRO A 375 8.93 -44.05 11.84
N ALA A 376 7.68 -43.82 11.48
CA ALA A 376 6.66 -43.45 12.46
C ALA A 376 6.43 -44.55 13.51
N MET A 377 6.18 -45.77 13.05
CA MET A 377 5.89 -46.88 13.97
C MET A 377 7.11 -47.28 14.77
N THR A 378 8.29 -47.03 14.18
CA THR A 378 9.55 -47.27 14.84
C THR A 378 9.70 -46.30 15.98
N THR A 379 9.26 -45.05 15.80
CA THR A 379 9.24 -44.06 16.88
C THR A 379 8.29 -44.46 18.03
N ARG A 380 7.23 -45.18 17.70
CA ARG A 380 6.30 -45.68 18.73
C ARG A 380 6.72 -46.97 19.43
N GLY A 381 7.88 -47.55 19.07
CA GLY A 381 8.45 -48.69 19.79
C GLY A 381 8.28 -50.05 19.14
N ALA A 382 7.67 -50.11 17.95
CA ALA A 382 7.47 -51.37 17.25
C ALA A 382 8.81 -52.03 16.86
N LYS A 383 8.96 -53.31 17.18
CA LYS A 383 10.14 -54.09 16.87
C LYS A 383 9.89 -55.00 15.66
N GLU A 384 10.90 -55.77 15.28
CA GLU A 384 10.83 -56.66 14.10
C GLU A 384 9.66 -57.65 14.13
N LYS A 385 9.48 -58.26 15.29
CA LYS A 385 8.37 -59.18 15.60
C LYS A 385 6.98 -58.56 15.36
N ASP A 386 6.87 -57.25 15.57
CA ASP A 386 5.61 -56.52 15.39
C ASP A 386 5.22 -56.33 13.91
N MET A 387 6.19 -56.46 13.01
CA MET A 387 5.96 -56.24 11.57
C MET A 387 5.11 -57.32 10.93
N GLU A 388 5.12 -58.54 11.50
CA GLU A 388 4.22 -59.61 11.08
C GLU A 388 2.75 -59.24 11.31
N PHE A 389 2.47 -58.61 12.45
CA PHE A 389 1.13 -58.09 12.71
C PHE A 389 0.68 -57.02 11.70
N ILE A 390 1.60 -56.08 11.37
CA ILE A 390 1.32 -55.01 10.39
C ILE A 390 1.08 -55.63 9.03
N ALA A 391 1.98 -56.55 8.66
CA ALA A 391 1.81 -57.36 7.45
C ALA A 391 0.48 -58.15 7.42
N ASP A 392 0.10 -58.76 8.56
CA ASP A 392 -1.20 -59.46 8.67
C ASP A 392 -2.36 -58.49 8.38
N VAL A 393 -2.34 -57.34 9.07
CA VAL A 393 -3.37 -56.31 8.92
C VAL A 393 -3.47 -55.84 7.46
N LEU A 394 -2.33 -55.65 6.80
CA LEU A 394 -2.34 -55.20 5.40
C LEU A 394 -2.86 -56.25 4.45
N ALA A 395 -2.52 -57.51 4.73
CA ALA A 395 -3.03 -58.63 3.94
C ALA A 395 -4.56 -58.73 4.04
N ARG A 396 -5.05 -58.63 5.27
CA ARG A 396 -6.51 -58.66 5.53
C ARG A 396 -7.21 -57.49 4.82
N ALA A 397 -6.59 -56.32 4.82
CA ALA A 397 -7.16 -55.14 4.14
C ALA A 397 -7.23 -55.34 2.65
N ILE A 398 -6.22 -55.98 2.08
CA ILE A 398 -6.25 -56.28 0.65
C ILE A 398 -7.38 -57.26 0.36
N LYS A 399 -7.50 -58.28 1.21
CA LYS A 399 -8.55 -59.31 1.02
C LYS A 399 -9.95 -58.67 1.09
N ILE A 400 -10.18 -57.88 2.15
CA ILE A 400 -11.47 -57.17 2.31
C ILE A 400 -11.76 -56.25 1.12
N THR A 401 -10.73 -55.59 0.62
CA THR A 401 -10.83 -54.74 -0.55
C THR A 401 -11.27 -55.52 -1.76
N VAL A 402 -10.74 -56.73 -1.91
CA VAL A 402 -11.09 -57.60 -3.03
C VAL A 402 -12.57 -58.02 -2.93
N ASP A 403 -13.00 -58.36 -1.71
CA ASP A 403 -14.39 -58.74 -1.40
C ASP A 403 -15.35 -57.60 -1.72
N LEU A 404 -15.02 -56.40 -1.23
CA LEU A 404 -15.86 -55.21 -1.42
C LEU A 404 -16.00 -54.83 -2.89
N GLN A 405 -14.90 -54.89 -3.63
CA GLN A 405 -14.94 -54.65 -5.07
C GLN A 405 -15.79 -55.67 -5.82
N GLU A 406 -15.74 -56.93 -5.35
CA GLU A 406 -16.56 -58.02 -5.87
C GLU A 406 -18.04 -57.75 -5.64
N GLN A 407 -18.38 -57.29 -4.44
CA GLN A 407 -19.77 -57.05 -4.06
C GLN A 407 -20.34 -55.75 -4.67
N TYR A 408 -19.58 -54.65 -4.60
CA TYR A 408 -20.07 -53.32 -4.98
C TYR A 408 -19.60 -52.74 -6.33
N GLY A 409 -18.53 -53.31 -6.91
CA GLY A 409 -18.04 -52.91 -8.24
C GLY A 409 -16.72 -52.16 -8.27
N LYS A 410 -16.14 -52.08 -9.48
CA LYS A 410 -14.84 -51.42 -9.71
C LYS A 410 -14.85 -49.90 -9.55
N LYS A 411 -16.03 -49.28 -9.68
CA LYS A 411 -16.18 -47.83 -9.62
C LYS A 411 -15.82 -47.33 -8.21
N LEU A 412 -14.96 -46.31 -8.14
CA LEU A 412 -14.46 -45.82 -6.85
C LEU A 412 -15.56 -45.22 -5.99
N VAL A 413 -16.49 -44.51 -6.63
CA VAL A 413 -17.65 -43.93 -5.92
C VAL A 413 -18.55 -45.05 -5.35
N ASP A 414 -18.73 -46.12 -6.13
CA ASP A 414 -19.50 -47.31 -5.69
C ASP A 414 -18.79 -48.03 -4.53
N PHE A 415 -17.48 -48.25 -4.69
CA PHE A 415 -16.67 -48.99 -3.71
C PHE A 415 -16.79 -48.46 -2.27
N LYS A 416 -16.88 -47.15 -2.12
CA LYS A 416 -16.95 -46.51 -0.81
C LYS A 416 -18.27 -46.74 -0.08
N LYS A 417 -19.35 -47.04 -0.80
CA LYS A 417 -20.64 -47.41 -0.18
C LYS A 417 -20.48 -48.74 0.56
N GLY A 418 -19.54 -49.57 0.11
CA GLY A 418 -19.19 -50.80 0.83
C GLY A 418 -18.56 -50.62 2.20
N LEU A 419 -17.79 -49.55 2.43
CA LEU A 419 -16.93 -49.45 3.63
C LEU A 419 -17.63 -49.20 4.99
N PRO A 420 -18.62 -48.28 5.05
CA PRO A 420 -19.17 -47.99 6.39
C PRO A 420 -19.98 -49.14 7.03
N GLY A 421 -19.80 -49.33 8.34
CA GLY A 421 -20.46 -50.40 9.07
C GLY A 421 -20.11 -51.82 8.69
N ASN A 422 -19.10 -52.02 7.82
CA ASN A 422 -18.69 -53.38 7.42
C ASN A 422 -18.13 -54.07 8.65
N ALA A 423 -18.68 -55.24 8.95
CA ALA A 423 -18.40 -55.96 10.20
C ALA A 423 -16.93 -56.33 10.35
N GLN A 424 -16.32 -56.83 9.27
CA GLN A 424 -14.90 -57.21 9.27
C GLN A 424 -13.97 -56.01 9.49
N LEU A 425 -14.26 -54.92 8.78
CA LEU A 425 -13.49 -53.67 8.96
C LEU A 425 -13.59 -53.13 10.40
N GLN A 426 -14.81 -53.17 10.96
CA GLN A 426 -15.05 -52.80 12.38
C GLN A 426 -14.25 -53.70 13.29
N GLN A 427 -14.22 -54.99 12.96
CA GLN A 427 -13.41 -55.96 13.68
C GLN A 427 -11.90 -55.67 13.54
N LEU A 428 -11.46 -55.36 12.34
CA LEU A 428 -10.05 -55.07 12.09
C LEU A 428 -9.64 -53.72 12.73
N LYS A 429 -10.43 -52.69 12.50
CA LYS A 429 -10.26 -51.37 13.17
C LYS A 429 -10.09 -51.52 14.67
N GLN A 430 -11.01 -52.25 15.29
CA GLN A 430 -10.98 -52.50 16.72
C GLN A 430 -9.63 -53.12 17.12
N GLU A 431 -9.19 -54.10 16.34
CA GLU A 431 -7.88 -54.74 16.53
C GLU A 431 -6.70 -53.76 16.35
N VAL A 432 -6.80 -52.91 15.32
CA VAL A 432 -5.78 -51.88 15.07
C VAL A 432 -5.68 -50.88 16.24
N VAL A 433 -6.83 -50.32 16.62
CA VAL A 433 -6.93 -49.36 17.74
C VAL A 433 -6.26 -49.92 19.00
N THR A 434 -6.56 -51.19 19.34
CA THR A 434 -6.12 -51.79 20.60
C THR A 434 -4.60 -51.87 20.70
N TRP A 435 -3.95 -52.29 19.62
CA TRP A 435 -2.50 -52.38 19.58
C TRP A 435 -1.86 -50.98 19.47
N ALA A 436 -2.40 -50.12 18.60
CA ALA A 436 -1.84 -48.76 18.39
C ALA A 436 -1.96 -47.88 19.63
N GLY A 437 -3.17 -47.84 20.20
CA GLY A 437 -3.46 -47.08 21.42
C GLY A 437 -2.56 -47.35 22.61
N ALA A 438 -2.04 -48.57 22.71
CA ALA A 438 -1.18 -48.97 23.81
C ALA A 438 0.27 -48.53 23.70
N LEU A 439 0.78 -48.33 22.47
CA LEU A 439 2.20 -48.00 22.26
C LEU A 439 2.63 -46.65 22.87
N PRO A 440 3.95 -46.47 23.16
CA PRO A 440 4.41 -45.12 23.54
C PRO A 440 4.20 -44.07 22.44
N PHE A 441 3.77 -42.89 22.88
CA PHE A 441 3.33 -41.80 22.03
C PHE A 441 3.94 -40.50 22.56
N PRO A 442 4.89 -39.88 21.81
CA PRO A 442 5.48 -38.63 22.32
C PRO A 442 4.46 -37.51 22.49
N MET B 1 10.54 -45.11 21.29
CA MET B 1 12.03 -45.05 21.12
C MET B 1 12.45 -43.59 20.83
N PHE B 2 11.92 -42.68 21.65
CA PHE B 2 12.16 -41.24 21.55
C PHE B 2 12.50 -40.69 22.92
N ASN B 3 12.96 -39.44 22.95
CA ASN B 3 13.31 -38.75 24.19
C ASN B 3 12.25 -37.70 24.55
N ASN B 4 11.58 -37.88 25.69
CA ASN B 4 10.46 -37.00 26.07
C ASN B 4 10.70 -36.06 27.27
N GLU B 5 11.93 -36.00 27.78
CA GLU B 5 12.31 -35.02 28.82
C GLU B 5 12.15 -33.58 28.26
N PRO B 6 11.84 -32.58 29.12
CA PRO B 6 11.56 -31.21 28.59
C PRO B 6 12.73 -30.52 27.90
N LEU B 7 12.40 -29.49 27.11
CA LEU B 7 13.37 -28.70 26.35
C LEU B 7 14.54 -28.29 27.22
N GLU B 8 14.22 -27.72 28.38
CA GLU B 8 15.20 -27.30 29.39
C GLU B 8 16.23 -28.41 29.75
N GLN B 9 15.75 -29.65 29.85
CA GLN B 9 16.62 -30.82 30.08
C GLN B 9 17.35 -31.30 28.81
N ILE B 10 16.59 -31.67 27.76
CA ILE B 10 17.19 -32.17 26.50
C ILE B 10 18.21 -31.19 25.92
N ASP B 11 17.90 -29.90 25.97
CA ASP B 11 18.77 -28.91 25.35
C ASP B 11 18.79 -27.65 26.19
N LYS B 12 19.64 -27.67 27.21
CA LYS B 12 19.82 -26.52 28.11
C LYS B 12 20.45 -25.35 27.35
N GLU B 13 21.39 -25.63 26.44
CA GLU B 13 22.05 -24.57 25.64
C GLU B 13 21.04 -23.69 24.86
N LEU B 14 20.16 -24.33 24.09
CA LEU B 14 19.11 -23.64 23.34
C LEU B 14 18.10 -22.98 24.26
N HIS B 15 17.78 -23.62 25.37
CA HIS B 15 16.75 -23.11 26.28
C HIS B 15 17.14 -21.81 26.96
N ASP B 16 18.45 -21.62 27.12
CA ASP B 16 19.01 -20.39 27.68
C ASP B 16 18.80 -19.23 26.72
N ILE B 17 19.10 -19.46 25.44
CA ILE B 17 18.98 -18.42 24.42
C ILE B 17 17.51 -17.99 24.26
N LEU B 18 16.61 -18.98 24.20
CA LEU B 18 15.18 -18.69 24.11
C LEU B 18 14.70 -17.90 25.33
N ALA B 19 15.17 -18.28 26.53
CA ALA B 19 14.88 -17.53 27.76
C ALA B 19 15.46 -16.11 27.70
N ASP B 20 16.66 -15.97 27.15
CA ASP B 20 17.26 -14.66 26.88
C ASP B 20 16.32 -13.85 25.97
N GLU B 21 16.00 -14.41 24.79
CA GLU B 21 15.07 -13.80 23.81
C GLU B 21 13.80 -13.31 24.47
N GLU B 22 13.21 -14.12 25.34
CA GLU B 22 11.97 -13.75 26.06
C GLU B 22 12.15 -12.52 26.97
N LYS B 23 13.30 -12.41 27.61
CA LYS B 23 13.63 -11.28 28.47
C LYS B 23 13.79 -10.00 27.60
N ARG B 24 14.54 -10.11 26.51
CA ARG B 24 14.71 -8.99 25.58
C ARG B 24 13.34 -8.50 25.01
N GLN B 25 12.43 -9.41 24.68
CA GLN B 25 11.10 -9.02 24.15
C GLN B 25 10.26 -8.27 25.18
N ARG B 26 10.30 -8.79 26.40
CA ARG B 26 9.61 -8.19 27.53
C ARG B 26 10.15 -6.79 27.87
N GLU B 27 11.43 -6.55 27.57
CA GLU B 27 12.12 -5.35 28.02
C GLU B 27 12.46 -4.41 26.85
N THR B 28 11.73 -4.49 25.75
CA THR B 28 11.99 -3.70 24.54
C THR B 28 10.76 -2.85 24.20
N ILE B 29 11.00 -1.63 23.75
CA ILE B 29 10.00 -0.81 23.07
C ILE B 29 10.09 -1.24 21.59
N ASN B 30 9.13 -2.10 21.21
CA ASN B 30 9.14 -2.72 19.89
C ASN B 30 8.33 -1.85 18.93
N LEU B 31 9.03 -1.14 18.05
CA LEU B 31 8.37 -0.28 17.09
C LEU B 31 8.52 -0.79 15.67
N ILE B 32 8.72 -2.10 15.46
CA ILE B 32 8.79 -2.65 14.09
C ILE B 32 7.35 -2.75 13.59
N ALA B 33 7.05 -2.04 12.50
CA ALA B 33 5.69 -1.92 11.99
C ALA B 33 5.07 -3.28 11.70
N SER B 34 5.88 -4.20 11.19
CA SER B 34 5.46 -5.57 10.83
C SER B 34 5.46 -6.62 11.95
N GLU B 35 5.80 -6.25 13.19
CA GLU B 35 5.82 -7.21 14.30
C GLU B 35 4.64 -7.03 15.21
N ASN B 36 4.35 -8.08 15.95
CA ASN B 36 3.29 -8.07 16.95
C ASN B 36 3.66 -9.14 17.97
N LEU B 37 2.76 -9.41 18.90
CA LEU B 37 2.95 -10.49 19.87
C LEU B 37 1.70 -11.36 19.85
N THR B 38 1.89 -12.66 19.61
CA THR B 38 0.82 -13.67 19.60
C THR B 38 0.45 -14.10 21.00
N ASN B 39 -0.82 -14.42 21.24
CA ASN B 39 -1.28 -14.96 22.53
C ASN B 39 -0.91 -16.43 22.71
N GLY B 40 -1.08 -16.91 23.94
CA GLY B 40 -0.84 -18.31 24.30
C GLY B 40 -1.60 -19.31 23.42
N ALA B 41 -2.83 -18.98 23.03
CA ALA B 41 -3.67 -19.88 22.24
C ALA B 41 -3.12 -20.12 20.83
N VAL B 42 -2.72 -19.04 20.16
CA VAL B 42 -2.04 -19.14 18.87
C VAL B 42 -0.75 -19.94 18.99
N ARG B 43 0.03 -19.70 20.03
CA ARG B 43 1.24 -20.51 20.27
C ARG B 43 1.00 -21.96 20.69
N GLU B 44 -0.14 -22.24 21.33
CA GLU B 44 -0.59 -23.63 21.59
C GLU B 44 -0.91 -24.40 20.29
N CYS B 45 -1.52 -23.73 19.33
CA CYS B 45 -1.78 -24.31 18.00
C CYS B 45 -0.49 -24.64 17.29
N LEU B 46 0.46 -23.70 17.31
CA LEU B 46 1.74 -23.90 16.62
C LEU B 46 2.55 -25.05 17.16
N GLY B 47 2.35 -25.40 18.44
CA GLY B 47 3.03 -26.55 19.06
C GLY B 47 2.24 -27.85 19.08
N ASN B 48 1.12 -27.88 18.36
CA ASN B 48 0.17 -28.99 18.43
C ASN B 48 0.65 -30.12 17.53
N ARG B 49 0.30 -31.35 17.89
CA ARG B 49 0.70 -32.54 17.08
C ARG B 49 0.14 -32.58 15.65
N VAL B 50 -0.82 -31.74 15.32
CA VAL B 50 -1.28 -31.63 13.95
C VAL B 50 -0.17 -31.40 12.87
N SER B 51 0.99 -30.81 13.25
CA SER B 51 2.14 -30.68 12.33
C SER B 51 2.81 -32.03 11.96
N ASN B 52 2.38 -33.12 12.58
CA ASN B 52 2.80 -34.46 12.17
C ASN B 52 2.19 -34.93 10.85
N LYS B 53 1.05 -34.37 10.47
CA LYS B 53 0.31 -34.91 9.36
C LYS B 53 0.68 -34.32 8.02
N TYR B 54 0.98 -35.21 7.06
CA TYR B 54 1.11 -34.88 5.64
C TYR B 54 -0.29 -34.85 5.01
N SER B 55 -0.59 -33.79 4.28
CA SER B 55 -1.94 -33.63 3.77
C SER B 55 -1.94 -32.83 2.49
N GLU B 56 -1.05 -33.20 1.58
CA GLU B 56 -0.91 -32.53 0.28
C GLU B 56 -2.21 -32.58 -0.50
N GLY B 57 -2.55 -31.47 -1.13
CA GLY B 57 -3.79 -31.35 -1.86
C GLY B 57 -4.74 -30.38 -1.17
N TYR B 58 -6.02 -30.74 -1.15
CA TYR B 58 -7.09 -29.86 -0.60
C TYR B 58 -8.13 -30.71 0.14
N PRO B 59 -9.04 -30.07 0.89
CA PRO B 59 -10.05 -30.85 1.61
C PRO B 59 -10.76 -31.92 0.73
N LYS B 60 -10.92 -33.14 1.26
CA LYS B 60 -11.61 -34.28 0.58
C LYS B 60 -10.78 -34.96 -0.55
N LYS B 61 -9.64 -34.36 -0.93
CA LYS B 61 -8.89 -34.78 -2.11
C LYS B 61 -7.41 -34.90 -1.76
N ARG B 62 -7.13 -35.70 -0.73
CA ARG B 62 -5.83 -35.81 -0.13
C ARG B 62 -5.08 -37.05 -0.60
N TYR B 63 -3.82 -36.86 -0.96
CA TYR B 63 -2.95 -37.95 -1.34
C TYR B 63 -2.50 -38.84 -0.16
N TYR B 64 -2.95 -38.57 1.07
CA TYR B 64 -2.63 -39.45 2.21
C TYR B 64 -3.88 -39.85 2.99
N GLY B 65 -3.79 -41.04 3.61
CA GLY B 65 -4.78 -41.52 4.54
C GLY B 65 -4.69 -40.76 5.86
N GLY B 66 -5.82 -40.71 6.57
CA GLY B 66 -5.91 -40.16 7.92
C GLY B 66 -6.05 -38.66 8.03
N ASN B 67 -6.70 -38.04 7.06
CA ASN B 67 -6.80 -36.57 6.99
C ASN B 67 -8.18 -36.03 7.32
N ASP B 68 -9.00 -36.84 8.01
CA ASP B 68 -10.40 -36.45 8.26
C ASP B 68 -10.56 -35.21 9.16
N PHE B 69 -9.85 -35.16 10.28
CA PHE B 69 -9.87 -33.98 11.16
C PHE B 69 -9.07 -32.77 10.61
N ILE B 70 -8.04 -33.04 9.80
CA ILE B 70 -7.28 -31.99 9.09
C ILE B 70 -8.16 -31.24 8.10
N ASP B 71 -9.06 -31.95 7.42
CA ASP B 71 -10.02 -31.33 6.51
C ASP B 71 -10.94 -30.37 7.24
N LYS B 72 -11.35 -30.72 8.45
CA LYS B 72 -12.25 -29.84 9.23
C LYS B 72 -11.53 -28.56 9.66
N ILE B 73 -10.28 -28.71 10.14
CA ILE B 73 -9.44 -27.57 10.47
C ILE B 73 -9.25 -26.70 9.24
N GLU B 74 -8.87 -27.29 8.10
CA GLU B 74 -8.60 -26.44 6.91
C GLU B 74 -9.86 -25.74 6.41
N GLU B 75 -11.03 -26.40 6.48
CA GLU B 75 -12.32 -25.76 6.06
C GLU B 75 -12.84 -24.73 7.06
N LEU B 76 -12.62 -24.97 8.35
CA LEU B 76 -12.87 -23.97 9.37
C LEU B 76 -12.04 -22.67 9.18
N CYS B 77 -10.79 -22.80 8.73
CA CYS B 77 -9.90 -21.64 8.57
C CYS B 77 -10.33 -20.80 7.38
N GLN B 78 -10.70 -21.48 6.30
CA GLN B 78 -11.25 -20.84 5.09
C GLN B 78 -12.54 -20.08 5.45
N LYS B 79 -13.43 -20.75 6.18
CA LYS B 79 -14.69 -20.11 6.62
C LYS B 79 -14.43 -18.83 7.43
N ARG B 80 -13.64 -18.96 8.50
CA ARG B 80 -13.30 -17.82 9.37
C ARG B 80 -12.59 -16.70 8.62
N ALA B 81 -11.79 -17.04 7.61
CA ALA B 81 -11.07 -16.04 6.82
C ALA B 81 -11.99 -15.20 5.95
N LEU B 82 -13.01 -15.84 5.40
CA LEU B 82 -14.01 -15.14 4.58
C LEU B 82 -14.92 -14.29 5.47
N GLU B 83 -15.24 -14.83 6.65
CA GLU B 83 -15.96 -14.08 7.68
C GLU B 83 -15.19 -12.83 8.17
N ALA B 84 -13.89 -12.96 8.45
CA ALA B 84 -13.10 -11.84 8.97
C ALA B 84 -13.09 -10.65 8.02
N PHE B 85 -12.98 -10.90 6.73
CA PHE B 85 -12.92 -9.80 5.75
C PHE B 85 -14.27 -9.53 5.08
N ASN B 86 -15.35 -10.01 5.71
CA ASN B 86 -16.70 -9.59 5.37
C ASN B 86 -17.03 -9.83 3.90
N VAL B 87 -16.77 -11.07 3.48
CA VAL B 87 -16.97 -11.51 2.11
C VAL B 87 -17.80 -12.79 2.14
N SER B 88 -18.52 -12.98 1.05
CA SER B 88 -19.43 -14.11 0.89
C SER B 88 -18.68 -15.22 0.21
N ASP B 89 -18.80 -16.44 0.73
CA ASP B 89 -18.18 -17.61 0.09
C ASP B 89 -18.73 -17.94 -1.32
N GLU B 90 -19.82 -17.28 -1.71
CA GLU B 90 -20.38 -17.41 -3.08
C GLU B 90 -19.48 -16.62 -4.02
N GLU B 91 -19.08 -15.41 -3.61
CA GLU B 91 -18.28 -14.49 -4.44
C GLU B 91 -16.75 -14.59 -4.27
N TRP B 92 -16.30 -14.97 -3.09
CA TRP B 92 -14.86 -14.93 -2.76
C TRP B 92 -14.34 -16.28 -2.35
N GLY B 93 -13.16 -16.61 -2.86
CA GLY B 93 -12.43 -17.78 -2.37
C GLY B 93 -11.11 -17.42 -1.70
N VAL B 94 -10.66 -18.32 -0.84
CA VAL B 94 -9.42 -18.16 -0.10
C VAL B 94 -8.61 -19.47 -0.06
N ASN B 95 -7.37 -19.41 -0.52
CA ASN B 95 -6.38 -20.45 -0.17
C ASN B 95 -5.69 -20.12 1.18
N VAL B 96 -5.66 -21.09 2.09
CA VAL B 96 -5.03 -20.92 3.42
C VAL B 96 -3.73 -21.73 3.63
N GLN B 97 -3.16 -22.27 2.56
CA GLN B 97 -1.95 -23.06 2.67
C GLN B 97 -0.61 -22.32 2.51
N PRO B 98 -0.59 -21.08 1.93
CA PRO B 98 0.73 -20.47 1.68
C PRO B 98 1.56 -20.26 2.95
N LEU B 99 2.83 -20.60 2.90
CA LEU B 99 3.67 -20.67 4.09
C LEU B 99 4.04 -19.30 4.66
N SER B 100 4.09 -18.27 3.84
CA SER B 100 4.36 -16.90 4.28
C SER B 100 4.00 -15.91 3.17
N GLY B 101 4.12 -14.62 3.47
CA GLY B 101 3.73 -13.57 2.55
C GLY B 101 4.36 -13.61 1.18
N SER B 102 5.67 -13.81 1.17
CA SER B 102 6.44 -13.82 -0.04
C SER B 102 6.01 -15.00 -0.94
N ALA B 103 5.86 -16.20 -0.35
CA ALA B 103 5.39 -17.37 -1.10
C ALA B 103 3.97 -17.13 -1.71
N ALA B 104 3.02 -16.69 -0.88
CA ALA B 104 1.67 -16.29 -1.31
C ALA B 104 1.66 -15.36 -2.51
N ASN B 105 2.52 -14.33 -2.48
CA ASN B 105 2.63 -13.38 -3.59
C ASN B 105 3.17 -13.96 -4.88
N VAL B 106 4.23 -14.78 -4.81
CA VAL B 106 4.82 -15.34 -6.03
C VAL B 106 3.86 -16.35 -6.64
N GLN B 107 3.24 -17.14 -5.79
CA GLN B 107 2.19 -18.06 -6.15
C GLN B 107 1.00 -17.37 -6.81
N ALA B 108 0.46 -16.32 -6.19
CA ALA B 108 -0.69 -15.59 -6.74
C ALA B 108 -0.38 -14.93 -8.08
N LEU B 109 0.82 -14.36 -8.23
CA LEU B 109 1.23 -13.73 -9.47
C LEU B 109 1.39 -14.77 -10.56
N TYR B 110 2.02 -15.89 -10.23
CA TYR B 110 2.17 -16.97 -11.18
C TYR B 110 0.79 -17.44 -11.71
N ALA B 111 -0.16 -17.65 -10.80
CA ALA B 111 -1.54 -17.99 -11.16
C ALA B 111 -2.14 -17.05 -12.21
N LEU B 112 -1.86 -15.75 -12.11
CA LEU B 112 -2.44 -14.71 -12.96
C LEU B 112 -1.75 -14.49 -14.30
N VAL B 113 -0.43 -14.58 -14.33
CA VAL B 113 0.36 -14.22 -15.51
C VAL B 113 1.31 -15.27 -16.07
N GLY B 114 1.68 -16.27 -15.27
CA GLY B 114 2.63 -17.31 -15.70
C GLY B 114 4.05 -16.81 -15.83
N VAL B 115 4.96 -17.70 -16.23
CA VAL B 115 6.37 -17.33 -16.40
C VAL B 115 6.51 -16.37 -17.59
N LYS B 116 7.43 -15.40 -17.46
CA LYS B 116 7.62 -14.29 -18.41
C LYS B 116 6.45 -13.28 -18.46
N GLY B 117 5.37 -13.50 -17.70
CA GLY B 117 4.25 -12.58 -17.65
C GLY B 117 4.63 -11.22 -17.07
N LYS B 118 3.83 -10.20 -17.38
CA LYS B 118 4.16 -8.83 -17.04
C LYS B 118 3.41 -8.38 -15.78
N ILE B 119 4.11 -7.71 -14.88
CA ILE B 119 3.50 -7.20 -13.64
C ILE B 119 3.98 -5.79 -13.39
N MET B 120 3.21 -5.05 -12.60
CA MET B 120 3.56 -3.71 -12.16
C MET B 120 3.41 -3.64 -10.66
N GLY B 121 4.41 -3.10 -9.99
CA GLY B 121 4.36 -2.88 -8.53
C GLY B 121 5.07 -1.59 -8.12
N MET B 122 4.89 -1.18 -6.87
CA MET B 122 5.59 -0.01 -6.34
C MET B 122 7.04 -0.38 -6.06
N HIS B 123 7.92 0.58 -6.32
CA HIS B 123 9.34 0.40 -6.14
C HIS B 123 9.65 0.29 -4.64
N LEU B 124 10.70 -0.48 -4.34
CA LEU B 124 11.13 -0.76 -2.96
C LEU B 124 11.36 0.52 -2.15
N CYS B 125 12.24 1.37 -2.67
CA CYS B 125 12.55 2.71 -2.13
C CYS B 125 11.37 3.66 -1.94
N SER B 126 10.27 3.41 -2.65
CA SER B 126 9.04 4.19 -2.49
C SER B 126 8.03 3.55 -1.54
N GLY B 127 8.35 2.40 -0.96
CA GLY B 127 7.45 1.70 -0.04
C GLY B 127 6.89 0.36 -0.49
N GLY B 128 7.22 -0.07 -1.71
CA GLY B 128 6.76 -1.37 -2.20
C GLY B 128 7.56 -2.54 -1.63
N HIS B 129 6.99 -3.73 -1.71
CA HIS B 129 7.65 -4.94 -1.25
C HIS B 129 8.63 -5.52 -2.26
N LEU B 130 9.55 -6.34 -1.77
CA LEU B 130 10.42 -7.12 -2.61
C LEU B 130 9.66 -7.96 -3.63
N THR B 131 8.58 -8.59 -3.21
CA THR B 131 7.77 -9.47 -4.07
C THR B 131 6.84 -8.76 -5.06
N HIS B 132 6.96 -7.44 -5.20
CA HIS B 132 6.17 -6.70 -6.17
C HIS B 132 7.03 -6.35 -7.40
N GLY B 133 7.99 -7.20 -7.73
CA GLY B 133 8.80 -7.02 -8.92
C GLY B 133 10.13 -6.32 -8.72
N PHE B 134 10.62 -6.23 -7.49
CA PHE B 134 11.80 -5.40 -7.23
C PHE B 134 13.06 -5.86 -7.96
N PHE B 135 13.77 -4.91 -8.57
CA PHE B 135 15.10 -5.13 -9.12
C PHE B 135 15.95 -3.86 -9.12
N ASP B 136 17.21 -4.03 -9.51
CA ASP B 136 18.24 -3.00 -9.54
C ASP B 136 18.87 -3.05 -10.94
N GLU B 137 19.55 -1.99 -11.35
CA GLU B 137 20.37 -2.05 -12.59
C GLU B 137 21.40 -3.20 -12.50
N LYS B 138 21.99 -3.36 -11.30
CA LYS B 138 22.94 -4.45 -11.02
C LYS B 138 22.36 -5.86 -11.15
N LYS B 139 21.17 -6.10 -10.59
CA LYS B 139 20.57 -7.43 -10.64
C LYS B 139 19.08 -7.51 -10.36
N LYS B 140 18.52 -8.67 -10.68
CA LYS B 140 17.13 -9.00 -10.42
C LYS B 140 17.02 -9.56 -9.00
N VAL B 141 16.82 -8.65 -8.06
CA VAL B 141 16.91 -8.95 -6.62
C VAL B 141 15.81 -9.92 -6.19
N SER B 142 14.58 -9.68 -6.62
CA SER B 142 13.46 -10.60 -6.36
C SER B 142 13.20 -11.50 -7.53
N ILE B 143 12.77 -12.73 -7.25
CA ILE B 143 12.32 -13.67 -8.27
C ILE B 143 11.20 -13.05 -9.10
N THR B 144 10.41 -12.13 -8.51
CA THR B 144 9.30 -11.50 -9.21
C THR B 144 9.71 -10.50 -10.28
N SER B 145 10.99 -10.12 -10.33
CA SER B 145 11.53 -9.39 -11.47
C SER B 145 12.19 -10.30 -12.51
N ASP B 146 12.30 -11.60 -12.25
CA ASP B 146 13.07 -12.51 -13.10
C ASP B 146 12.21 -13.57 -13.77
N MET B 147 11.41 -14.26 -12.96
CA MET B 147 10.46 -15.20 -13.49
C MET B 147 9.29 -14.46 -14.15
N PHE B 148 9.13 -13.17 -13.86
CA PHE B 148 8.14 -12.29 -14.50
C PHE B 148 8.89 -11.12 -15.06
N GLU B 149 8.28 -10.45 -16.03
CA GLU B 149 8.78 -9.14 -16.47
C GLU B 149 8.10 -8.08 -15.63
N SER B 150 8.87 -7.34 -14.82
CA SER B 150 8.29 -6.36 -13.90
C SER B 150 8.62 -4.94 -14.31
N LYS B 151 7.77 -4.02 -13.90
CA LYS B 151 8.01 -2.59 -14.07
C LYS B 151 7.61 -1.93 -12.76
N LEU B 152 8.36 -0.91 -12.35
CA LEU B 152 8.19 -0.31 -11.02
C LEU B 152 7.76 1.15 -11.11
N TYR B 153 6.62 1.47 -10.48
CA TYR B 153 6.19 2.86 -10.37
C TYR B 153 6.67 3.50 -9.08
N LYS B 154 7.20 4.72 -9.21
CA LYS B 154 7.70 5.50 -8.08
C LYS B 154 6.61 6.39 -7.50
N CYS B 155 6.77 6.74 -6.22
CA CYS B 155 5.94 7.75 -5.56
C CYS B 155 6.56 9.09 -5.90
N ASN B 156 5.80 10.16 -5.68
CA ASN B 156 6.33 11.53 -5.91
C ASN B 156 7.28 11.98 -4.80
N SER B 157 7.87 13.16 -4.95
CA SER B 157 8.85 13.65 -3.98
C SER B 157 8.29 13.84 -2.55
N GLN B 158 6.97 13.96 -2.38
CA GLN B 158 6.32 14.00 -1.05
C GLN B 158 6.01 12.63 -0.46
N GLY B 159 6.20 11.55 -1.22
CA GLY B 159 5.97 10.19 -0.72
C GLY B 159 4.66 9.54 -1.15
N TYR B 160 3.78 10.31 -1.80
CA TYR B 160 2.45 9.84 -2.19
C TYR B 160 2.50 9.06 -3.49
N VAL B 161 1.62 8.06 -3.61
CA VAL B 161 1.41 7.36 -4.89
C VAL B 161 0.92 8.37 -5.93
N ASP B 162 1.61 8.46 -7.06
CA ASP B 162 1.21 9.32 -8.18
C ASP B 162 0.43 8.50 -9.22
N LEU B 163 -0.91 8.57 -9.16
CA LEU B 163 -1.78 7.78 -10.05
C LEU B 163 -1.58 8.10 -11.54
N ASP B 164 -1.22 9.35 -11.85
CA ASP B 164 -0.87 9.77 -13.22
C ASP B 164 0.36 9.04 -13.77
N ALA B 165 1.28 8.71 -12.87
CA ALA B 165 2.47 7.94 -13.24
C ALA B 165 2.10 6.46 -13.44
N VAL B 166 1.24 5.94 -12.58
CA VAL B 166 0.74 4.55 -12.70
C VAL B 166 -0.03 4.31 -14.01
N ARG B 167 -0.91 5.23 -14.37
CA ARG B 167 -1.68 5.16 -15.63
C ARG B 167 -0.76 5.26 -16.84
N GLU B 168 0.07 6.30 -16.90
CA GLU B 168 1.05 6.45 -18.00
C GLU B 168 1.88 5.17 -18.17
N MET B 169 2.38 4.61 -17.07
CA MET B 169 3.22 3.39 -17.15
C MET B 169 2.42 2.18 -17.60
N ALA B 170 1.23 1.99 -17.02
CA ALA B 170 0.31 0.93 -17.46
C ALA B 170 -0.06 0.96 -18.98
N LEU B 171 -0.23 2.16 -19.56
CA LEU B 171 -0.62 2.31 -20.98
C LEU B 171 0.48 1.92 -21.97
N SER B 172 1.71 2.32 -21.69
CA SER B 172 2.87 1.90 -22.50
C SER B 172 3.30 0.45 -22.22
N PHE B 173 3.34 0.05 -20.94
CA PHE B 173 3.89 -1.27 -20.53
C PHE B 173 2.90 -2.43 -20.64
N LYS B 174 1.61 -2.17 -20.40
CA LYS B 174 0.53 -3.16 -20.61
C LYS B 174 0.72 -4.44 -19.80
N PRO B 175 0.83 -4.32 -18.47
CA PRO B 175 0.97 -5.51 -17.64
C PRO B 175 -0.34 -6.27 -17.50
N LYS B 176 -0.27 -7.56 -17.24
CA LYS B 176 -1.45 -8.33 -16.83
C LYS B 176 -1.81 -8.11 -15.36
N VAL B 177 -0.89 -7.58 -14.54
CA VAL B 177 -1.17 -7.33 -13.11
C VAL B 177 -0.58 -5.99 -12.65
N ILE B 178 -1.36 -5.24 -11.86
CA ILE B 178 -0.89 -4.04 -11.18
C ILE B 178 -1.05 -4.28 -9.69
N ILE B 179 0.08 -4.30 -8.98
CA ILE B 179 0.08 -4.55 -7.55
C ILE B 179 -0.01 -3.21 -6.80
N CYS B 180 -0.95 -3.13 -5.86
CA CYS B 180 -0.98 -2.04 -4.89
C CYS B 180 -1.09 -2.63 -3.50
N GLY B 181 -0.90 -1.80 -2.47
CA GLY B 181 -0.80 -2.29 -1.08
C GLY B 181 0.67 -2.62 -0.81
N TYR B 182 1.21 -2.11 0.29
CA TYR B 182 2.66 -1.83 0.37
C TYR B 182 3.26 -2.21 1.72
N THR B 183 4.57 -2.03 1.86
CA THR B 183 5.30 -2.43 3.09
C THR B 183 5.60 -1.27 4.04
N SER B 184 6.01 -0.12 3.48
CA SER B 184 6.29 1.08 4.27
C SER B 184 5.60 2.31 3.66
N TYR B 185 4.32 2.14 3.33
CA TYR B 185 3.48 3.24 2.87
C TYR B 185 2.60 3.70 4.03
N PRO B 186 2.75 4.99 4.44
CA PRO B 186 2.01 5.53 5.59
C PRO B 186 0.60 6.05 5.30
N ARG B 187 0.13 6.00 4.04
CA ARG B 187 -1.22 6.47 3.71
C ARG B 187 -2.14 5.34 3.16
N ASP B 188 -3.41 5.66 3.02
CA ASP B 188 -4.39 4.74 2.46
C ASP B 188 -4.30 4.77 0.92
N ILE B 189 -4.95 3.80 0.29
CA ILE B 189 -4.82 3.54 -1.14
C ILE B 189 -6.16 3.76 -1.82
N ASP B 190 -6.15 4.47 -2.95
CA ASP B 190 -7.35 4.66 -3.77
C ASP B 190 -7.49 3.44 -4.70
N TYR B 191 -8.10 2.38 -4.18
CA TYR B 191 -8.25 1.12 -4.93
C TYR B 191 -9.15 1.32 -6.14
N GLN B 192 -10.28 2.01 -5.97
CA GLN B 192 -11.18 2.39 -7.08
C GLN B 192 -10.37 2.94 -8.25
N GLN B 193 -9.49 3.89 -7.96
CA GLN B 193 -8.63 4.47 -8.99
C GLN B 193 -7.71 3.45 -9.63
N PHE B 194 -7.19 2.53 -8.82
CA PHE B 194 -6.44 1.40 -9.38
C PHE B 194 -7.35 0.56 -10.29
N ARG B 195 -8.52 0.18 -9.79
CA ARG B 195 -9.53 -0.61 -10.53
C ARG B 195 -9.88 -0.01 -11.90
N GLN B 196 -9.99 1.33 -11.94
CA GLN B 196 -10.22 2.11 -13.16
C GLN B 196 -9.03 2.04 -14.12
N ILE B 197 -7.80 2.04 -13.59
CA ILE B 197 -6.62 1.89 -14.46
C ILE B 197 -6.44 0.46 -14.97
N CYS B 198 -6.84 -0.50 -14.16
CA CYS B 198 -6.77 -1.90 -14.56
C CYS B 198 -7.85 -2.27 -15.62
N ASP B 199 -9.08 -1.77 -15.46
CA ASP B 199 -10.14 -1.94 -16.47
C ASP B 199 -9.69 -1.36 -17.83
N GLU B 200 -9.00 -0.23 -17.78
CA GLU B 200 -8.48 0.46 -18.98
C GLU B 200 -7.60 -0.47 -19.82
N VAL B 201 -6.71 -1.20 -19.13
CA VAL B 201 -5.65 -2.01 -19.75
C VAL B 201 -5.94 -3.52 -19.66
N ASN B 202 -7.11 -3.91 -19.13
CA ASN B 202 -7.51 -5.32 -18.95
C ASN B 202 -6.53 -6.13 -18.09
N ALA B 203 -5.94 -5.45 -17.09
CA ALA B 203 -5.00 -6.06 -16.14
C ALA B 203 -5.75 -6.45 -14.88
N TYR B 204 -5.25 -7.45 -14.16
CA TYR B 204 -5.83 -7.85 -12.89
C TYR B 204 -5.46 -6.83 -11.79
N LEU B 205 -6.33 -6.65 -10.80
CA LEU B 205 -6.00 -5.82 -9.60
C LEU B 205 -5.60 -6.68 -8.41
N PHE B 206 -4.33 -6.57 -8.05
CA PHE B 206 -3.70 -7.30 -6.94
C PHE B 206 -3.56 -6.32 -5.76
N ALA B 207 -4.22 -6.61 -4.64
CA ALA B 207 -4.07 -5.82 -3.40
C ALA B 207 -3.36 -6.64 -2.33
N ASP B 208 -2.19 -6.19 -1.89
CA ASP B 208 -1.44 -6.90 -0.84
C ASP B 208 -1.64 -6.08 0.38
N ILE B 209 -2.40 -6.61 1.33
CA ILE B 209 -2.85 -5.84 2.49
C ILE B 209 -2.22 -6.32 3.82
N SER B 210 -1.08 -7.02 3.71
CA SER B 210 -0.34 -7.57 4.86
C SER B 210 -0.18 -6.57 6.02
N HIS B 211 0.33 -5.38 5.70
CA HIS B 211 0.50 -4.31 6.69
C HIS B 211 -0.76 -3.67 7.27
N ILE B 212 -1.88 -3.73 6.54
CA ILE B 212 -3.10 -2.98 6.91
C ILE B 212 -4.34 -3.85 7.11
N SER B 213 -4.14 -5.17 7.16
CA SER B 213 -5.27 -6.13 7.08
C SER B 213 -6.33 -5.92 8.15
N SER B 214 -5.89 -5.71 9.37
CA SER B 214 -6.79 -5.50 10.49
C SER B 214 -7.69 -4.30 10.30
N PHE B 215 -7.16 -3.26 9.68
CA PHE B 215 -7.93 -2.08 9.37
C PHE B 215 -9.03 -2.45 8.36
N VAL B 216 -8.67 -3.24 7.34
CA VAL B 216 -9.59 -3.65 6.29
C VAL B 216 -10.71 -4.51 6.87
N ALA B 217 -10.38 -5.44 7.75
CA ALA B 217 -11.37 -6.29 8.43
C ALA B 217 -12.35 -5.53 9.32
N CYS B 218 -11.89 -4.43 9.90
CA CYS B 218 -12.66 -3.64 10.85
C CYS B 218 -13.32 -2.41 10.24
N ASN B 219 -13.15 -2.21 8.93
CA ASN B 219 -13.79 -1.13 8.18
C ASN B 219 -13.29 0.29 8.52
N ILE B 220 -12.05 0.37 9.00
CA ILE B 220 -11.46 1.62 9.43
C ILE B 220 -10.76 2.32 8.26
N LEU B 221 -10.20 1.53 7.34
CA LEU B 221 -9.59 2.05 6.13
C LEU B 221 -10.33 1.51 4.92
N ASN B 222 -9.98 2.00 3.74
CA ASN B 222 -10.54 1.51 2.48
C ASN B 222 -10.49 -0.01 2.33
N ASN B 223 -11.46 -0.54 1.57
CA ASN B 223 -11.66 -1.97 1.39
C ASN B 223 -11.30 -2.35 -0.03
N PRO B 224 -10.17 -3.05 -0.22
CA PRO B 224 -9.82 -3.44 -1.58
C PRO B 224 -10.72 -4.52 -2.18
N PHE B 225 -11.48 -5.23 -1.34
CA PHE B 225 -12.39 -6.29 -1.79
C PHE B 225 -13.55 -5.78 -2.69
N LEU B 226 -13.85 -4.49 -2.69
CA LEU B 226 -14.87 -3.93 -3.57
C LEU B 226 -14.35 -3.89 -5.00
N HIS B 227 -13.03 -3.70 -5.15
CA HIS B 227 -12.41 -3.48 -6.45
C HIS B 227 -11.42 -4.56 -6.91
N ALA B 228 -10.87 -5.37 -6.00
CA ALA B 228 -9.71 -6.20 -6.32
C ALA B 228 -10.05 -7.59 -6.85
N ASP B 229 -9.21 -8.07 -7.76
CA ASP B 229 -9.28 -9.45 -8.22
C ASP B 229 -8.67 -10.42 -7.24
N VAL B 230 -7.47 -10.07 -6.73
CA VAL B 230 -6.77 -10.90 -5.74
C VAL B 230 -6.34 -10.04 -4.56
N VAL B 231 -6.55 -10.56 -3.36
CA VAL B 231 -6.07 -9.94 -2.13
C VAL B 231 -5.20 -10.92 -1.34
N THR B 232 -3.91 -10.61 -1.24
CA THR B 232 -2.99 -11.40 -0.37
C THR B 232 -2.80 -10.70 0.97
N THR B 233 -2.55 -11.49 2.00
CA THR B 233 -2.15 -10.96 3.28
C THR B 233 -1.45 -12.00 4.12
N THR B 234 -0.44 -11.54 4.83
CA THR B 234 0.20 -12.33 5.86
C THR B 234 -0.68 -12.27 7.07
N THR B 235 -0.52 -13.21 7.98
CA THR B 235 -1.33 -13.23 9.19
C THR B 235 -0.59 -12.83 10.48
N HIS B 236 0.70 -12.47 10.39
CA HIS B 236 1.61 -12.27 11.58
C HIS B 236 1.87 -10.81 11.99
N LYS B 237 1.38 -9.87 11.20
CA LYS B 237 1.64 -8.47 11.46
C LYS B 237 0.48 -7.88 12.29
N ILE B 238 -0.14 -6.81 11.82
CA ILE B 238 -1.23 -6.15 12.56
C ILE B 238 -2.38 -7.11 12.92
N LEU B 239 -2.60 -8.15 12.11
CA LEU B 239 -3.66 -9.14 12.34
C LEU B 239 -3.39 -10.05 13.53
N ARG B 240 -2.12 -10.20 13.87
CA ARG B 240 -1.71 -10.79 15.14
C ARG B 240 -1.88 -12.31 15.17
N GLY B 241 -1.67 -12.96 14.02
CA GLY B 241 -1.71 -14.41 13.90
C GLY B 241 -0.34 -15.03 13.86
N PRO B 242 -0.26 -16.31 13.44
CA PRO B 242 1.03 -16.92 13.23
C PRO B 242 1.68 -16.38 11.98
N ARG B 243 2.90 -16.84 11.73
CA ARG B 243 3.57 -16.54 10.47
C ARG B 243 2.96 -17.42 9.37
N SER B 244 2.14 -16.81 8.53
CA SER B 244 1.46 -17.50 7.44
C SER B 244 0.86 -16.49 6.49
N ALA B 245 0.14 -16.97 5.48
CA ALA B 245 -0.49 -16.10 4.52
C ALA B 245 -1.78 -16.65 3.89
N LEU B 246 -2.55 -15.72 3.35
CA LEU B 246 -3.85 -15.98 2.72
C LEU B 246 -3.88 -15.38 1.34
N ILE B 247 -4.27 -16.16 0.34
CA ILE B 247 -4.60 -15.62 -0.99
C ILE B 247 -6.12 -15.66 -1.16
N PHE B 248 -6.72 -14.46 -1.26
CA PHE B 248 -8.15 -14.29 -1.60
C PHE B 248 -8.35 -14.06 -3.09
N PHE B 249 -9.41 -14.64 -3.66
CA PHE B 249 -9.70 -14.49 -5.09
C PHE B 249 -11.21 -14.32 -5.36
N ASN B 250 -11.50 -13.44 -6.33
CA ASN B 250 -12.85 -13.05 -6.68
C ASN B 250 -13.37 -13.96 -7.82
N LYS B 251 -14.20 -14.94 -7.46
CA LYS B 251 -14.79 -15.86 -8.45
C LYS B 251 -15.78 -15.17 -9.41
N LYS B 252 -16.55 -14.21 -8.89
CA LYS B 252 -17.56 -13.49 -9.69
C LYS B 252 -16.94 -12.65 -10.81
N ARG B 253 -15.82 -12.00 -10.52
CA ARG B 253 -15.14 -11.17 -11.51
C ARG B 253 -14.34 -12.06 -12.47
N ASN B 254 -13.87 -13.21 -11.97
CA ASN B 254 -12.98 -14.12 -12.72
C ASN B 254 -13.34 -15.61 -12.53
N PRO B 255 -14.36 -16.10 -13.26
CA PRO B 255 -14.67 -17.53 -13.20
C PRO B 255 -13.46 -18.40 -13.56
N GLY B 256 -13.23 -19.44 -12.77
CA GLY B 256 -12.05 -20.30 -12.92
C GLY B 256 -10.75 -19.81 -12.28
N ILE B 257 -10.80 -18.71 -11.52
CA ILE B 257 -9.61 -18.21 -10.81
C ILE B 257 -9.26 -19.15 -9.66
N GLU B 258 -10.29 -19.74 -9.06
CA GLU B 258 -10.17 -20.66 -7.93
C GLU B 258 -9.25 -21.84 -8.14
N GLN B 259 -9.36 -22.46 -9.31
CA GLN B 259 -8.51 -23.62 -9.64
C GLN B 259 -7.08 -23.17 -9.97
N LYS B 260 -6.93 -22.01 -10.62
CA LYS B 260 -5.61 -21.50 -10.99
C LYS B 260 -4.75 -21.17 -9.76
N ILE B 261 -5.36 -20.53 -8.78
CA ILE B 261 -4.72 -20.16 -7.54
C ILE B 261 -4.49 -21.41 -6.71
N ASN B 262 -5.49 -22.29 -6.60
CA ASN B 262 -5.29 -23.50 -5.84
C ASN B 262 -4.19 -24.39 -6.44
N SER B 263 -4.13 -24.48 -7.78
CA SER B 263 -3.11 -25.30 -8.44
C SER B 263 -1.75 -24.62 -8.38
N ALA B 264 -1.73 -23.29 -8.32
CA ALA B 264 -0.51 -22.53 -8.12
C ALA B 264 0.13 -22.78 -6.76
N VAL B 265 -0.68 -22.81 -5.70
CA VAL B 265 -0.17 -23.06 -4.36
C VAL B 265 0.30 -24.49 -4.30
N PHE B 266 -0.58 -25.43 -4.66
CA PHE B 266 -0.19 -26.83 -4.81
C PHE B 266 -0.85 -27.43 -6.05
N PRO B 267 -0.11 -28.20 -6.86
CA PRO B 267 1.25 -28.66 -6.74
C PRO B 267 2.33 -27.82 -7.45
N SER B 268 2.02 -26.62 -7.93
CA SER B 268 3.04 -25.86 -8.63
C SER B 268 4.23 -25.49 -7.70
N PHE B 269 3.95 -24.92 -6.51
CA PHE B 269 5.00 -24.36 -5.64
C PHE B 269 5.27 -25.15 -4.37
N GLN B 270 4.23 -25.43 -3.59
CA GLN B 270 4.35 -26.07 -2.29
C GLN B 270 4.16 -27.58 -2.39
N GLY B 271 4.54 -28.27 -1.33
CA GLY B 271 4.16 -29.66 -1.08
C GLY B 271 3.18 -29.69 0.08
N GLY B 272 3.55 -30.37 1.16
CA GLY B 272 2.70 -30.51 2.33
C GLY B 272 2.36 -29.21 3.04
N PRO B 273 1.05 -28.98 3.34
CA PRO B 273 0.70 -27.81 4.17
C PRO B 273 1.21 -27.97 5.59
N HIS B 274 1.33 -26.85 6.28
CA HIS B 274 1.77 -26.85 7.66
C HIS B 274 0.53 -26.65 8.49
N ASN B 275 0.00 -27.76 8.99
CA ASN B 275 -1.33 -27.76 9.61
C ASN B 275 -1.37 -27.03 10.93
N ASN B 276 -0.25 -27.02 11.66
CA ASN B 276 -0.08 -26.20 12.86
C ASN B 276 -0.30 -24.71 12.58
N LYS B 277 0.22 -24.23 11.45
CA LYS B 277 -0.07 -22.87 11.01
C LYS B 277 -1.54 -22.64 10.76
N ILE B 278 -2.17 -23.58 10.07
CA ILE B 278 -3.56 -23.39 9.63
C ILE B 278 -4.48 -23.36 10.86
N ALA B 279 -4.23 -24.27 11.79
CA ALA B 279 -4.87 -24.24 13.09
C ALA B 279 -4.68 -22.89 13.74
N ALA B 280 -3.43 -22.46 13.86
CA ALA B 280 -3.14 -21.18 14.50
C ALA B 280 -3.84 -20.02 13.81
N VAL B 281 -3.86 -20.02 12.49
CA VAL B 281 -4.57 -18.99 11.74
C VAL B 281 -6.06 -19.07 12.06
N ALA B 282 -6.63 -20.28 12.09
CA ALA B 282 -8.07 -20.44 12.35
C ALA B 282 -8.43 -19.74 13.65
N CYS B 283 -7.66 -20.05 14.68
CA CYS B 283 -7.80 -19.48 16.01
C CYS B 283 -7.79 -17.95 16.08
N GLN B 284 -6.86 -17.32 15.37
CA GLN B 284 -6.74 -15.86 15.43
C GLN B 284 -7.82 -15.17 14.60
N LEU B 285 -8.17 -15.76 13.47
CA LEU B 285 -9.28 -15.27 12.66
C LEU B 285 -10.61 -15.18 13.45
N LYS B 286 -10.83 -16.04 14.45
CA LYS B 286 -12.03 -15.97 15.29
C LYS B 286 -11.98 -14.72 16.17
N GLU B 287 -10.84 -14.51 16.83
CA GLU B 287 -10.56 -13.24 17.53
C GLU B 287 -10.71 -12.01 16.63
N VAL B 288 -10.24 -12.07 15.39
CA VAL B 288 -10.32 -10.91 14.49
C VAL B 288 -11.76 -10.42 14.29
N HIS B 289 -12.73 -11.33 14.27
CA HIS B 289 -14.14 -10.97 14.00
C HIS B 289 -14.95 -10.43 15.20
N SER B 290 -14.37 -10.50 16.41
CA SER B 290 -14.98 -9.92 17.61
C SER B 290 -14.83 -8.40 17.62
N PRO B 291 -15.77 -7.69 18.29
CA PRO B 291 -15.64 -6.24 18.42
C PRO B 291 -14.50 -5.79 19.36
N ALA B 292 -14.04 -6.67 20.26
CA ALA B 292 -12.84 -6.42 21.07
C ALA B 292 -11.58 -6.19 20.24
N PHE B 293 -11.38 -7.00 19.21
CA PHE B 293 -10.23 -6.83 18.33
C PHE B 293 -10.36 -5.56 17.52
N LYS B 294 -11.59 -5.17 17.15
CA LYS B 294 -11.79 -3.88 16.49
C LYS B 294 -11.33 -2.74 17.41
N GLU B 295 -11.60 -2.84 18.72
CA GLU B 295 -11.13 -1.86 19.71
C GLU B 295 -9.58 -1.75 19.69
N TYR B 296 -8.90 -2.91 19.68
CA TYR B 296 -7.44 -2.98 19.55
C TYR B 296 -6.96 -2.24 18.31
N THR B 297 -7.51 -2.60 17.15
CA THR B 297 -7.17 -1.97 15.88
C THR B 297 -7.41 -0.46 15.87
N GLN B 298 -8.51 -0.02 16.50
CA GLN B 298 -8.82 1.41 16.61
C GLN B 298 -7.71 2.07 17.42
N GLN B 299 -7.37 1.44 18.54
CA GLN B 299 -6.27 1.93 19.39
C GLN B 299 -4.94 2.06 18.61
N VAL B 300 -4.67 1.14 17.68
CA VAL B 300 -3.44 1.19 16.86
C VAL B 300 -3.38 2.48 16.07
N LEU B 301 -4.49 2.85 15.43
CA LEU B 301 -4.54 4.10 14.67
C LEU B 301 -4.50 5.31 15.59
N LEU B 302 -5.16 5.23 16.75
CA LEU B 302 -5.12 6.32 17.75
C LEU B 302 -3.68 6.57 18.23
N ASN B 303 -2.91 5.50 18.46
CA ASN B 303 -1.50 5.61 18.88
C ASN B 303 -0.60 6.13 17.78
N SER B 304 -0.75 5.57 16.59
CA SER B 304 -0.02 6.06 15.44
C SER B 304 -0.23 7.56 15.19
N LYS B 305 -1.45 8.06 15.37
CA LYS B 305 -1.75 9.48 15.11
C LYS B 305 -1.03 10.35 16.11
N ALA B 306 -1.19 9.98 17.39
CA ALA B 306 -0.54 10.65 18.51
C ALA B 306 0.96 10.61 18.38
N LEU B 307 1.52 9.46 17.98
CA LEU B 307 2.97 9.33 17.86
C LEU B 307 3.47 10.22 16.75
N ALA B 308 2.70 10.29 15.67
CA ALA B 308 3.02 11.18 14.55
C ALA B 308 2.98 12.62 15.01
N LYS B 309 1.90 12.97 15.72
CA LYS B 309 1.71 14.33 16.26
C LYS B 309 2.82 14.75 17.24
N ALA B 310 3.25 13.83 18.12
CA ALA B 310 4.27 14.16 19.12
C ALA B 310 5.64 14.32 18.47
N LEU B 311 5.99 13.52 17.49
CA LEU B 311 7.26 13.68 16.76
C LEU B 311 7.35 15.00 16.00
N ILE B 312 6.25 15.40 15.36
CA ILE B 312 6.20 16.70 14.66
C ILE B 312 6.35 17.84 15.66
N SER B 313 5.67 17.74 16.80
CA SER B 313 5.83 18.72 17.88
C SER B 313 7.28 18.83 18.46
N LYS B 314 8.12 17.81 18.23
CA LYS B 314 9.57 17.88 18.53
C LYS B 314 10.41 18.09 17.28
N GLN B 315 9.85 18.70 16.24
CA GLN B 315 10.61 19.08 15.03
C GLN B 315 11.22 17.90 14.26
N ILE B 316 10.58 16.73 14.33
CA ILE B 316 11.01 15.58 13.54
C ILE B 316 10.07 15.52 12.33
N ASP B 317 10.66 15.45 11.14
CA ASP B 317 9.93 15.35 9.88
C ASP B 317 9.56 13.91 9.49
N LEU B 318 8.33 13.78 8.98
CA LEU B 318 7.72 12.53 8.60
C LEU B 318 7.40 12.54 7.09
N VAL B 319 7.50 11.37 6.46
CA VAL B 319 7.16 11.22 5.05
C VAL B 319 5.63 11.34 4.97
N THR B 320 5.19 12.16 4.03
CA THR B 320 3.80 12.60 3.90
C THR B 320 3.28 13.45 5.07
N ASN B 321 4.20 13.90 5.94
CA ASN B 321 3.86 14.69 7.13
C ASN B 321 2.79 14.11 8.02
N GLY B 322 2.78 12.78 8.14
CA GLY B 322 1.73 12.12 8.89
C GLY B 322 1.43 10.73 8.37
N THR B 323 0.36 10.18 8.91
CA THR B 323 -0.01 8.80 8.68
C THR B 323 -1.54 8.61 8.70
N ASP B 324 -2.04 7.72 7.84
CA ASP B 324 -3.44 7.30 7.89
C ASP B 324 -3.59 5.95 8.52
N ASN B 325 -2.49 5.34 8.92
CA ASN B 325 -2.50 3.96 9.39
C ASN B 325 -1.60 3.80 10.63
N HIS B 326 -1.17 2.56 10.84
CA HIS B 326 -0.29 2.10 11.92
C HIS B 326 1.22 2.45 11.85
N LEU B 327 1.67 3.05 10.75
CA LEU B 327 3.09 3.22 10.51
C LEU B 327 3.47 4.65 10.13
N ILE B 328 4.72 4.99 10.46
CA ILE B 328 5.31 6.29 10.20
C ILE B 328 6.69 6.04 9.60
N VAL B 329 7.12 6.90 8.71
CA VAL B 329 8.49 6.89 8.24
C VAL B 329 9.09 8.24 8.64
N VAL B 330 10.16 8.23 9.45
CA VAL B 330 10.85 9.46 9.86
C VAL B 330 11.94 9.78 8.85
N ASP B 331 11.95 11.00 8.36
CA ASP B 331 12.98 11.49 7.45
C ASP B 331 14.08 12.11 8.31
N LEU B 332 15.28 11.53 8.25
CA LEU B 332 16.41 11.98 9.12
C LEU B 332 17.40 12.94 8.45
N ARG B 333 17.05 13.50 7.29
CA ARG B 333 18.00 14.36 6.56
C ARG B 333 18.38 15.62 7.34
N LYS B 334 17.46 16.18 8.11
CA LYS B 334 17.74 17.41 8.86
C LYS B 334 18.76 17.26 10.00
N PHE B 335 19.02 16.02 10.42
CA PHE B 335 19.99 15.73 11.46
C PHE B 335 21.32 15.22 10.90
N SER B 336 21.44 15.09 9.58
CA SER B 336 22.64 14.57 8.92
C SER B 336 23.11 13.19 9.42
N ILE B 337 22.15 12.34 9.80
CA ILE B 337 22.41 10.96 10.18
C ILE B 337 21.63 9.97 9.32
N THR B 338 22.10 8.74 9.26
CA THR B 338 21.42 7.67 8.54
C THR B 338 20.50 6.88 9.47
N GLY B 339 19.54 6.17 8.88
CA GLY B 339 18.70 5.23 9.63
C GLY B 339 19.46 4.00 10.10
N SER B 340 20.50 3.60 9.37
CA SER B 340 21.39 2.53 9.81
C SER B 340 22.04 2.86 11.17
N LYS B 341 22.44 4.11 11.37
CA LYS B 341 22.99 4.57 12.66
C LYS B 341 21.94 4.60 13.78
N LEU B 342 20.74 5.14 13.47
CA LEU B 342 19.68 5.24 14.45
C LEU B 342 19.16 3.87 14.87
N GLN B 343 19.16 2.93 13.94
CA GLN B 343 18.79 1.55 14.27
C GLN B 343 19.75 0.90 15.30
N GLU B 344 21.06 1.09 15.13
CA GLU B 344 22.05 0.59 16.08
C GLU B 344 21.87 1.28 17.44
N THR B 345 21.85 2.62 17.41
CA THR B 345 21.58 3.41 18.63
C THR B 345 20.35 2.92 19.37
N CYS B 346 19.26 2.75 18.63
CA CYS B 346 17.99 2.30 19.23
C CYS B 346 18.09 0.85 19.74
N ASN B 347 18.78 -0.01 18.99
CA ASN B 347 19.10 -1.36 19.48
C ASN B 347 19.85 -1.31 20.83
N ALA B 348 20.82 -0.41 20.98
CA ALA B 348 21.55 -0.24 22.27
C ALA B 348 20.67 0.19 23.45
N ILE B 349 19.51 0.80 23.16
CA ILE B 349 18.57 1.21 24.22
C ILE B 349 17.31 0.34 24.34
N ASN B 350 17.30 -0.84 23.73
CA ASN B 350 16.10 -1.71 23.65
C ASN B 350 14.89 -1.08 22.92
N VAL B 351 15.18 -0.34 21.86
CA VAL B 351 14.14 0.19 21.00
C VAL B 351 14.32 -0.52 19.66
N SER B 352 13.33 -1.33 19.31
CA SER B 352 13.34 -2.07 18.04
C SER B 352 12.65 -1.28 16.92
N LEU B 353 13.39 -0.97 15.87
CA LEU B 353 12.84 -0.37 14.66
C LEU B 353 13.70 -0.78 13.46
N ASN B 354 13.32 -0.35 12.24
CA ASN B 354 14.16 -0.60 11.06
C ASN B 354 14.52 0.63 10.25
N LYS B 355 15.68 0.52 9.61
CA LYS B 355 16.09 1.47 8.59
C LYS B 355 15.19 1.35 7.37
N ASN B 356 14.96 2.48 6.71
CA ASN B 356 13.94 2.57 5.68
C ASN B 356 14.33 3.70 4.76
N THR B 357 14.13 3.50 3.47
CA THR B 357 14.35 4.55 2.50
C THR B 357 13.28 5.65 2.60
N ILE B 358 13.59 6.78 1.98
CA ILE B 358 12.69 7.91 1.76
C ILE B 358 12.75 8.23 0.25
N PRO B 359 11.84 9.08 -0.28
CA PRO B 359 11.76 9.26 -1.74
C PRO B 359 13.05 9.80 -2.37
N SER B 360 13.72 10.71 -1.69
CA SER B 360 15.02 11.22 -2.15
C SER B 360 16.20 10.22 -2.12
N ASP B 361 16.03 9.05 -1.50
CA ASP B 361 17.14 8.06 -1.47
C ASP B 361 17.40 7.48 -2.84
N VAL B 362 18.59 7.77 -3.34
CA VAL B 362 19.04 7.32 -4.66
C VAL B 362 19.55 5.86 -4.58
N ASP B 363 20.22 5.49 -3.47
CA ASP B 363 20.86 4.18 -3.31
C ASP B 363 20.62 3.62 -1.89
N CYS B 364 20.22 2.35 -1.79
CA CYS B 364 19.92 1.67 -0.49
C CYS B 364 21.12 1.40 0.42
N VAL B 365 22.32 1.78 -0.02
CA VAL B 365 23.53 1.62 0.81
C VAL B 365 23.43 2.51 2.05
N SER B 366 22.76 3.68 1.94
CA SER B 366 22.53 4.59 3.08
C SER B 366 21.07 5.10 3.11
N PRO B 367 20.15 4.35 3.76
CA PRO B 367 18.78 4.87 3.85
C PRO B 367 18.67 6.06 4.82
N SER B 368 17.86 7.04 4.45
CA SER B 368 17.79 8.30 5.19
C SER B 368 16.65 8.35 6.21
N GLY B 369 15.99 7.22 6.44
CA GLY B 369 14.94 7.20 7.43
C GLY B 369 14.86 5.94 8.24
N VAL B 370 13.94 5.96 9.19
CA VAL B 370 13.54 4.77 9.87
C VAL B 370 12.01 4.68 9.80
N ARG B 371 11.50 3.45 9.82
CA ARG B 371 10.07 3.22 9.92
C ARG B 371 9.77 2.73 11.33
N ILE B 372 8.66 3.22 11.88
CA ILE B 372 8.16 2.77 13.16
C ILE B 372 6.65 2.47 13.04
N GLY B 373 6.12 1.72 13.99
CA GLY B 373 4.70 1.43 13.99
C GLY B 373 4.22 0.98 15.34
N THR B 374 2.91 1.07 15.52
CA THR B 374 2.25 0.88 16.83
C THR B 374 1.59 -0.45 17.20
N PRO B 375 1.37 -1.39 16.26
CA PRO B 375 0.65 -2.65 16.62
C PRO B 375 1.17 -3.39 17.85
N ALA B 376 2.47 -3.64 17.87
CA ALA B 376 3.13 -4.33 18.98
C ALA B 376 2.85 -3.66 20.32
N MET B 377 3.20 -2.37 20.44
CA MET B 377 3.05 -1.64 21.69
C MET B 377 1.60 -1.45 22.09
N THR B 378 0.72 -1.38 21.08
CA THR B 378 -0.70 -1.33 21.31
C THR B 378 -1.21 -2.62 21.86
N THR B 379 -0.61 -3.75 21.45
CA THR B 379 -0.90 -5.05 22.07
C THR B 379 -0.48 -5.08 23.56
N ARG B 380 0.56 -4.35 23.92
CA ARG B 380 1.01 -4.26 25.31
C ARG B 380 0.28 -3.23 26.19
N GLY B 381 -0.74 -2.55 25.65
CA GLY B 381 -1.59 -1.69 26.45
C GLY B 381 -1.21 -0.22 26.45
N ALA B 382 -0.19 0.15 25.66
CA ALA B 382 0.17 1.55 25.51
C ALA B 382 -0.99 2.34 24.89
N LYS B 383 -1.31 3.46 25.53
CA LYS B 383 -2.38 4.34 25.13
C LYS B 383 -1.79 5.60 24.50
N GLU B 384 -2.66 6.53 24.12
CA GLU B 384 -2.23 7.79 23.45
C GLU B 384 -1.27 8.64 24.26
N LYS B 385 -1.56 8.76 25.55
CA LYS B 385 -0.68 9.42 26.53
C LYS B 385 0.72 8.82 26.63
N ASP B 386 0.83 7.51 26.35
CA ASP B 386 2.11 6.81 26.36
C ASP B 386 3.00 7.15 25.16
N MET B 387 2.42 7.73 24.11
CA MET B 387 3.15 7.99 22.87
C MET B 387 4.12 9.16 22.98
N GLU B 388 3.88 10.08 23.92
CA GLU B 388 4.82 11.21 24.16
C GLU B 388 6.18 10.70 24.67
N PHE B 389 6.16 9.71 25.55
CA PHE B 389 7.39 9.06 26.02
C PHE B 389 8.20 8.38 24.89
N ILE B 390 7.52 7.63 24.02
CA ILE B 390 8.19 6.94 22.92
C ILE B 390 8.82 7.96 21.97
N ALA B 391 8.05 9.01 21.67
CA ALA B 391 8.54 10.15 20.92
C ALA B 391 9.71 10.84 21.63
N ASP B 392 9.63 11.02 22.95
CA ASP B 392 10.81 11.57 23.68
C ASP B 392 12.03 10.62 23.61
N VAL B 393 11.80 9.32 23.81
CA VAL B 393 12.90 8.33 23.72
C VAL B 393 13.56 8.36 22.34
N LEU B 394 12.78 8.51 21.28
CA LEU B 394 13.33 8.54 19.90
C LEU B 394 14.06 9.82 19.59
N ALA B 395 13.53 10.93 20.12
CA ALA B 395 14.20 12.23 20.07
C ALA B 395 15.60 12.21 20.73
N ARG B 396 15.65 11.66 21.93
CA ARG B 396 16.90 11.52 22.68
C ARG B 396 17.87 10.63 21.91
N ALA B 397 17.36 9.57 21.28
CA ALA B 397 18.21 8.65 20.51
C ALA B 397 18.78 9.31 19.30
N ILE B 398 17.97 10.15 18.63
CA ILE B 398 18.48 10.93 17.50
C ILE B 398 19.62 11.87 17.95
N LYS B 399 19.41 12.58 19.05
CA LYS B 399 20.42 13.52 19.57
C LYS B 399 21.73 12.78 19.98
N ILE B 400 21.60 11.67 20.70
CA ILE B 400 22.77 10.85 21.05
C ILE B 400 23.51 10.40 19.79
N THR B 401 22.75 9.96 18.80
CA THR B 401 23.30 9.59 17.50
C THR B 401 24.07 10.73 16.87
N VAL B 402 23.54 11.94 16.99
CA VAL B 402 24.21 13.12 16.43
C VAL B 402 25.54 13.39 17.16
N ASP B 403 25.53 13.26 18.47
CA ASP B 403 26.72 13.40 19.32
C ASP B 403 27.77 12.35 18.96
N LEU B 404 27.34 11.09 18.91
CA LEU B 404 28.24 9.98 18.63
C LEU B 404 28.91 10.14 17.28
N GLN B 405 28.15 10.56 16.28
CA GLN B 405 28.70 10.81 14.95
C GLN B 405 29.71 11.97 14.93
N GLU B 406 29.41 13.03 15.68
CA GLU B 406 30.35 14.14 15.82
C GLU B 406 31.67 13.65 16.43
N GLN B 407 31.58 12.88 17.50
CA GLN B 407 32.78 12.39 18.19
C GLN B 407 33.59 11.38 17.36
N TYR B 408 32.92 10.37 16.81
CA TYR B 408 33.60 9.23 16.16
C TYR B 408 33.63 9.19 14.64
N GLY B 409 32.81 10.02 13.99
CA GLY B 409 32.77 10.10 12.52
C GLY B 409 31.54 9.47 11.87
N LYS B 410 31.37 9.79 10.58
CA LYS B 410 30.20 9.35 9.80
C LYS B 410 30.34 7.91 9.27
N LYS B 411 31.53 7.32 9.38
CA LYS B 411 31.77 5.94 8.98
C LYS B 411 31.07 4.99 9.98
N LEU B 412 30.38 3.97 9.47
CA LEU B 412 29.50 3.13 10.30
C LEU B 412 30.26 2.26 11.28
N VAL B 413 31.39 1.71 10.83
CA VAL B 413 32.25 0.87 11.69
C VAL B 413 32.77 1.70 12.88
N ASP B 414 33.15 2.95 12.60
CA ASP B 414 33.61 3.89 13.63
C ASP B 414 32.46 4.23 14.59
N PHE B 415 31.30 4.58 14.05
CA PHE B 415 30.12 4.93 14.85
C PHE B 415 29.79 3.90 15.94
N LYS B 416 29.94 2.62 15.62
CA LYS B 416 29.66 1.53 16.56
C LYS B 416 30.64 1.49 17.74
N LYS B 417 31.89 1.90 17.53
CA LYS B 417 32.88 1.99 18.62
C LYS B 417 32.35 2.94 19.70
N GLY B 418 31.63 3.98 19.28
CA GLY B 418 31.01 4.91 20.22
C GLY B 418 29.93 4.34 21.12
N LEU B 419 29.24 3.27 20.71
CA LEU B 419 28.03 2.81 21.42
C LEU B 419 28.24 2.09 22.79
N PRO B 420 29.17 1.11 22.86
CA PRO B 420 29.23 0.33 24.10
C PRO B 420 29.62 1.13 25.37
N GLY B 421 28.88 0.91 26.45
CA GLY B 421 29.11 1.59 27.72
C GLY B 421 28.77 3.07 27.84
N ASN B 422 28.29 3.71 26.75
CA ASN B 422 27.96 5.14 26.75
C ASN B 422 26.96 5.43 27.85
N ALA B 423 27.26 6.45 28.67
CA ALA B 423 26.55 6.68 29.92
C ALA B 423 25.10 7.10 29.69
N GLN B 424 24.87 7.97 28.70
CA GLN B 424 23.49 8.37 28.31
C GLN B 424 22.68 7.20 27.77
N LEU B 425 23.29 6.42 26.89
CA LEU B 425 22.65 5.20 26.35
C LEU B 425 22.28 4.20 27.43
N GLN B 426 23.19 3.99 28.40
CA GLN B 426 22.93 3.12 29.57
C GLN B 426 21.75 3.67 30.36
N GLN B 427 21.73 4.99 30.54
CA GLN B 427 20.65 5.67 31.26
C GLN B 427 19.31 5.56 30.51
N LEU B 428 19.36 5.72 29.19
CA LEU B 428 18.14 5.64 28.38
C LEU B 428 17.59 4.20 28.36
N LYS B 429 18.48 3.23 28.16
CA LYS B 429 18.14 1.80 28.24
C LYS B 429 17.40 1.48 29.54
N GLN B 430 17.98 1.91 30.65
CA GLN B 430 17.40 1.66 31.98
C GLN B 430 15.97 2.21 32.07
N GLU B 431 15.77 3.43 31.59
CA GLU B 431 14.42 4.02 31.43
C GLU B 431 13.51 3.20 30.51
N VAL B 432 14.04 2.78 29.36
CA VAL B 432 13.26 1.97 28.41
C VAL B 432 12.83 0.64 29.03
N VAL B 433 13.80 -0.04 29.65
CA VAL B 433 13.60 -1.33 30.32
C VAL B 433 12.53 -1.22 31.38
N THR B 434 12.63 -0.22 32.26
CA THR B 434 11.73 -0.12 33.43
C THR B 434 10.29 0.10 33.00
N TRP B 435 10.08 0.92 31.97
CA TRP B 435 8.73 1.12 31.43
C TRP B 435 8.23 -0.09 30.63
N ALA B 436 9.08 -0.65 29.76
CA ALA B 436 8.70 -1.80 28.90
C ALA B 436 8.40 -3.05 29.72
N GLY B 437 9.32 -3.40 30.62
CA GLY B 437 9.19 -4.56 31.50
C GLY B 437 7.96 -4.55 32.38
N ALA B 438 7.42 -3.36 32.64
CA ALA B 438 6.19 -3.21 33.41
C ALA B 438 4.91 -3.58 32.63
N LEU B 439 4.93 -3.45 31.30
CA LEU B 439 3.72 -3.62 30.47
C LEU B 439 3.21 -5.07 30.41
N PRO B 440 1.89 -5.27 30.23
CA PRO B 440 1.42 -6.66 30.01
C PRO B 440 2.06 -7.32 28.78
N PHE B 441 2.42 -8.60 28.95
CA PHE B 441 3.15 -9.38 27.98
C PHE B 441 2.42 -10.71 27.78
N PRO B 442 1.95 -10.99 26.54
CA PRO B 442 1.23 -12.26 26.32
C PRO B 442 2.13 -13.47 26.43
N MET C 1 6.80 78.93 -1.28
CA MET C 1 6.82 78.62 0.20
C MET C 1 6.36 77.17 0.44
N PHE C 2 6.88 76.28 -0.38
CA PHE C 2 6.58 74.85 -0.32
C PHE C 2 7.90 74.08 -0.25
N ASN C 3 7.81 72.79 0.04
CA ASN C 3 8.96 71.89 0.07
C ASN C 3 8.94 70.99 -1.16
N ASN C 4 10.01 71.02 -1.97
CA ASN C 4 10.04 70.24 -3.22
C ASN C 4 11.17 69.20 -3.38
N GLU C 5 11.93 68.96 -2.31
CA GLU C 5 12.86 67.82 -2.27
C GLU C 5 12.07 66.51 -2.49
N PRO C 6 12.70 65.47 -3.08
CA PRO C 6 11.93 64.24 -3.41
C PRO C 6 11.34 63.46 -2.21
N LEU C 7 10.46 62.52 -2.55
CA LEU C 7 9.73 61.69 -1.56
C LEU C 7 10.68 61.00 -0.58
N GLU C 8 11.71 60.39 -1.14
CA GLU C 8 12.76 59.70 -0.36
C GLU C 8 13.40 60.55 0.73
N GLN C 9 13.71 61.81 0.39
CA GLN C 9 14.25 62.75 1.37
C GLN C 9 13.17 63.30 2.31
N ILE C 10 12.10 63.88 1.76
CA ILE C 10 11.05 64.53 2.60
C ILE C 10 10.38 63.57 3.60
N ASP C 11 10.16 62.33 3.18
CA ASP C 11 9.52 61.33 4.03
C ASP C 11 10.14 59.98 3.77
N LYS C 12 11.23 59.71 4.50
CA LYS C 12 11.97 58.47 4.33
C LYS C 12 11.18 57.28 4.90
N GLU C 13 10.50 57.44 6.05
CA GLU C 13 9.69 56.37 6.68
C GLU C 13 8.62 55.78 5.72
N LEU C 14 7.85 56.67 5.08
CA LEU C 14 6.84 56.27 4.08
C LEU C 14 7.46 55.67 2.84
N HIS C 15 8.62 56.16 2.43
CA HIS C 15 9.24 55.73 1.18
C HIS C 15 9.72 54.28 1.25
N ASP C 16 10.08 53.84 2.45
CA ASP C 16 10.56 52.49 2.67
C ASP C 16 9.44 51.45 2.60
N ILE C 17 8.28 51.79 3.18
CA ILE C 17 7.10 50.92 3.08
C ILE C 17 6.69 50.78 1.60
N LEU C 18 6.64 51.90 0.89
CA LEU C 18 6.30 51.85 -0.55
C LEU C 18 7.33 51.03 -1.34
N ALA C 19 8.61 51.17 -1.00
CA ALA C 19 9.68 50.32 -1.59
C ALA C 19 9.47 48.83 -1.27
N ASP C 20 9.07 48.54 -0.03
CA ASP C 20 8.72 47.18 0.38
C ASP C 20 7.53 46.63 -0.42
N GLU C 21 6.43 47.41 -0.49
CA GLU C 21 5.25 47.06 -1.30
C GLU C 21 5.62 46.73 -2.73
N GLU C 22 6.47 47.53 -3.34
CA GLU C 22 6.89 47.24 -4.73
C GLU C 22 7.61 45.89 -4.85
N LYS C 23 8.46 45.58 -3.89
CA LYS C 23 9.20 44.32 -3.86
C LYS C 23 8.22 43.13 -3.69
N ARG C 24 7.31 43.24 -2.72
CA ARG C 24 6.28 42.23 -2.53
C ARG C 24 5.42 41.99 -3.81
N GLN C 25 5.03 43.06 -4.52
CA GLN C 25 4.20 42.91 -5.76
C GLN C 25 4.96 42.17 -6.85
N ARG C 26 6.22 42.55 -7.00
CA ARG C 26 7.15 41.92 -7.94
C ARG C 26 7.35 40.43 -7.66
N GLU C 27 7.26 40.05 -6.39
CA GLU C 27 7.60 38.70 -5.95
C GLU C 27 6.38 37.90 -5.51
N THR C 28 5.20 38.30 -5.97
CA THR C 28 3.95 37.64 -5.63
C THR C 28 3.37 37.01 -6.90
N ILE C 29 2.80 35.81 -6.74
CA ILE C 29 1.89 35.23 -7.71
C ILE C 29 0.53 35.83 -7.36
N ASN C 30 0.12 36.85 -8.10
CA ASN C 30 -1.10 37.60 -7.76
C ASN C 30 -2.31 36.97 -8.44
N LEU C 31 -3.14 36.32 -7.65
CA LEU C 31 -4.36 35.69 -8.17
C LEU C 31 -5.65 36.39 -7.70
N ILE C 32 -5.58 37.65 -7.30
CA ILE C 32 -6.80 38.38 -6.94
C ILE C 32 -7.51 38.71 -8.26
N ALA C 33 -8.73 38.24 -8.42
CA ALA C 33 -9.41 38.28 -9.73
C ALA C 33 -9.69 39.73 -10.14
N SER C 34 -9.90 40.59 -9.17
CA SER C 34 -10.15 42.03 -9.38
C SER C 34 -8.91 42.92 -9.45
N GLU C 35 -7.71 42.33 -9.44
CA GLU C 35 -6.48 43.16 -9.44
C GLU C 35 -5.82 43.08 -10.78
N ASN C 36 -5.04 44.10 -11.08
CA ASN C 36 -4.21 44.13 -12.26
C ASN C 36 -3.00 44.97 -11.94
N LEU C 37 -2.17 45.26 -12.94
CA LEU C 37 -1.03 46.14 -12.77
C LEU C 37 -1.08 47.17 -13.87
N THR C 38 -1.10 48.44 -13.48
CA THR C 38 -1.12 49.57 -14.41
C THR C 38 0.26 49.85 -14.98
N ASN C 39 0.30 50.41 -16.18
CA ASN C 39 1.56 50.80 -16.82
C ASN C 39 2.02 52.18 -16.35
N GLY C 40 3.25 52.53 -16.72
CA GLY C 40 3.84 53.83 -16.39
C GLY C 40 3.00 55.00 -16.87
N ALA C 41 2.39 54.89 -18.05
CA ALA C 41 1.59 55.97 -18.61
C ALA C 41 0.36 56.29 -17.76
N VAL C 42 -0.36 55.25 -17.36
CA VAL C 42 -1.50 55.42 -16.43
C VAL C 42 -1.08 56.03 -15.09
N ARG C 43 0.07 55.61 -14.57
CA ARG C 43 0.57 56.16 -13.31
C ARG C 43 1.13 57.59 -13.40
N GLU C 44 1.63 57.99 -14.57
CA GLU C 44 2.01 59.39 -14.83
C GLU C 44 0.79 60.35 -14.83
N CYS C 45 -0.35 59.89 -15.34
CA CYS C 45 -1.62 60.64 -15.24
C CYS C 45 -2.10 60.80 -13.80
N LEU C 46 -2.09 59.71 -13.05
CA LEU C 46 -2.50 59.74 -11.65
C LEU C 46 -1.71 60.72 -10.81
N GLY C 47 -0.43 60.93 -11.14
CA GLY C 47 0.43 61.88 -10.46
C GLY C 47 0.59 63.25 -11.12
N ASN C 48 -0.32 63.60 -12.03
CA ASN C 48 -0.19 64.81 -12.84
C ASN C 48 -0.83 65.99 -12.11
N ARG C 49 -0.28 67.18 -12.30
CA ARG C 49 -0.83 68.43 -11.72
C ARG C 49 -2.32 68.74 -12.02
N VAL C 50 -2.90 68.08 -13.00
CA VAL C 50 -4.33 68.19 -13.26
C VAL C 50 -5.26 67.93 -12.03
N SER C 51 -4.81 67.13 -11.05
CA SER C 51 -5.54 66.96 -9.77
C SER C 51 -5.61 68.24 -8.91
N ASN C 52 -4.87 69.27 -9.25
CA ASN C 52 -5.02 70.58 -8.60
C ASN C 52 -6.32 71.35 -8.90
N LYS C 53 -7.02 70.97 -9.97
CA LYS C 53 -8.15 71.76 -10.43
C LYS C 53 -9.50 71.32 -9.87
N TYR C 54 -10.24 72.28 -9.32
CA TYR C 54 -11.66 72.12 -9.00
C TYR C 54 -12.50 72.37 -10.26
N SER C 55 -13.35 71.42 -10.61
CA SER C 55 -14.13 71.53 -11.84
C SER C 55 -15.50 70.92 -11.68
N GLU C 56 -16.18 71.31 -10.61
CA GLU C 56 -17.53 70.83 -10.32
C GLU C 56 -18.48 71.19 -11.44
N GLY C 57 -19.36 70.25 -11.79
CA GLY C 57 -20.24 70.39 -12.94
C GLY C 57 -19.80 69.51 -14.11
N TYR C 58 -20.08 69.95 -15.33
CA TYR C 58 -19.83 69.15 -16.55
C TYR C 58 -19.16 70.03 -17.57
N PRO C 59 -18.60 69.46 -18.66
CA PRO C 59 -17.85 70.30 -19.61
C PRO C 59 -18.62 71.56 -20.09
N LYS C 60 -17.96 72.72 -20.06
CA LYS C 60 -18.54 74.04 -20.44
C LYS C 60 -19.39 74.72 -19.34
N LYS C 61 -19.88 73.96 -18.36
CA LYS C 61 -20.83 74.45 -17.37
C LYS C 61 -20.21 74.23 -16.00
N ARG C 62 -19.07 74.88 -15.79
CA ARG C 62 -18.25 74.71 -14.62
C ARG C 62 -18.43 75.86 -13.62
N TYR C 63 -18.46 75.50 -12.35
CA TYR C 63 -18.56 76.50 -11.31
C TYR C 63 -17.24 77.20 -10.99
N TYR C 64 -16.16 76.89 -11.71
CA TYR C 64 -14.88 77.59 -11.53
C TYR C 64 -14.26 78.03 -12.84
N GLY C 65 -13.46 79.10 -12.74
CA GLY C 65 -12.60 79.56 -13.84
C GLY C 65 -11.43 78.60 -14.06
N GLY C 66 -10.78 78.71 -15.22
CA GLY C 66 -9.58 77.98 -15.56
C GLY C 66 -9.74 76.52 -15.94
N ASN C 67 -10.90 76.15 -16.48
CA ASN C 67 -11.25 74.76 -16.79
C ASN C 67 -11.25 74.40 -18.30
N ASP C 68 -10.59 75.21 -19.11
CA ASP C 68 -10.58 75.02 -20.57
C ASP C 68 -9.97 73.66 -21.01
N PHE C 69 -8.78 73.35 -20.53
CA PHE C 69 -8.10 72.08 -20.85
C PHE C 69 -8.67 70.85 -20.10
N ILE C 70 -9.21 71.06 -18.89
CA ILE C 70 -9.93 70.00 -18.15
C ILE C 70 -11.14 69.50 -18.94
N ASP C 71 -11.90 70.43 -19.52
CA ASP C 71 -13.05 70.09 -20.37
C ASP C 71 -12.64 69.26 -21.58
N LYS C 72 -11.46 69.54 -22.14
CA LYS C 72 -10.94 68.74 -23.27
C LYS C 72 -10.65 67.29 -22.85
N ILE C 73 -9.95 67.14 -21.71
CA ILE C 73 -9.65 65.84 -21.11
C ILE C 73 -10.94 65.13 -20.77
N GLU C 74 -11.87 65.80 -20.10
CA GLU C 74 -13.14 65.11 -19.75
C GLU C 74 -13.96 64.69 -20.98
N GLU C 75 -13.94 65.48 -22.06
CA GLU C 75 -14.64 65.10 -23.34
C GLU C 75 -13.91 64.01 -24.13
N LEU C 76 -12.58 64.07 -24.15
CA LEU C 76 -11.80 62.98 -24.72
C LEU C 76 -12.04 61.62 -24.01
N CYS C 77 -12.21 61.63 -22.69
CA CYS C 77 -12.42 60.37 -21.94
C CYS C 77 -13.79 59.79 -22.24
N GLN C 78 -14.81 60.64 -22.30
CA GLN C 78 -16.15 60.22 -22.72
C GLN C 78 -16.13 59.61 -24.12
N LYS C 79 -15.49 60.32 -25.05
CA LYS C 79 -15.34 59.82 -26.44
C LYS C 79 -14.64 58.44 -26.49
N ARG C 80 -13.45 58.35 -25.88
CA ARG C 80 -12.69 57.09 -25.87
C ARG C 80 -13.43 55.95 -25.16
N ALA C 81 -14.29 56.27 -24.21
CA ALA C 81 -15.10 55.27 -23.48
C ALA C 81 -16.22 54.67 -24.31
N LEU C 82 -16.90 55.52 -25.07
CA LEU C 82 -17.99 55.07 -25.96
C LEU C 82 -17.40 54.29 -27.13
N GLU C 83 -16.28 54.77 -27.63
CA GLU C 83 -15.48 54.05 -28.62
C GLU C 83 -15.07 52.63 -28.18
N ALA C 84 -14.57 52.49 -26.95
CA ALA C 84 -14.03 51.20 -26.49
C ALA C 84 -15.11 50.14 -26.37
N PHE C 85 -16.33 50.53 -26.01
CA PHE C 85 -17.45 49.58 -25.90
C PHE C 85 -18.38 49.59 -27.12
N ASN C 86 -17.89 50.13 -28.24
CA ASN C 86 -18.53 49.93 -29.55
C ASN C 86 -19.99 50.37 -29.56
N VAL C 87 -20.21 51.58 -29.06
CA VAL C 87 -21.55 52.17 -28.93
C VAL C 87 -21.48 53.54 -29.59
N SER C 88 -22.62 53.96 -30.12
CA SER C 88 -22.74 55.24 -30.82
C SER C 88 -23.04 56.36 -29.85
N ASP C 89 -22.37 57.51 -30.03
CA ASP C 89 -22.62 58.68 -29.20
C ASP C 89 -24.06 59.26 -29.28
N GLU C 90 -24.78 58.97 -30.37
CA GLU C 90 -26.22 59.36 -30.41
C GLU C 90 -27.09 58.37 -29.62
N GLU C 91 -26.68 57.11 -29.55
CA GLU C 91 -27.43 56.08 -28.81
C GLU C 91 -27.11 55.94 -27.31
N TRP C 92 -25.84 56.16 -26.94
CA TRP C 92 -25.35 55.88 -25.58
C TRP C 92 -24.63 57.06 -24.98
N GLY C 93 -24.91 57.30 -23.70
CA GLY C 93 -24.14 58.28 -22.93
C GLY C 93 -23.28 57.66 -21.83
N VAL C 94 -22.27 58.40 -21.41
CA VAL C 94 -21.33 57.95 -20.38
C VAL C 94 -20.97 59.10 -19.43
N ASN C 95 -21.17 58.87 -18.13
CA ASN C 95 -20.53 59.67 -17.06
C ASN C 95 -19.17 59.08 -16.62
N VAL C 96 -18.14 59.93 -16.61
CA VAL C 96 -16.77 59.55 -16.29
C VAL C 96 -16.26 60.13 -14.95
N GLN C 97 -17.15 60.72 -14.18
CA GLN C 97 -16.77 61.32 -12.91
C GLN C 97 -16.80 60.41 -11.68
N PRO C 98 -17.55 59.28 -11.68
CA PRO C 98 -17.60 58.48 -10.43
C PRO C 98 -16.23 58.05 -9.89
N LEU C 99 -16.04 58.20 -8.59
CA LEU C 99 -14.72 57.99 -7.97
C LEU C 99 -14.31 56.54 -7.88
N SER C 100 -15.25 55.63 -7.79
CA SER C 100 -14.96 54.20 -7.83
C SER C 100 -16.26 53.45 -8.14
N GLY C 101 -16.14 52.12 -8.22
CA GLY C 101 -17.26 51.25 -8.52
C GLY C 101 -18.47 51.34 -7.63
N SER C 102 -18.23 51.38 -6.33
CA SER C 102 -19.31 51.38 -5.37
C SER C 102 -20.10 52.69 -5.49
N ALA C 103 -19.39 53.81 -5.66
CA ALA C 103 -20.05 55.11 -5.85
C ALA C 103 -20.93 55.14 -7.13
N ALA C 104 -20.36 54.69 -8.25
CA ALA C 104 -21.06 54.61 -9.55
C ALA C 104 -22.36 53.84 -9.47
N ASN C 105 -22.37 52.72 -8.74
CA ASN C 105 -23.56 51.88 -8.61
C ASN C 105 -24.65 52.53 -7.77
N VAL C 106 -24.26 53.12 -6.63
CA VAL C 106 -25.22 53.76 -5.74
C VAL C 106 -25.83 54.99 -6.42
N GLN C 107 -24.98 55.76 -7.09
CA GLN C 107 -25.41 56.87 -7.92
C GLN C 107 -26.37 56.44 -9.04
N ALA C 108 -25.99 55.44 -9.83
CA ALA C 108 -26.83 54.98 -10.95
C ALA C 108 -28.18 54.45 -10.48
N LEU C 109 -28.19 53.69 -9.39
CA LEU C 109 -29.42 53.16 -8.84
C LEU C 109 -30.32 54.30 -8.36
N TYR C 110 -29.71 55.28 -7.70
CA TYR C 110 -30.46 56.43 -7.23
C TYR C 110 -31.17 57.17 -8.40
N ALA C 111 -30.40 57.44 -9.46
CA ALA C 111 -30.93 58.00 -10.70
C ALA C 111 -32.21 57.27 -11.16
N LEU C 112 -32.18 55.94 -11.15
CA LEU C 112 -33.26 55.10 -11.67
C LEU C 112 -34.50 54.97 -10.77
N VAL C 113 -34.30 54.90 -9.46
CA VAL C 113 -35.35 54.52 -8.51
C VAL C 113 -35.62 55.50 -7.37
N GLY C 114 -34.64 56.33 -7.00
CA GLY C 114 -34.78 57.28 -5.91
C GLY C 114 -34.77 56.58 -4.57
N VAL C 115 -34.96 57.36 -3.50
CA VAL C 115 -35.00 56.83 -2.14
C VAL C 115 -36.29 56.02 -1.92
N LYS C 116 -36.17 54.93 -1.14
CA LYS C 116 -37.22 53.90 -0.97
C LYS C 116 -37.49 53.03 -2.21
N GLY C 117 -36.82 53.29 -3.34
CA GLY C 117 -37.06 52.56 -4.57
C GLY C 117 -36.62 51.10 -4.47
N LYS C 118 -37.22 50.27 -5.30
CA LYS C 118 -37.07 48.82 -5.23
C LYS C 118 -36.04 48.34 -6.23
N ILE C 119 -35.13 47.47 -5.79
CA ILE C 119 -34.10 46.90 -6.67
C ILE C 119 -33.96 45.40 -6.42
N MET C 120 -33.46 44.69 -7.41
CA MET C 120 -33.20 43.26 -7.27
C MET C 120 -31.79 43.03 -7.73
N GLY C 121 -31.05 42.25 -6.94
CA GLY C 121 -29.67 41.87 -7.24
C GLY C 121 -29.37 40.46 -6.78
N MET C 122 -28.27 39.90 -7.28
CA MET C 122 -27.78 38.61 -6.82
C MET C 122 -27.23 38.74 -5.42
N HIS C 123 -27.49 37.73 -4.61
CA HIS C 123 -27.01 37.68 -3.23
C HIS C 123 -25.49 37.59 -3.19
N LEU C 124 -24.89 38.17 -2.15
CA LEU C 124 -23.42 38.16 -2.00
C LEU C 124 -22.80 36.76 -2.05
N CYS C 125 -23.30 35.87 -1.19
CA CYS C 125 -22.97 34.42 -1.22
C CYS C 125 -23.03 33.69 -2.55
N SER C 126 -23.84 34.19 -3.49
CA SER C 126 -23.98 33.61 -4.82
C SER C 126 -23.11 34.26 -5.88
N GLY C 127 -22.33 35.28 -5.50
CA GLY C 127 -21.45 35.99 -6.42
C GLY C 127 -21.84 37.43 -6.67
N GLY C 128 -22.90 37.91 -6.03
CA GLY C 128 -23.30 39.30 -6.14
C GLY C 128 -22.39 40.26 -5.39
N HIS C 129 -22.43 41.53 -5.80
CA HIS C 129 -21.70 42.58 -5.11
C HIS C 129 -22.49 43.15 -3.94
N LEU C 130 -21.77 43.78 -3.03
CA LEU C 130 -22.34 44.49 -1.88
C LEU C 130 -23.32 45.55 -2.32
N THR C 131 -22.93 46.34 -3.33
CA THR C 131 -23.77 47.41 -3.88
C THR C 131 -24.97 46.97 -4.71
N HIS C 132 -25.23 45.66 -4.78
CA HIS C 132 -26.42 45.14 -5.43
C HIS C 132 -27.55 44.85 -4.43
N GLY C 133 -27.54 45.54 -3.30
CA GLY C 133 -28.62 45.43 -2.34
C GLY C 133 -28.33 44.52 -1.15
N PHE C 134 -27.07 44.18 -0.89
CA PHE C 134 -26.77 43.17 0.12
C PHE C 134 -27.20 43.53 1.54
N PHE C 135 -27.83 42.58 2.21
CA PHE C 135 -28.17 42.68 3.63
C PHE C 135 -28.25 41.32 4.30
N ASP C 136 -28.51 41.33 5.61
CA ASP C 136 -28.64 40.17 6.51
C ASP C 136 -29.95 40.32 7.30
N GLU C 137 -30.36 39.29 8.04
CA GLU C 137 -31.42 39.45 9.06
C GLU C 137 -31.05 40.56 10.07
N LYS C 138 -29.80 40.50 10.55
CA LYS C 138 -29.27 41.43 11.55
C LYS C 138 -29.12 42.89 11.08
N LYS C 139 -28.59 43.10 9.86
CA LYS C 139 -28.35 44.47 9.39
C LYS C 139 -28.37 44.67 7.89
N LYS C 140 -28.66 45.92 7.53
CA LYS C 140 -28.57 46.39 6.17
C LYS C 140 -27.12 46.76 5.92
N VAL C 141 -26.34 45.77 5.51
CA VAL C 141 -24.88 45.86 5.42
C VAL C 141 -24.44 46.92 4.40
N SER C 142 -25.07 46.91 3.23
CA SER C 142 -24.84 47.92 2.20
C SER C 142 -25.89 49.01 2.27
N ILE C 143 -25.50 50.22 1.86
CA ILE C 143 -26.45 51.35 1.74
C ILE C 143 -27.55 51.02 0.73
N THR C 144 -27.24 50.17 -0.23
CA THR C 144 -28.17 49.77 -1.28
C THR C 144 -29.30 48.89 -0.76
N SER C 145 -29.17 48.34 0.45
CA SER C 145 -30.29 47.68 1.11
C SER C 145 -31.10 48.61 2.03
N ASP C 146 -30.63 49.84 2.25
CA ASP C 146 -31.23 50.73 3.26
C ASP C 146 -31.93 51.92 2.62
N MET C 147 -31.22 52.66 1.77
CA MET C 147 -31.83 53.76 1.04
C MET C 147 -32.75 53.27 -0.08
N PHE C 148 -32.64 51.99 -0.45
CA PHE C 148 -33.52 51.33 -1.39
C PHE C 148 -34.14 50.15 -0.68
N GLU C 149 -35.25 49.64 -1.21
CA GLU C 149 -35.81 48.35 -0.78
C GLU C 149 -35.25 47.30 -1.73
N SER C 150 -34.39 46.43 -1.23
CA SER C 150 -33.71 45.45 -2.08
C SER C 150 -34.24 44.07 -1.80
N LYS C 151 -34.23 43.22 -2.83
CA LYS C 151 -34.52 41.82 -2.67
C LYS C 151 -33.38 41.07 -3.36
N LEU C 152 -33.02 39.89 -2.86
CA LEU C 152 -31.86 39.17 -3.37
C LEU C 152 -32.19 37.77 -3.89
N TYR C 153 -31.89 37.54 -5.17
CA TYR C 153 -32.02 36.20 -5.77
C TYR C 153 -30.74 35.39 -5.60
N LYS C 154 -30.92 34.11 -5.31
CA LYS C 154 -29.82 33.18 -5.13
C LYS C 154 -29.60 32.40 -6.41
N CYS C 155 -28.37 31.90 -6.58
CA CYS C 155 -28.03 30.96 -7.63
C CYS C 155 -28.45 29.61 -7.11
N ASN C 156 -28.54 28.62 -7.99
CA ASN C 156 -28.87 27.24 -7.58
C ASN C 156 -27.66 26.55 -6.94
N SER C 157 -27.89 25.34 -6.44
CA SER C 157 -26.83 24.57 -5.75
C SER C 157 -25.55 24.29 -6.59
N GLN C 158 -25.66 24.32 -7.92
CA GLN C 158 -24.49 24.17 -8.81
C GLN C 158 -23.75 25.46 -9.08
N GLY C 159 -24.30 26.60 -8.63
CA GLY C 159 -23.60 27.89 -8.73
C GLY C 159 -24.04 28.75 -9.90
N TYR C 160 -25.08 28.32 -10.61
CA TYR C 160 -25.58 28.99 -11.81
C TYR C 160 -26.76 29.87 -11.46
N VAL C 161 -26.86 31.02 -12.14
CA VAL C 161 -28.04 31.88 -12.04
C VAL C 161 -29.25 31.08 -12.51
N ASP C 162 -30.29 31.07 -11.69
CA ASP C 162 -31.56 30.40 -11.99
C ASP C 162 -32.58 31.46 -12.46
N LEU C 163 -32.65 31.64 -13.77
CA LEU C 163 -33.55 32.65 -14.39
C LEU C 163 -35.01 32.47 -13.99
N ASP C 164 -35.43 31.23 -13.77
CA ASP C 164 -36.77 30.93 -13.26
C ASP C 164 -37.03 31.57 -11.90
N ALA C 165 -36.03 31.53 -11.03
CA ALA C 165 -36.13 32.15 -9.71
C ALA C 165 -36.14 33.67 -9.82
N VAL C 166 -35.34 34.22 -10.74
CA VAL C 166 -35.33 35.67 -11.02
C VAL C 166 -36.70 36.20 -11.48
N ARG C 167 -37.35 35.47 -12.39
CA ARG C 167 -38.72 35.78 -12.85
C ARG C 167 -39.72 35.71 -11.70
N GLU C 168 -39.78 34.56 -11.02
CA GLU C 168 -40.68 34.40 -9.86
C GLU C 168 -40.58 35.58 -8.91
N MET C 169 -39.34 35.93 -8.55
CA MET C 169 -39.11 37.01 -7.58
C MET C 169 -39.53 38.35 -8.15
N ALA C 170 -39.12 38.63 -9.39
CA ALA C 170 -39.52 39.86 -10.09
C ALA C 170 -41.05 40.09 -10.20
N LEU C 171 -41.84 39.02 -10.35
CA LEU C 171 -43.32 39.15 -10.51
C LEU C 171 -44.04 39.47 -9.21
N SER C 172 -43.63 38.79 -8.13
CA SER C 172 -44.15 39.09 -6.79
C SER C 172 -43.59 40.42 -6.24
N PHE C 173 -42.27 40.61 -6.34
CA PHE C 173 -41.59 41.79 -5.75
C PHE C 173 -41.75 43.10 -6.53
N LYS C 174 -41.79 43.02 -7.87
CA LYS C 174 -42.00 44.19 -8.74
C LYS C 174 -40.97 45.30 -8.50
N PRO C 175 -39.68 45.04 -8.80
CA PRO C 175 -38.65 46.05 -8.65
C PRO C 175 -38.66 47.02 -9.81
N LYS C 176 -38.15 48.23 -9.61
CA LYS C 176 -37.85 49.11 -10.74
C LYS C 176 -36.51 48.78 -11.41
N VAL C 177 -35.62 48.06 -10.73
CA VAL C 177 -34.31 47.71 -11.31
C VAL C 177 -33.94 46.25 -11.00
N ILE C 178 -33.40 45.56 -12.00
CA ILE C 178 -32.79 44.24 -11.83
C ILE C 178 -31.32 44.36 -12.21
N ILE C 179 -30.45 44.03 -11.26
CA ILE C 179 -29.02 44.09 -11.48
C ILE C 179 -28.51 42.71 -11.86
N CYS C 180 -27.73 42.63 -12.93
CA CYS C 180 -26.93 41.45 -13.21
C CYS C 180 -25.52 41.90 -13.47
N GLY C 181 -24.59 40.96 -13.58
CA GLY C 181 -23.14 41.26 -13.65
C GLY C 181 -22.62 41.27 -12.21
N TYR C 182 -21.55 40.52 -11.96
CA TYR C 182 -21.28 40.02 -10.62
C TYR C 182 -19.81 40.15 -10.21
N THR C 183 -19.53 39.81 -8.96
CA THR C 183 -18.15 39.91 -8.42
C THR C 183 -17.38 38.60 -8.47
N SER C 184 -18.05 37.50 -8.12
CA SER C 184 -17.46 36.16 -8.07
C SER C 184 -18.26 35.14 -8.91
N TYR C 185 -18.74 35.56 -10.07
CA TYR C 185 -19.51 34.66 -10.96
C TYR C 185 -18.61 34.21 -12.10
N PRO C 186 -18.36 32.89 -12.19
CA PRO C 186 -17.42 32.33 -13.16
C PRO C 186 -18.00 32.05 -14.55
N ARG C 187 -19.28 32.32 -14.80
CA ARG C 187 -19.88 32.13 -16.13
C ARG C 187 -20.37 33.43 -16.80
N ASP C 188 -20.76 33.29 -18.07
CA ASP C 188 -21.37 34.38 -18.83
C ASP C 188 -22.85 34.52 -18.43
N ILE C 189 -23.43 35.65 -18.80
CA ILE C 189 -24.75 36.06 -18.37
C ILE C 189 -25.67 36.12 -19.60
N ASP C 190 -26.89 35.60 -19.45
CA ASP C 190 -27.89 35.72 -20.51
C ASP C 190 -28.64 37.03 -20.30
N TYR C 191 -28.10 38.10 -20.90
CA TYR C 191 -28.66 39.43 -20.76
C TYR C 191 -30.00 39.52 -21.44
N GLN C 192 -30.16 38.84 -22.59
CA GLN C 192 -31.46 38.78 -23.29
C GLN C 192 -32.56 38.29 -22.36
N GLN C 193 -32.35 37.18 -21.65
CA GLN C 193 -33.38 36.69 -20.72
C GLN C 193 -33.61 37.69 -19.61
N PHE C 194 -32.56 38.39 -19.15
CA PHE C 194 -32.76 39.47 -18.18
C PHE C 194 -33.65 40.58 -18.79
N ARG C 195 -33.33 40.99 -20.02
CA ARG C 195 -34.12 41.99 -20.80
C ARG C 195 -35.61 41.59 -20.89
N GLN C 196 -35.85 40.32 -21.18
CA GLN C 196 -37.18 39.69 -21.23
C GLN C 196 -37.91 39.75 -19.89
N ILE C 197 -37.17 39.56 -18.79
CA ILE C 197 -37.76 39.59 -17.43
C ILE C 197 -38.12 41.03 -17.05
N CYS C 198 -37.25 41.96 -17.43
CA CYS C 198 -37.45 43.37 -17.16
C CYS C 198 -38.66 43.95 -17.94
N ASP C 199 -38.77 43.64 -19.23
CA ASP C 199 -39.94 44.07 -20.06
C ASP C 199 -41.28 43.60 -19.48
N GLU C 200 -41.29 42.38 -18.93
CA GLU C 200 -42.48 41.79 -18.29
C GLU C 200 -43.01 42.72 -17.21
N VAL C 201 -42.12 43.15 -16.33
CA VAL C 201 -42.50 43.85 -15.10
C VAL C 201 -42.26 45.36 -15.21
N ASN C 202 -41.72 45.81 -16.35
CA ASN C 202 -41.38 47.23 -16.62
C ASN C 202 -40.28 47.79 -15.69
N ALA C 203 -39.26 46.96 -15.46
CA ALA C 203 -38.08 47.33 -14.68
C ALA C 203 -36.93 47.71 -15.59
N TYR C 204 -36.01 48.55 -15.11
CA TYR C 204 -34.77 48.83 -15.83
C TYR C 204 -33.81 47.63 -15.77
N LEU C 205 -33.00 47.45 -16.80
CA LEU C 205 -31.90 46.46 -16.80
C LEU C 205 -30.56 47.11 -16.46
N PHE C 206 -30.00 46.71 -15.32
CA PHE C 206 -28.71 47.20 -14.81
C PHE C 206 -27.68 46.08 -14.97
N ALA C 207 -26.68 46.29 -15.83
CA ALA C 207 -25.55 45.37 -15.98
C ALA C 207 -24.30 45.99 -15.37
N ASP C 208 -23.69 45.31 -14.39
CA ASP C 208 -22.44 45.77 -13.76
C ASP C 208 -21.39 44.85 -14.26
N ILE C 209 -20.56 45.33 -15.17
CA ILE C 209 -19.62 44.50 -15.91
C ILE C 209 -18.15 44.73 -15.49
N SER C 210 -17.96 45.30 -14.28
CA SER C 210 -16.64 45.57 -13.70
C SER C 210 -15.62 44.44 -13.86
N HIS C 211 -16.03 43.23 -13.50
CA HIS C 211 -15.18 42.04 -13.63
C HIS C 211 -14.91 41.50 -15.03
N ILE C 212 -15.80 41.78 -15.99
CA ILE C 212 -15.73 41.16 -17.31
C ILE C 212 -15.68 42.21 -18.42
N SER C 213 -15.22 43.41 -18.11
CA SER C 213 -15.36 44.57 -19.00
C SER C 213 -14.54 44.44 -20.28
N SER C 214 -13.34 43.91 -20.16
CA SER C 214 -12.43 43.77 -21.28
C SER C 214 -12.95 42.76 -22.28
N PHE C 215 -13.64 41.74 -21.77
CA PHE C 215 -14.28 40.76 -22.63
C PHE C 215 -15.37 41.44 -23.46
N VAL C 216 -16.18 42.27 -22.80
CA VAL C 216 -17.31 42.94 -23.46
C VAL C 216 -16.81 43.89 -24.55
N ALA C 217 -15.75 44.64 -24.27
CA ALA C 217 -15.14 45.54 -25.27
C ALA C 217 -14.55 44.81 -26.48
N CYS C 218 -13.92 43.68 -26.23
CA CYS C 218 -13.22 42.92 -27.27
C CYS C 218 -14.09 41.88 -27.97
N ASN C 219 -15.37 41.81 -27.59
CA ASN C 219 -16.34 40.98 -28.27
C ASN C 219 -16.17 39.47 -28.03
N ILE C 220 -15.60 39.12 -26.88
CA ILE C 220 -15.32 37.74 -26.51
C ILE C 220 -16.47 37.13 -25.72
N LEU C 221 -17.11 37.92 -24.85
CA LEU C 221 -18.28 37.45 -24.10
C LEU C 221 -19.52 38.23 -24.52
N ASN C 222 -20.69 37.84 -24.00
CA ASN C 222 -21.94 38.52 -24.34
C ASN C 222 -21.93 40.03 -24.07
N ASN C 223 -22.64 40.76 -24.93
CA ASN C 223 -22.72 42.22 -24.86
C ASN C 223 -24.01 42.63 -24.16
N PRO C 224 -23.90 43.22 -22.96
CA PRO C 224 -25.11 43.70 -22.31
C PRO C 224 -25.64 45.00 -22.90
N PHE C 225 -24.82 45.70 -23.68
CA PHE C 225 -25.23 46.95 -24.34
C PHE C 225 -26.39 46.74 -25.34
N LEU C 226 -26.54 45.53 -25.87
CA LEU C 226 -27.63 45.20 -26.77
C LEU C 226 -28.97 45.19 -26.04
N HIS C 227 -28.94 44.94 -24.73
CA HIS C 227 -30.15 44.77 -23.93
C HIS C 227 -30.30 45.75 -22.75
N ALA C 228 -29.21 46.27 -22.19
CA ALA C 228 -29.29 46.98 -20.91
C ALA C 228 -29.64 48.46 -21.01
N ASP C 229 -30.35 48.95 -20.01
CA ASP C 229 -30.59 50.38 -19.85
C ASP C 229 -29.40 51.13 -19.28
N VAL C 230 -28.73 50.50 -18.30
CA VAL C 230 -27.51 51.07 -17.70
C VAL C 230 -26.42 50.02 -17.64
N VAL C 231 -25.21 50.43 -18.00
CA VAL C 231 -24.03 49.61 -17.75
C VAL C 231 -23.05 50.39 -16.88
N THR C 232 -22.67 49.80 -15.74
CA THR C 232 -21.60 50.35 -14.87
C THR C 232 -20.35 49.50 -14.98
N THR C 233 -19.19 50.13 -14.91
CA THR C 233 -17.96 49.38 -14.83
C THR C 233 -16.88 50.20 -14.16
N THR C 234 -16.12 49.51 -13.31
CA THR C 234 -14.89 50.08 -12.77
C THR C 234 -13.85 49.99 -13.86
N THR C 235 -12.78 50.77 -13.75
CA THR C 235 -11.69 50.79 -14.74
C THR C 235 -10.38 50.10 -14.30
N HIS C 236 -10.31 49.60 -13.06
CA HIS C 236 -9.05 49.10 -12.42
C HIS C 236 -8.85 47.58 -12.44
N LYS C 237 -9.85 46.82 -12.87
CA LYS C 237 -9.75 45.38 -12.84
C LYS C 237 -9.22 44.89 -14.21
N ILE C 238 -9.96 44.01 -14.88
CA ILE C 238 -9.49 43.40 -16.12
C ILE C 238 -9.14 44.46 -17.18
N LEU C 239 -9.86 45.60 -17.14
CA LEU C 239 -9.60 46.74 -18.04
C LEU C 239 -8.26 47.39 -17.85
N ARG C 240 -7.74 47.35 -16.63
CA ARG C 240 -6.35 47.69 -16.36
C ARG C 240 -6.08 49.21 -16.33
N GLY C 241 -7.11 50.00 -16.03
CA GLY C 241 -6.96 51.45 -15.86
C GLY C 241 -6.71 51.83 -14.42
N PRO C 242 -6.93 53.10 -14.07
CA PRO C 242 -6.78 53.51 -12.68
C PRO C 242 -7.98 53.05 -11.86
N ARG C 243 -7.97 53.36 -10.58
CA ARG C 243 -9.14 53.13 -9.74
C ARG C 243 -10.19 54.23 -10.01
N SER C 244 -11.21 53.86 -10.77
CA SER C 244 -12.30 54.75 -11.16
C SER C 244 -13.44 53.94 -11.73
N ALA C 245 -14.50 54.64 -12.12
CA ALA C 245 -15.68 53.98 -12.67
C ALA C 245 -16.43 54.80 -13.72
N LEU C 246 -17.25 54.08 -14.50
CA LEU C 246 -18.01 54.61 -15.63
C LEU C 246 -19.47 54.21 -15.51
N ILE C 247 -20.38 55.17 -15.66
CA ILE C 247 -21.80 54.88 -15.84
C ILE C 247 -22.21 55.15 -17.29
N PHE C 248 -22.54 54.06 -17.99
CA PHE C 248 -23.11 54.13 -19.33
C PHE C 248 -24.64 54.14 -19.26
N PHE C 249 -25.29 54.91 -20.14
CA PHE C 249 -26.76 54.98 -20.18
C PHE C 249 -27.32 55.01 -21.62
N ASN C 250 -28.47 54.37 -21.78
CA ASN C 250 -29.12 54.22 -23.08
C ASN C 250 -30.16 55.33 -23.30
N LYS C 251 -29.78 56.37 -24.03
CA LYS C 251 -30.70 57.49 -24.34
C LYS C 251 -31.94 57.07 -25.16
N LYS C 252 -31.72 56.19 -26.14
CA LYS C 252 -32.78 55.72 -27.04
C LYS C 252 -33.93 54.99 -26.36
N ARG C 253 -33.57 54.09 -25.47
CA ARG C 253 -34.52 53.29 -24.75
C ARG C 253 -35.16 54.16 -23.65
N ASN C 254 -34.41 55.13 -23.12
CA ASN C 254 -34.89 56.01 -22.03
C ASN C 254 -34.48 57.47 -22.24
N PRO C 255 -35.24 58.20 -23.08
CA PRO C 255 -34.95 59.63 -23.22
C PRO C 255 -35.06 60.38 -21.88
N GLY C 256 -34.11 61.27 -21.63
CA GLY C 256 -34.02 61.97 -20.34
C GLY C 256 -33.14 61.29 -19.27
N ILE C 257 -32.61 60.10 -19.58
CA ILE C 257 -31.80 59.35 -18.62
C ILE C 257 -30.46 60.05 -18.40
N GLU C 258 -29.96 60.74 -19.45
CA GLU C 258 -28.72 61.52 -19.39
C GLU C 258 -28.66 62.51 -18.24
N GLN C 259 -29.76 63.26 -18.08
CA GLN C 259 -29.83 64.30 -17.05
C GLN C 259 -30.01 63.66 -15.66
N LYS C 260 -30.84 62.64 -15.55
CA LYS C 260 -30.99 61.88 -14.30
C LYS C 260 -29.64 61.35 -13.75
N ILE C 261 -28.85 60.73 -14.63
CA ILE C 261 -27.59 60.12 -14.23
C ILE C 261 -26.56 61.20 -13.94
N ASN C 262 -26.50 62.22 -14.78
CA ASN C 262 -25.54 63.29 -14.59
C ASN C 262 -25.79 64.09 -13.31
N SER C 263 -27.07 64.30 -12.96
CA SER C 263 -27.40 65.04 -11.76
C SER C 263 -27.23 64.15 -10.53
N ALA C 264 -27.40 62.84 -10.69
CA ALA C 264 -27.12 61.87 -9.64
C ALA C 264 -25.64 61.84 -9.24
N VAL C 265 -24.74 61.89 -10.21
CA VAL C 265 -23.30 61.90 -9.94
C VAL C 265 -22.91 63.24 -9.31
N PHE C 266 -23.31 64.34 -9.95
CA PHE C 266 -23.18 65.66 -9.34
C PHE C 266 -24.42 66.47 -9.65
N PRO C 267 -24.93 67.27 -8.71
CA PRO C 267 -24.51 67.47 -7.33
C PRO C 267 -25.22 66.60 -6.29
N SER C 268 -25.93 65.55 -6.71
CA SER C 268 -26.61 64.73 -5.71
C SER C 268 -25.59 64.06 -4.73
N PHE C 269 -24.51 63.47 -5.25
CA PHE C 269 -23.60 62.65 -4.46
C PHE C 269 -22.19 63.20 -4.31
N GLN C 270 -21.51 63.48 -5.43
CA GLN C 270 -20.13 63.91 -5.43
C GLN C 270 -20.06 65.43 -5.50
N GLY C 271 -18.87 65.96 -5.19
CA GLY C 271 -18.47 67.32 -5.49
C GLY C 271 -17.52 67.36 -6.69
N GLY C 272 -16.31 67.83 -6.48
CA GLY C 272 -15.34 68.00 -7.55
C GLY C 272 -14.80 66.71 -8.14
N PRO C 273 -14.75 66.60 -9.48
CA PRO C 273 -14.18 65.36 -10.04
C PRO C 273 -12.68 65.25 -9.81
N HIS C 274 -12.18 64.03 -9.84
CA HIS C 274 -10.75 63.79 -9.68
C HIS C 274 -10.13 63.68 -11.06
N ASN C 275 -9.64 64.80 -11.54
CA ASN C 275 -9.21 64.90 -12.94
C ASN C 275 -8.02 64.06 -13.33
N ASN C 276 -7.12 63.81 -12.38
CA ASN C 276 -6.01 62.85 -12.57
C ASN C 276 -6.54 61.45 -12.90
N LYS C 277 -7.62 61.03 -12.25
CA LYS C 277 -8.33 59.80 -12.61
C LYS C 277 -8.87 59.85 -14.02
N ILE C 278 -9.56 60.92 -14.35
CA ILE C 278 -10.18 61.06 -15.68
C ILE C 278 -9.12 61.01 -16.77
N ALA C 279 -8.00 61.70 -16.58
CA ALA C 279 -6.88 61.60 -17.48
C ALA C 279 -6.39 60.14 -17.58
N ALA C 280 -6.19 59.50 -16.44
CA ALA C 280 -5.74 58.11 -16.43
C ALA C 280 -6.72 57.19 -17.14
N VAL C 281 -8.02 57.38 -16.90
CA VAL C 281 -9.03 56.57 -17.59
C VAL C 281 -8.90 56.79 -19.10
N ALA C 282 -8.72 58.04 -19.53
CA ALA C 282 -8.59 58.38 -20.95
C ALA C 282 -7.48 57.58 -21.60
N CYS C 283 -6.28 57.67 -21.02
CA CYS C 283 -5.12 56.93 -21.45
C CYS C 283 -5.36 55.41 -21.64
N GLN C 284 -5.92 54.74 -20.62
CA GLN C 284 -6.11 53.30 -20.72
C GLN C 284 -7.18 52.90 -21.74
N LEU C 285 -8.22 53.71 -21.87
CA LEU C 285 -9.25 53.47 -22.89
C LEU C 285 -8.72 53.50 -24.33
N LYS C 286 -7.66 54.26 -24.60
CA LYS C 286 -7.03 54.24 -25.92
C LYS C 286 -6.42 52.88 -26.17
N GLU C 287 -5.64 52.40 -25.21
CA GLU C 287 -5.12 51.03 -25.24
C GLU C 287 -6.22 49.96 -25.37
N VAL C 288 -7.35 50.14 -24.69
CA VAL C 288 -8.43 49.14 -24.73
C VAL C 288 -8.96 48.90 -26.15
N HIS C 289 -9.01 49.94 -26.98
CA HIS C 289 -9.53 49.83 -28.35
C HIS C 289 -8.51 49.32 -29.40
N SER C 290 -7.25 49.13 -28.99
CA SER C 290 -6.23 48.53 -29.85
C SER C 290 -6.45 47.03 -30.02
N PRO C 291 -5.91 46.45 -31.12
CA PRO C 291 -5.92 44.99 -31.28
C PRO C 291 -4.93 44.25 -30.34
N ALA C 292 -3.85 44.93 -29.91
CA ALA C 292 -2.92 44.39 -28.93
C ALA C 292 -3.56 44.03 -27.58
N PHE C 293 -4.51 44.85 -27.14
CA PHE C 293 -5.21 44.63 -25.88
C PHE C 293 -6.18 43.46 -26.02
N LYS C 294 -6.82 43.33 -27.17
CA LYS C 294 -7.67 42.16 -27.44
C LYS C 294 -6.87 40.86 -27.25
N GLU C 295 -5.62 40.85 -27.72
CA GLU C 295 -4.71 39.70 -27.53
C GLU C 295 -4.48 39.40 -26.03
N TYR C 296 -4.18 40.45 -25.26
CA TYR C 296 -4.07 40.34 -23.79
C TYR C 296 -5.31 39.66 -23.21
N THR C 297 -6.47 40.20 -23.55
CA THR C 297 -7.75 39.73 -23.04
C THR C 297 -8.08 38.28 -23.45
N GLN C 298 -7.66 37.88 -24.65
CA GLN C 298 -7.79 36.50 -25.11
C GLN C 298 -6.90 35.62 -24.26
N GLN C 299 -5.67 36.07 -24.04
CA GLN C 299 -4.72 35.36 -23.17
C GLN C 299 -5.28 35.12 -21.75
N VAL C 300 -6.01 36.09 -21.22
CA VAL C 300 -6.67 35.99 -19.92
C VAL C 300 -7.62 34.81 -19.90
N LEU C 301 -8.44 34.68 -20.93
CA LEU C 301 -9.37 33.56 -21.04
C LEU C 301 -8.66 32.23 -21.28
N LEU C 302 -7.63 32.22 -22.13
CA LEU C 302 -6.85 30.99 -22.39
C LEU C 302 -6.19 30.51 -21.08
N ASN C 303 -5.67 31.45 -20.28
CA ASN C 303 -5.06 31.13 -18.98
C ASN C 303 -6.06 30.64 -17.95
N SER C 304 -7.24 31.27 -17.93
CA SER C 304 -8.29 30.85 -17.00
C SER C 304 -8.82 29.44 -17.30
N LYS C 305 -9.03 29.12 -18.58
CA LYS C 305 -9.48 27.79 -18.99
C LYS C 305 -8.47 26.74 -18.57
N ALA C 306 -7.20 27.00 -18.89
CA ALA C 306 -6.09 26.09 -18.59
C ALA C 306 -5.90 25.89 -17.09
N LEU C 307 -5.99 26.97 -16.32
CA LEU C 307 -5.86 26.90 -14.88
C LEU C 307 -6.97 26.06 -14.29
N ALA C 308 -8.17 26.25 -14.82
CA ALA C 308 -9.32 25.45 -14.40
C ALA C 308 -9.09 23.97 -14.70
N LYS C 309 -8.65 23.71 -15.93
CA LYS C 309 -8.35 22.35 -16.39
C LYS C 309 -7.26 21.66 -15.54
N ALA C 310 -6.23 22.41 -15.17
CA ALA C 310 -5.12 21.85 -14.39
C ALA C 310 -5.56 21.58 -12.95
N LEU C 311 -6.38 22.44 -12.37
CA LEU C 311 -6.91 22.20 -11.04
C LEU C 311 -7.82 20.98 -10.98
N ILE C 312 -8.68 20.82 -12.00
CA ILE C 312 -9.57 19.67 -12.07
C ILE C 312 -8.77 18.36 -12.25
N SER C 313 -7.72 18.40 -13.06
CA SER C 313 -6.80 17.27 -13.19
C SER C 313 -6.06 16.85 -11.88
N LYS C 314 -5.97 17.76 -10.91
CA LYS C 314 -5.45 17.46 -9.56
C LYS C 314 -6.57 17.26 -8.55
N GLN C 315 -7.76 16.89 -9.00
CA GLN C 315 -8.88 16.53 -8.10
C GLN C 315 -9.31 17.68 -7.19
N ILE C 316 -9.23 18.91 -7.70
CA ILE C 316 -9.76 20.07 -7.00
C ILE C 316 -11.05 20.44 -7.70
N ASP C 317 -12.12 20.58 -6.92
CA ASP C 317 -13.44 20.96 -7.39
C ASP C 317 -13.61 22.47 -7.53
N LEU C 318 -14.36 22.86 -8.57
CA LEU C 318 -14.61 24.23 -8.93
C LEU C 318 -16.12 24.44 -8.97
N VAL C 319 -16.58 25.61 -8.54
CA VAL C 319 -17.98 25.98 -8.62
C VAL C 319 -18.33 26.16 -10.10
N THR C 320 -19.44 25.52 -10.48
CA THR C 320 -19.88 25.37 -11.89
C THR C 320 -18.96 24.46 -12.73
N ASN C 321 -18.03 23.77 -12.06
CA ASN C 321 -17.04 22.89 -12.69
C ASN C 321 -16.23 23.51 -13.80
N GLY C 322 -15.98 24.80 -13.73
CA GLY C 322 -15.30 25.49 -14.82
C GLY C 322 -15.55 26.96 -14.81
N THR C 323 -15.20 27.59 -15.93
CA THR C 323 -15.26 29.02 -16.09
C THR C 323 -15.48 29.43 -17.56
N ASP C 324 -16.26 30.49 -17.78
CA ASP C 324 -16.36 31.12 -19.11
C ASP C 324 -15.55 32.37 -19.19
N ASN C 325 -14.91 32.76 -18.10
CA ASN C 325 -14.26 34.05 -18.02
C ASN C 325 -12.89 33.93 -17.33
N HIS C 326 -12.45 35.05 -16.77
CA HIS C 326 -11.17 35.23 -16.06
C HIS C 326 -11.07 34.67 -14.63
N LEU C 327 -12.17 34.19 -14.04
CA LEU C 327 -12.17 33.80 -12.64
C LEU C 327 -12.67 32.37 -12.35
N ILE C 328 -12.13 31.78 -11.28
CA ILE C 328 -12.50 30.45 -10.81
C ILE C 328 -12.81 30.55 -9.33
N VAL C 329 -13.81 29.83 -8.87
CA VAL C 329 -14.06 29.69 -7.44
C VAL C 329 -13.77 28.25 -7.05
N VAL C 330 -12.78 28.03 -6.17
CA VAL C 330 -12.43 26.67 -5.70
C VAL C 330 -13.29 26.32 -4.50
N ASP C 331 -13.98 25.18 -4.57
CA ASP C 331 -14.72 24.60 -3.44
C ASP C 331 -13.75 23.75 -2.62
N LEU C 332 -13.55 24.10 -1.34
CA LEU C 332 -12.59 23.38 -0.50
C LEU C 332 -13.21 22.36 0.46
N ARG C 333 -14.53 22.14 0.37
CA ARG C 333 -15.22 21.24 1.32
C ARG C 333 -14.61 19.84 1.39
N LYS C 334 -14.17 19.29 0.27
CA LYS C 334 -13.59 17.94 0.24
C LYS C 334 -12.29 17.80 1.05
N PHE C 335 -11.60 18.91 1.24
CA PHE C 335 -10.39 18.93 2.05
C PHE C 335 -10.62 19.31 3.51
N SER C 336 -11.85 19.65 3.88
CA SER C 336 -12.22 20.05 5.25
C SER C 336 -11.45 21.26 5.82
N ILE C 337 -11.07 22.18 4.94
CA ILE C 337 -10.43 23.44 5.32
C ILE C 337 -11.27 24.60 4.82
N THR C 338 -11.06 25.76 5.43
CA THR C 338 -11.73 26.98 5.04
C THR C 338 -10.87 27.80 4.08
N GLY C 339 -11.54 28.73 3.39
CA GLY C 339 -10.88 29.70 2.53
C GLY C 339 -10.04 30.70 3.30
N SER C 340 -10.45 31.06 4.52
CA SER C 340 -9.64 31.96 5.36
C SER C 340 -8.27 31.36 5.71
N LYS C 341 -8.24 30.05 5.95
CA LYS C 341 -6.97 29.34 6.20
C LYS C 341 -6.09 29.30 4.96
N LEU C 342 -6.69 28.98 3.81
CA LEU C 342 -5.95 28.90 2.55
C LEU C 342 -5.44 30.28 2.16
N GLN C 343 -6.23 31.32 2.43
CA GLN C 343 -5.77 32.69 2.22
C GLN C 343 -4.50 33.06 3.06
N GLU C 344 -4.47 32.65 4.34
CA GLU C 344 -3.28 32.87 5.19
C GLU C 344 -2.09 32.04 4.70
N THR C 345 -2.32 30.75 4.46
CA THR C 345 -1.28 29.88 3.91
C THR C 345 -0.67 30.47 2.65
N CYS C 346 -1.54 30.92 1.73
CA CYS C 346 -1.11 31.49 0.47
C CYS C 346 -0.40 32.85 0.65
N ASN C 347 -0.89 33.66 1.59
CA ASN C 347 -0.16 34.86 1.98
C ASN C 347 1.27 34.54 2.48
N ALA C 348 1.45 33.44 3.20
CA ALA C 348 2.81 33.05 3.68
C ALA C 348 3.78 32.62 2.57
N ILE C 349 3.25 32.25 1.38
CA ILE C 349 4.09 31.88 0.24
C ILE C 349 4.09 32.89 -0.91
N ASN C 350 3.72 34.14 -0.62
CA ASN C 350 3.52 35.17 -1.67
C ASN C 350 2.52 34.76 -2.78
N VAL C 351 1.41 34.14 -2.36
CA VAL C 351 0.31 33.87 -3.30
C VAL C 351 -0.90 34.69 -2.83
N SER C 352 -1.26 35.67 -3.67
CA SER C 352 -2.39 36.54 -3.38
C SER C 352 -3.71 35.99 -3.92
N LEU C 353 -4.64 35.71 -3.03
CA LEU C 353 -6.00 35.37 -3.44
C LEU C 353 -6.98 35.80 -2.34
N ASN C 354 -8.28 35.61 -2.54
CA ASN C 354 -9.24 35.88 -1.48
C ASN C 354 -10.15 34.71 -1.17
N LYS C 355 -10.55 34.65 0.10
CA LYS C 355 -11.61 33.80 0.56
C LYS C 355 -12.93 34.21 -0.09
N ASN C 356 -13.76 33.21 -0.34
CA ASN C 356 -14.97 33.43 -1.13
C ASN C 356 -16.01 32.42 -0.78
N THR C 357 -17.25 32.85 -0.70
CA THR C 357 -18.36 31.94 -0.50
C THR C 357 -18.54 30.98 -1.67
N ILE C 358 -19.33 29.94 -1.40
CA ILE C 358 -19.82 28.97 -2.38
C ILE C 358 -21.33 28.81 -2.06
N PRO C 359 -22.11 28.19 -2.97
CA PRO C 359 -23.59 28.15 -2.81
C PRO C 359 -24.08 27.51 -1.52
N SER C 360 -23.41 26.45 -1.06
CA SER C 360 -23.75 25.78 0.20
C SER C 360 -23.39 26.54 1.50
N ASP C 361 -22.63 27.65 1.40
CA ASP C 361 -22.27 28.41 2.60
C ASP C 361 -23.46 29.17 3.17
N VAL C 362 -23.74 28.91 4.45
CA VAL C 362 -24.79 29.59 5.21
C VAL C 362 -24.22 30.81 5.97
N ASP C 363 -22.90 30.82 6.22
CA ASP C 363 -22.23 31.89 6.95
C ASP C 363 -21.01 32.42 6.20
N CYS C 364 -20.89 33.74 6.15
CA CYS C 364 -19.65 34.41 5.71
C CYS C 364 -18.57 34.41 6.79
N VAL C 365 -18.88 33.86 7.97
CA VAL C 365 -17.89 33.71 9.05
C VAL C 365 -16.84 32.66 8.68
N SER C 366 -17.27 31.61 7.98
CA SER C 366 -16.39 30.52 7.55
C SER C 366 -16.61 30.15 6.07
N PRO C 367 -16.15 31.00 5.13
CA PRO C 367 -16.35 30.66 3.72
C PRO C 367 -15.59 29.40 3.29
N SER C 368 -16.20 28.64 2.39
CA SER C 368 -15.73 27.31 2.04
C SER C 368 -14.92 27.32 0.73
N GLY C 369 -14.66 28.50 0.17
CA GLY C 369 -13.89 28.56 -1.06
C GLY C 369 -12.92 29.70 -1.11
N VAL C 370 -12.12 29.71 -2.16
CA VAL C 370 -11.34 30.86 -2.54
C VAL C 370 -11.61 31.18 -4.01
N ARG C 371 -11.50 32.45 -4.37
CA ARG C 371 -11.64 32.87 -5.73
C ARG C 371 -10.24 33.22 -6.23
N ILE C 372 -9.96 32.84 -7.48
CA ILE C 372 -8.71 33.16 -8.15
C ILE C 372 -8.97 33.71 -9.57
N GLY C 373 -7.99 34.39 -10.13
CA GLY C 373 -8.15 34.91 -11.49
C GLY C 373 -6.85 35.24 -12.18
N THR C 374 -6.90 35.28 -13.51
CA THR C 374 -5.74 35.43 -14.37
C THR C 374 -5.32 36.80 -14.89
N PRO C 375 -6.16 37.87 -14.75
CA PRO C 375 -5.74 39.16 -15.33
C PRO C 375 -4.34 39.65 -14.91
N ALA C 376 -4.09 39.66 -13.61
CA ALA C 376 -2.82 40.13 -13.06
C ALA C 376 -1.63 39.36 -13.68
N MET C 377 -1.69 38.03 -13.59
CA MET C 377 -0.60 37.18 -14.05
C MET C 377 -0.50 37.14 -15.56
N THR C 378 -1.65 37.27 -16.23
CA THR C 378 -1.66 37.39 -17.67
C THR C 378 -0.93 38.65 -18.07
N THR C 379 -1.13 39.73 -17.31
CA THR C 379 -0.42 41.01 -17.56
C THR C 379 1.11 40.87 -17.44
N ARG C 380 1.56 39.98 -16.56
CA ARG C 380 2.99 39.75 -16.38
C ARG C 380 3.64 38.77 -17.36
N GLY C 381 2.86 38.20 -18.29
CA GLY C 381 3.40 37.37 -19.36
C GLY C 381 3.26 35.88 -19.15
N ALA C 382 2.49 35.46 -18.14
CA ALA C 382 2.23 34.04 -17.92
C ALA C 382 1.34 33.49 -19.05
N LYS C 383 1.73 32.33 -19.59
CA LYS C 383 1.07 31.69 -20.69
C LYS C 383 0.37 30.43 -20.18
N GLU C 384 -0.28 29.70 -21.08
CA GLU C 384 -1.08 28.51 -20.71
C GLU C 384 -0.29 27.42 -19.98
N LYS C 385 0.90 27.15 -20.51
CA LYS C 385 1.86 26.22 -19.91
C LYS C 385 2.24 26.58 -18.47
N ASP C 386 2.29 27.89 -18.18
CA ASP C 386 2.60 28.40 -16.84
C ASP C 386 1.52 28.12 -15.80
N MET C 387 0.29 27.81 -16.24
CA MET C 387 -0.84 27.58 -15.33
C MET C 387 -0.74 26.27 -14.56
N GLU C 388 -0.03 25.27 -15.12
CA GLU C 388 0.23 24.01 -14.38
C GLU C 388 1.06 24.28 -13.10
N PHE C 389 2.06 25.15 -13.20
CA PHE C 389 2.83 25.59 -12.03
C PHE C 389 1.97 26.26 -10.94
N ILE C 390 1.09 27.17 -11.34
CA ILE C 390 0.22 27.91 -10.39
C ILE C 390 -0.69 26.91 -9.70
N ALA C 391 -1.26 26.04 -10.51
CA ALA C 391 -2.07 24.92 -10.04
C ALA C 391 -1.31 23.98 -9.09
N ASP C 392 -0.06 23.64 -9.42
CA ASP C 392 0.75 22.81 -8.48
C ASP C 392 0.99 23.54 -7.14
N VAL C 393 1.38 24.81 -7.22
CA VAL C 393 1.59 25.65 -6.03
C VAL C 393 0.34 25.72 -5.17
N LEU C 394 -0.82 25.86 -5.81
CA LEU C 394 -2.10 25.92 -5.05
C LEU C 394 -2.48 24.59 -4.43
N ALA C 395 -2.18 23.50 -5.13
CA ALA C 395 -2.37 22.16 -4.61
C ALA C 395 -1.49 21.92 -3.38
N ARG C 396 -0.21 22.28 -3.51
CA ARG C 396 0.74 22.15 -2.41
C ARG C 396 0.29 22.97 -1.20
N ALA C 397 -0.29 24.15 -1.43
CA ALA C 397 -0.78 25.00 -0.34
C ALA C 397 -1.98 24.44 0.35
N ILE C 398 -2.84 23.78 -0.41
CA ILE C 398 -3.99 23.09 0.19
C ILE C 398 -3.54 21.94 1.09
N LYS C 399 -2.59 21.15 0.60
CA LYS C 399 -2.05 20.01 1.36
C LYS C 399 -1.36 20.49 2.67
N ILE C 400 -0.53 21.52 2.54
CA ILE C 400 0.15 22.10 3.71
C ILE C 400 -0.88 22.64 4.70
N THR C 401 -1.95 23.25 4.18
CA THR C 401 -3.06 23.71 4.99
C THR C 401 -3.72 22.56 5.70
N VAL C 402 -3.85 21.41 5.02
CA VAL C 402 -4.44 20.22 5.66
C VAL C 402 -3.55 19.70 6.80
N ASP C 403 -2.26 19.66 6.55
CA ASP C 403 -1.24 19.24 7.54
C ASP C 403 -1.27 20.13 8.75
N LEU C 404 -1.23 21.44 8.52
CA LEU C 404 -1.17 22.43 9.61
C LEU C 404 -2.41 22.39 10.48
N GLN C 405 -3.57 22.23 9.86
CA GLN C 405 -4.82 22.07 10.60
C GLN C 405 -4.82 20.81 11.47
N GLU C 406 -4.31 19.71 10.89
CA GLU C 406 -4.13 18.44 11.61
C GLU C 406 -3.29 18.63 12.88
N GLN C 407 -2.15 19.31 12.74
CA GLN C 407 -1.21 19.50 13.84
C GLN C 407 -1.71 20.47 14.92
N TYR C 408 -2.21 21.62 14.50
CA TYR C 408 -2.53 22.73 15.41
C TYR C 408 -4.00 22.96 15.76
N GLY C 409 -4.92 22.40 14.98
CA GLY C 409 -6.37 22.53 15.24
C GLY C 409 -7.12 23.36 14.21
N LYS C 410 -8.45 23.24 14.23
CA LYS C 410 -9.33 23.91 13.25
C LYS C 410 -9.64 25.37 13.60
N LYS C 411 -9.21 25.82 14.78
CA LYS C 411 -9.39 27.21 15.22
C LYS C 411 -8.42 28.10 14.43
N LEU C 412 -8.93 29.17 13.85
CA LEU C 412 -8.13 30.07 12.99
C LEU C 412 -6.96 30.71 13.76
N VAL C 413 -7.22 31.09 15.00
CA VAL C 413 -6.15 31.64 15.88
C VAL C 413 -5.04 30.57 16.12
N ASP C 414 -5.45 29.32 16.35
CA ASP C 414 -4.51 28.20 16.52
C ASP C 414 -3.74 27.89 15.22
N PHE C 415 -4.47 27.77 14.12
CA PHE C 415 -3.91 27.47 12.80
C PHE C 415 -2.74 28.39 12.40
N LYS C 416 -2.87 29.68 12.73
CA LYS C 416 -1.84 30.68 12.43
C LYS C 416 -0.50 30.44 13.13
N LYS C 417 -0.50 29.83 14.32
CA LYS C 417 0.76 29.51 15.04
C LYS C 417 1.60 28.50 14.24
N GLY C 418 0.92 27.66 13.46
CA GLY C 418 1.60 26.76 12.54
C GLY C 418 2.38 27.44 11.42
N LEU C 419 1.92 28.62 10.97
CA LEU C 419 2.50 29.24 9.75
C LEU C 419 3.96 29.73 9.88
N PRO C 420 4.27 30.53 10.92
CA PRO C 420 5.62 31.06 10.96
C PRO C 420 6.70 29.97 11.07
N GLY C 421 7.75 30.13 10.27
CA GLY C 421 8.91 29.24 10.31
C GLY C 421 8.80 27.90 9.57
N ASN C 422 7.58 27.50 9.19
CA ASN C 422 7.35 26.18 8.57
C ASN C 422 8.28 25.97 7.38
N ALA C 423 8.94 24.81 7.38
CA ALA C 423 9.99 24.49 6.42
C ALA C 423 9.49 24.44 4.97
N GLN C 424 8.38 23.74 4.77
CA GLN C 424 7.77 23.58 3.43
C GLN C 424 7.26 24.91 2.86
N LEU C 425 6.55 25.67 3.70
CA LEU C 425 6.10 27.03 3.33
C LEU C 425 7.27 27.93 2.90
N GLN C 426 8.39 27.85 3.63
CA GLN C 426 9.62 28.60 3.29
C GLN C 426 10.21 28.15 1.96
N GLN C 427 10.20 26.85 1.71
CA GLN C 427 10.65 26.30 0.44
C GLN C 427 9.68 26.65 -0.72
N LEU C 428 8.38 26.65 -0.44
CA LEU C 428 7.39 27.00 -1.47
C LEU C 428 7.46 28.50 -1.82
N LYS C 429 7.59 29.34 -0.81
CA LYS C 429 7.85 30.78 -0.99
C LYS C 429 9.03 31.09 -1.92
N GLN C 430 10.16 30.43 -1.65
CA GLN C 430 11.38 30.65 -2.42
C GLN C 430 11.13 30.32 -3.89
N GLU C 431 10.41 29.23 -4.15
CA GLU C 431 9.98 28.89 -5.52
C GLU C 431 9.04 29.95 -6.11
N VAL C 432 8.07 30.40 -5.31
CA VAL C 432 7.14 31.44 -5.75
C VAL C 432 7.88 32.73 -6.12
N VAL C 433 8.69 33.21 -5.18
CA VAL C 433 9.53 34.40 -5.38
C VAL C 433 10.34 34.25 -6.67
N THR C 434 11.02 33.11 -6.83
CA THR C 434 11.99 32.91 -7.91
C THR C 434 11.32 32.93 -9.29
N TRP C 435 10.12 32.39 -9.41
CA TRP C 435 9.37 32.48 -10.68
C TRP C 435 8.70 33.85 -10.85
N ALA C 436 8.11 34.39 -9.77
CA ALA C 436 7.39 35.68 -9.84
C ALA C 436 8.35 36.84 -10.12
N GLY C 437 9.43 36.89 -9.35
CA GLY C 437 10.46 37.93 -9.47
C GLY C 437 11.12 38.03 -10.84
N ALA C 438 11.10 36.93 -11.60
CA ALA C 438 11.62 36.91 -12.97
C ALA C 438 10.70 37.56 -14.03
N LEU C 439 9.39 37.53 -13.81
CA LEU C 439 8.42 37.98 -14.84
C LEU C 439 8.51 39.50 -15.11
N PRO C 440 8.19 39.93 -16.36
CA PRO C 440 8.07 41.38 -16.61
C PRO C 440 7.08 42.09 -15.66
N PHE C 441 7.46 43.29 -15.21
CA PHE C 441 6.75 44.04 -14.19
C PHE C 441 6.62 45.50 -14.65
N PRO C 442 5.40 45.96 -14.95
CA PRO C 442 5.24 47.37 -15.34
C PRO C 442 5.52 48.31 -14.16
#